data_6DHI
#
_entry.id   6DHI
#
_cell.length_a   71.360
_cell.length_b   147.687
_cell.length_c   183.334
_cell.angle_alpha   90.00
_cell.angle_beta   90.00
_cell.angle_gamma   90.00
#
_symmetry.space_group_name_H-M   'P 21 21 21'
#
loop_
_entity.id
_entity.type
_entity.pdbx_description
1 polymer 'Asparaginyl endopeptidase'
2 water water
#
_entity_poly.entity_id   1
_entity_poly.type   'polypeptide(L)'
_entity_poly.pdbx_seq_one_letter_code
;MRGSHHHHHHGSIRDDFLRLPSQASKFFQADDNVEGTRWAVLVAGSKGYVNYRHQADVCHAYQILKKGGLKDENIIVFMY
DDIAYNESNPHPGVIINHPYGSDVYKGVPKDYVGEDINPPNFYAVLLANKSALTGTGSGKVLDSGPNDHVFIYYT(SNN)
HGGAGVLGMPSKPYIAASDLNDVLKKKHASGTYKSIVFYVESCESGSMFDGLLPEDHNIYVMGASDTGESSWVTYCPLQH
PSPPPEYDVCVGDLFSVAWLEDCDVHNLQTETFQQQYEVVKNKTIVALIEDGTHVVQYGDVGLSKQTLFVYMGTDPANDN
NTFTDKNSLGTPRKAVSQRDADLIHYWEKYRRAPEGSSRKAEAKKQLREVMAHRMHIDNSVKHIGKLLFGIEKGHKMLNN
VRPAGLPVVDDWDCFKTLIRTFETHCGSLSEYGMKHMRSFANLCNAGIRKEQMAEASAQACVSIPDNPWSSLHAGFS
;
_entity_poly.pdbx_strand_id   A,B,C,D
#
# COMPACT_ATOMS: atom_id res chain seq x y z
N GLY A 36 -4.02 -6.91 51.78
CA GLY A 36 -2.85 -6.10 51.33
C GLY A 36 -2.92 -5.61 49.89
N THR A 37 -2.05 -4.64 49.58
CA THR A 37 -2.02 -3.96 48.28
C THR A 37 -1.29 -4.73 47.18
N ARG A 38 -1.56 -4.35 45.92
CA ARG A 38 -0.93 -4.99 44.77
C ARG A 38 -0.04 -3.99 44.05
N TRP A 39 1.24 -4.29 43.95
CA TRP A 39 2.20 -3.39 43.28
C TRP A 39 2.66 -3.97 41.97
N ALA A 40 3.27 -3.10 41.16
CA ALA A 40 3.89 -3.49 39.91
C ALA A 40 5.09 -2.59 39.60
N VAL A 41 6.14 -3.20 39.06
CA VAL A 41 7.31 -2.49 38.59
C VAL A 41 7.48 -2.87 37.11
N LEU A 42 7.49 -1.88 36.23
CA LEU A 42 7.55 -2.14 34.80
C LEU A 42 8.79 -1.48 34.24
N VAL A 43 9.61 -2.25 33.52
CA VAL A 43 10.94 -1.78 33.06
C VAL A 43 11.19 -2.05 31.59
N ALA A 44 11.45 -0.96 30.87
CA ALA A 44 11.84 -1.02 29.48
C ALA A 44 13.30 -0.65 29.43
N GLY A 45 14.14 -1.67 29.32
CA GLY A 45 15.60 -1.53 29.38
C GLY A 45 16.31 -0.97 28.14
N SER A 46 15.58 -0.46 27.17
CA SER A 46 16.17 -0.01 25.92
C SER A 46 15.74 1.43 25.59
N LYS A 47 16.53 2.04 24.71
CA LYS A 47 16.19 3.32 24.10
C LYS A 47 16.42 3.31 22.58
N GLY A 48 15.98 4.38 21.93
CA GLY A 48 16.00 4.50 20.48
C GLY A 48 14.71 4.02 19.82
N TYR A 49 14.35 4.64 18.69
CA TYR A 49 13.14 4.28 17.93
C TYR A 49 13.12 2.81 17.49
N VAL A 50 14.30 2.28 17.18
CA VAL A 50 14.50 0.86 16.84
C VAL A 50 13.79 -0.08 17.81
N ASN A 51 13.95 0.24 19.10
CA ASN A 51 13.43 -0.57 20.21
C ASN A 51 12.07 -0.10 20.74
N TYR A 52 11.25 0.44 19.83
CA TYR A 52 9.83 0.82 20.04
C TYR A 52 9.08 -0.26 20.79
N ARG A 53 9.29 -1.49 20.34
CA ARG A 53 8.64 -2.68 20.90
C ARG A 53 8.72 -2.84 22.40
N HIS A 54 9.86 -2.52 23.00
CA HIS A 54 10.04 -2.73 24.44
C HIS A 54 9.18 -1.76 25.28
N GLN A 55 9.19 -0.48 24.92
CA GLN A 55 8.35 0.51 25.60
C GLN A 55 6.88 0.21 25.35
N ALA A 56 6.54 -0.11 24.10
CA ALA A 56 5.17 -0.46 23.73
C ALA A 56 4.62 -1.62 24.54
N ASP A 57 5.49 -2.56 24.91
CA ASP A 57 5.09 -3.66 25.78
C ASP A 57 4.77 -3.17 27.18
N VAL A 58 5.65 -2.32 27.72
CA VAL A 58 5.46 -1.72 29.05
C VAL A 58 4.20 -0.86 29.11
N CYS A 59 3.93 -0.08 28.08
CA CYS A 59 2.70 0.67 28.00
C CYS A 59 1.48 -0.26 28.05
N HIS A 60 1.50 -1.30 27.22
CA HIS A 60 0.44 -2.32 27.20
C HIS A 60 0.24 -2.92 28.60
N ALA A 61 1.34 -3.28 29.25
CA ALA A 61 1.30 -3.86 30.58
C ALA A 61 0.62 -2.94 31.58
N TYR A 62 0.93 -1.65 31.54
CA TYR A 62 0.25 -0.70 32.42
C TYR A 62 -1.26 -0.63 32.16
N GLN A 63 -1.67 -0.69 30.89
CA GLN A 63 -3.10 -0.63 30.54
C GLN A 63 -3.88 -1.79 31.14
N ILE A 64 -3.33 -3.00 31.03
CA ILE A 64 -3.90 -4.21 31.65
C ILE A 64 -4.09 -4.08 33.16
N LEU A 65 -3.05 -3.60 33.84
CA LEU A 65 -3.09 -3.43 35.29
C LEU A 65 -4.09 -2.34 35.69
N LYS A 66 -4.12 -1.23 34.95
CA LYS A 66 -5.06 -0.13 35.23
C LYS A 66 -6.51 -0.61 35.13
N LYS A 67 -6.83 -1.27 34.01
CA LYS A 67 -8.13 -1.94 33.82
C LYS A 67 -8.44 -2.90 34.95
N GLY A 68 -7.44 -3.68 35.33
CA GLY A 68 -7.51 -4.61 36.43
C GLY A 68 -7.83 -4.05 37.80
N GLY A 69 -7.51 -2.79 38.04
CA GLY A 69 -7.88 -2.13 39.28
C GLY A 69 -6.73 -1.65 40.15
N LEU A 70 -5.50 -1.93 39.75
CA LEU A 70 -4.32 -1.43 40.47
C LEU A 70 -4.23 0.08 40.41
N LYS A 71 -3.75 0.68 41.50
CA LYS A 71 -3.65 2.15 41.62
C LYS A 71 -2.33 2.64 41.03
N ASP A 72 -2.38 3.74 40.27
CA ASP A 72 -1.17 4.37 39.72
C ASP A 72 -0.07 4.50 40.77
N GLU A 73 -0.45 4.94 41.97
CA GLU A 73 0.51 5.07 43.10
C GLU A 73 1.33 3.78 43.41
N ASN A 74 0.81 2.60 43.08
CA ASN A 74 1.53 1.32 43.23
C ASN A 74 2.08 0.71 41.95
N ILE A 75 2.13 1.50 40.88
CA ILE A 75 2.68 1.04 39.62
C ILE A 75 3.82 1.96 39.26
N ILE A 76 5.04 1.42 39.31
CA ILE A 76 6.24 2.19 39.03
C ILE A 76 6.69 1.87 37.63
N VAL A 77 6.77 2.90 36.79
CA VAL A 77 7.09 2.74 35.39
C VAL A 77 8.48 3.30 35.07
N PHE A 78 9.34 2.42 34.58
CA PHE A 78 10.65 2.77 34.03
C PHE A 78 10.54 2.66 32.49
N MET A 79 10.50 3.80 31.78
CA MET A 79 10.51 3.81 30.31
C MET A 79 11.25 5.07 29.83
N TYR A 80 12.17 4.91 28.87
CA TYR A 80 12.89 6.06 28.30
C TYR A 80 11.89 6.78 27.40
N ASP A 81 11.50 8.00 27.73
CA ASP A 81 10.38 8.60 27.01
C ASP A 81 10.82 9.19 25.66
N ASP A 82 11.07 8.33 24.68
CA ASP A 82 11.63 8.74 23.39
C ASP A 82 11.00 8.07 22.18
N ILE A 83 9.83 7.49 22.35
CA ILE A 83 9.11 6.82 21.28
C ILE A 83 7.83 7.58 20.92
N ALA A 84 7.04 7.93 21.93
CA ALA A 84 5.83 8.72 21.72
C ALA A 84 6.03 9.92 20.80
N TYR A 85 7.05 10.73 21.08
CA TYR A 85 7.32 11.94 20.29
C TYR A 85 8.68 11.85 19.61
N ASN A 86 8.95 10.72 18.97
CA ASN A 86 10.13 10.59 18.14
C ASN A 86 9.88 11.17 16.75
N GLU A 87 10.94 11.70 16.12
CA GLU A 87 10.80 12.22 14.76
C GLU A 87 10.43 11.14 13.74
N SER A 88 10.83 9.88 13.99
CA SER A 88 10.51 8.76 13.11
C SER A 88 9.13 8.17 13.33
N ASN A 89 8.44 8.56 14.41
CA ASN A 89 7.06 8.09 14.69
C ASN A 89 6.09 8.69 13.66
N PRO A 90 5.34 7.83 12.95
CA PRO A 90 4.29 8.37 12.07
C PRO A 90 3.10 9.01 12.79
N HIS A 91 2.81 8.56 14.01
CA HIS A 91 1.67 9.03 14.76
C HIS A 91 2.11 9.55 16.13
N PRO A 92 2.65 10.78 16.17
CA PRO A 92 3.06 11.43 17.41
C PRO A 92 2.02 11.29 18.49
N GLY A 93 2.47 10.86 19.67
CA GLY A 93 1.59 10.72 20.83
C GLY A 93 0.95 9.37 21.00
N VAL A 94 1.10 8.49 20.01
CA VAL A 94 0.52 7.16 20.11
C VAL A 94 1.58 6.09 19.91
N ILE A 95 1.47 5.07 20.77
CA ILE A 95 2.24 3.86 20.70
C ILE A 95 1.25 2.70 20.64
N ILE A 96 1.54 1.73 19.77
CA ILE A 96 0.71 0.56 19.58
C ILE A 96 1.54 -0.69 19.82
N ASN A 97 0.89 -1.76 20.29
CA ASN A 97 1.55 -3.05 20.55
C ASN A 97 0.91 -4.21 19.78
N HIS A 98 0.27 -3.88 18.66
CA HIS A 98 -0.51 -4.84 17.88
C HIS A 98 -0.77 -4.23 16.51
N PRO A 99 -0.73 -5.03 15.44
CA PRO A 99 -1.02 -4.50 14.09
C PRO A 99 -2.35 -3.78 14.00
N TYR A 100 -3.40 -4.41 14.52
CA TYR A 100 -4.74 -3.81 14.58
C TYR A 100 -5.04 -3.28 15.98
N GLY A 101 -4.02 -2.71 16.62
CA GLY A 101 -4.17 -2.16 17.95
C GLY A 101 -4.48 -0.68 17.88
N SER A 102 -4.92 -0.17 19.02
CA SER A 102 -5.05 1.26 19.23
C SER A 102 -3.99 1.65 20.24
N ASP A 103 -3.99 2.94 20.61
CA ASP A 103 -2.98 3.52 21.50
C ASP A 103 -2.94 2.82 22.86
N VAL A 104 -1.73 2.71 23.40
CA VAL A 104 -1.48 2.26 24.77
C VAL A 104 -0.65 3.24 25.60
N TYR A 105 -0.18 4.34 25.01
CA TYR A 105 0.72 5.30 25.66
C TYR A 105 0.04 6.26 26.60
N LYS A 106 -1.18 6.66 26.27
CA LYS A 106 -1.89 7.70 27.02
C LYS A 106 -2.15 7.26 28.44
N GLY A 107 -1.79 8.12 29.39
CA GLY A 107 -2.08 7.88 30.81
C GLY A 107 -1.10 6.98 31.55
N VAL A 108 -0.06 6.52 30.86
CA VAL A 108 0.98 5.69 31.48
C VAL A 108 1.89 6.62 32.28
N PRO A 109 2.11 6.32 33.57
CA PRO A 109 3.00 7.17 34.38
C PRO A 109 4.43 7.17 33.89
N LYS A 110 5.15 8.18 34.32
CA LYS A 110 6.53 8.40 33.92
C LYS A 110 7.34 8.63 35.18
N ASP A 111 7.61 7.57 35.91
CA ASP A 111 8.28 7.70 37.19
C ASP A 111 9.76 7.93 36.99
N TYR A 112 10.36 7.10 36.14
CA TYR A 112 11.79 7.14 35.80
C TYR A 112 11.94 7.09 34.28
N VAL A 113 12.40 8.20 33.72
CA VAL A 113 12.53 8.36 32.28
C VAL A 113 13.93 8.82 31.99
N GLY A 114 14.29 8.81 30.71
CA GLY A 114 15.60 9.29 30.27
C GLY A 114 16.75 8.55 30.91
N GLU A 115 17.83 9.26 31.23
CA GLU A 115 19.03 8.67 31.81
C GLU A 115 18.86 8.11 33.22
N ASP A 116 17.78 8.48 33.90
CA ASP A 116 17.52 8.00 35.27
C ASP A 116 17.23 6.51 35.36
N ILE A 117 16.98 5.86 34.22
CA ILE A 117 16.80 4.41 34.17
C ILE A 117 18.19 3.75 34.15
N ASN A 118 18.70 3.56 35.38
CA ASN A 118 19.97 2.90 35.68
C ASN A 118 19.74 1.89 36.84
N PRO A 119 20.59 0.84 36.94
CA PRO A 119 20.38 -0.23 37.92
C PRO A 119 20.29 0.27 39.36
N PRO A 120 21.16 1.23 39.75
CA PRO A 120 21.03 1.81 41.10
C PRO A 120 19.64 2.34 41.42
N ASN A 121 19.05 3.12 40.53
CA ASN A 121 17.69 3.60 40.75
C ASN A 121 16.70 2.42 40.81
N PHE A 122 16.84 1.48 39.88
CA PHE A 122 15.99 0.29 39.88
C PHE A 122 16.12 -0.48 41.19
N TYR A 123 17.35 -0.67 41.66
CA TYR A 123 17.62 -1.37 42.93
C TYR A 123 17.08 -0.61 44.13
N ALA A 124 17.23 0.70 44.12
CA ALA A 124 16.70 1.56 45.17
C ALA A 124 15.16 1.57 45.14
N VAL A 125 14.60 1.59 43.94
CA VAL A 125 13.15 1.50 43.81
C VAL A 125 12.64 0.16 44.34
N LEU A 126 13.40 -0.92 44.15
CA LEU A 126 13.01 -2.25 44.66
C LEU A 126 13.11 -2.33 46.18
N LEU A 127 14.18 -1.75 46.72
CA LEU A 127 14.40 -1.76 48.17
C LEU A 127 13.69 -0.63 48.95
N ALA A 128 12.80 0.10 48.28
CA ALA A 128 12.01 1.19 48.89
C ALA A 128 12.88 2.27 49.53
N ASN A 129 14.04 2.51 48.91
CA ASN A 129 15.05 3.44 49.41
C ASN A 129 15.03 4.70 48.53
N LYS A 130 14.27 5.70 48.98
CA LYS A 130 14.12 6.97 48.30
C LYS A 130 15.33 7.87 48.51
N SER A 131 16.11 7.58 49.55
CA SER A 131 17.27 8.39 49.88
C SER A 131 18.49 8.11 49.00
N ALA A 132 18.40 7.10 48.15
CA ALA A 132 19.47 6.76 47.22
C ALA A 132 19.10 6.87 45.72
N LEU A 133 18.08 7.65 45.37
CA LEU A 133 17.79 7.87 43.96
C LEU A 133 18.62 9.02 43.46
N THR A 134 18.89 9.02 42.16
CA THR A 134 19.62 10.09 41.49
C THR A 134 18.90 10.48 40.20
N GLY A 135 18.55 11.76 40.09
CA GLY A 135 17.95 12.34 38.88
C GLY A 135 16.62 13.03 39.11
N THR A 136 15.87 13.25 38.03
CA THR A 136 14.56 13.93 38.07
C THR A 136 13.44 12.89 38.13
N GLY A 137 13.60 11.90 39.01
CA GLY A 137 12.65 10.81 39.14
C GLY A 137 11.46 11.25 39.95
N SER A 138 10.39 10.45 39.97
CA SER A 138 9.18 10.77 40.76
C SER A 138 9.33 10.60 42.28
N GLY A 139 10.23 9.71 42.71
CA GLY A 139 10.33 9.32 44.11
C GLY A 139 9.48 8.11 44.50
N LYS A 140 8.70 7.57 43.55
CA LYS A 140 7.83 6.41 43.78
C LYS A 140 8.67 5.13 43.88
N VAL A 141 8.49 4.39 44.96
CA VAL A 141 9.31 3.22 45.25
C VAL A 141 8.43 2.08 45.71
N LEU A 142 9.01 0.90 45.81
CA LEU A 142 8.29 -0.29 46.22
C LEU A 142 8.19 -0.37 47.75
N ASP A 143 7.52 0.62 48.34
CA ASP A 143 7.36 0.72 49.79
C ASP A 143 6.25 -0.24 50.22
N SER A 144 6.51 -1.52 50.10
CA SER A 144 5.53 -2.55 50.33
C SER A 144 5.71 -3.19 51.70
N GLY A 145 4.68 -3.91 52.14
CA GLY A 145 4.67 -4.63 53.42
C GLY A 145 4.52 -6.13 53.20
N PRO A 146 4.45 -6.93 54.28
CA PRO A 146 4.42 -8.39 54.18
C PRO A 146 3.09 -9.04 53.75
N ASN A 147 2.03 -8.25 53.56
CA ASN A 147 0.78 -8.75 52.96
C ASN A 147 0.60 -8.40 51.48
N ASP A 148 1.59 -7.75 50.88
CA ASP A 148 1.48 -7.21 49.53
C ASP A 148 2.07 -8.16 48.49
N HIS A 149 1.44 -8.19 47.31
CA HIS A 149 1.94 -8.97 46.16
C HIS A 149 2.52 -8.02 45.13
N VAL A 150 3.62 -8.41 44.48
CA VAL A 150 4.26 -7.53 43.48
C VAL A 150 4.45 -8.27 42.17
N PHE A 151 4.20 -7.56 41.06
CA PHE A 151 4.41 -8.08 39.72
C PHE A 151 5.45 -7.23 39.02
N ILE A 152 6.63 -7.79 38.83
CA ILE A 152 7.73 -7.07 38.18
C ILE A 152 7.82 -7.46 36.71
N TYR A 153 7.82 -6.47 35.83
CA TYR A 153 7.91 -6.70 34.40
C TYR A 153 9.03 -5.87 33.78
N TYR A 154 9.92 -6.54 33.04
CA TYR A 154 11.04 -5.89 32.39
C TYR A 154 11.31 -6.50 31.02
N THR A 155 11.36 -5.66 29.99
CA THR A 155 11.61 -6.12 28.63
C THR A 155 12.55 -5.17 27.91
N1 SNN A 156 16.60 -5.69 25.98
C SNN A 156 15.37 -5.84 25.62
CA SNN A 156 14.57 -4.98 26.48
N SNN A 156 13.58 -5.77 27.22
C4 SNN A 156 15.59 -4.35 27.43
C5 SNN A 156 16.85 -4.94 26.99
O SNN A 156 14.92 -6.50 24.71
O5 SNN A 156 17.94 -4.73 27.50
CA HIS A 157 17.42 -6.70 25.30
C HIS A 157 18.02 -7.30 26.57
N GLY A 158 18.99 -8.17 26.36
CA GLY A 158 19.67 -8.86 27.45
C GLY A 158 20.77 -9.78 26.97
N GLY A 159 21.60 -10.22 27.89
CA GLY A 159 22.70 -11.12 27.58
C GLY A 159 22.90 -12.19 28.63
N ALA A 160 24.08 -12.79 28.63
CA ALA A 160 24.41 -13.85 29.59
C ALA A 160 24.64 -13.26 30.98
N GLY A 161 23.60 -13.32 31.81
CA GLY A 161 23.68 -12.82 33.16
C GLY A 161 23.74 -11.33 33.23
N VAL A 162 22.97 -10.68 32.37
CA VAL A 162 22.93 -9.25 32.28
C VAL A 162 21.74 -8.77 31.44
N LEU A 163 20.92 -7.91 32.01
CA LEU A 163 19.82 -7.27 31.30
C LEU A 163 20.22 -5.87 30.83
N GLY A 164 19.76 -5.50 29.64
CA GLY A 164 20.07 -4.20 29.10
C GLY A 164 19.31 -3.08 29.79
N MET A 165 19.95 -1.92 29.84
CA MET A 165 19.38 -0.71 30.44
C MET A 165 19.59 0.47 29.49
N PRO A 166 18.88 1.57 29.69
CA PRO A 166 19.08 2.54 28.64
C PRO A 166 20.25 3.46 28.93
N SER A 167 20.93 3.25 30.05
CA SER A 167 22.05 4.08 30.42
C SER A 167 23.09 3.22 31.12
N LYS A 168 24.23 3.06 30.47
CA LYS A 168 25.31 2.25 31.02
C LYS A 168 25.70 2.77 32.39
N PRO A 169 25.97 1.88 33.34
CA PRO A 169 26.18 0.44 33.15
C PRO A 169 24.90 -0.37 33.12
N TYR A 170 25.01 -1.66 32.84
CA TYR A 170 23.83 -2.51 32.79
C TYR A 170 23.60 -3.17 34.10
N ILE A 171 22.54 -3.97 34.19
CA ILE A 171 22.19 -4.72 35.38
C ILE A 171 22.85 -6.09 35.35
N ALA A 172 23.77 -6.36 36.27
CA ALA A 172 24.37 -7.69 36.41
C ALA A 172 23.52 -8.63 37.28
N ALA A 173 23.54 -9.93 36.97
CA ALA A 173 22.72 -10.91 37.69
C ALA A 173 23.07 -11.04 39.17
N SER A 174 24.35 -10.89 39.49
CA SER A 174 24.84 -10.93 40.88
C SER A 174 24.27 -9.78 41.70
N ASP A 175 24.37 -8.58 41.15
CA ASP A 175 23.79 -7.39 41.76
C ASP A 175 22.27 -7.51 41.89
N LEU A 176 21.62 -8.07 40.88
CA LEU A 176 20.16 -8.18 40.89
C LEU A 176 19.68 -9.11 42.01
N ASN A 177 20.26 -10.31 42.04
CA ASN A 177 19.85 -11.33 43.02
C ASN A 177 20.20 -10.96 44.45
N ASP A 178 21.32 -10.24 44.64
CA ASP A 178 21.66 -9.66 45.96
C ASP A 178 20.56 -8.71 46.46
N VAL A 179 20.01 -7.90 45.58
CA VAL A 179 18.92 -7.00 45.93
C VAL A 179 17.66 -7.81 46.29
N LEU A 180 17.34 -8.84 45.51
CA LEU A 180 16.20 -9.71 45.83
C LEU A 180 16.41 -10.52 47.13
N LYS A 181 17.66 -10.83 47.44
CA LYS A 181 18.01 -11.47 48.71
C LYS A 181 17.82 -10.50 49.88
N LYS A 182 18.17 -9.23 49.69
CA LYS A 182 17.97 -8.23 50.73
C LYS A 182 16.49 -7.95 50.95
N LYS A 183 15.73 -7.83 49.87
CA LYS A 183 14.30 -7.60 49.97
C LYS A 183 13.60 -8.72 50.72
N HIS A 184 13.99 -9.97 50.45
CA HIS A 184 13.45 -11.13 51.17
C HIS A 184 13.77 -11.09 52.68
N ALA A 185 14.99 -10.69 53.01
CA ALA A 185 15.42 -10.56 54.39
C ALA A 185 14.59 -9.53 55.13
N SER A 186 14.28 -8.42 54.47
CA SER A 186 13.44 -7.36 55.04
C SER A 186 11.99 -7.80 55.25
N GLY A 187 11.53 -8.78 54.45
CA GLY A 187 10.21 -9.38 54.61
C GLY A 187 9.11 -8.38 54.37
N THR A 188 9.26 -7.63 53.28
CA THR A 188 8.30 -6.60 52.88
C THR A 188 7.52 -7.02 51.62
N TYR A 189 7.31 -8.33 51.49
CA TYR A 189 6.49 -8.89 50.42
C TYR A 189 6.09 -10.34 50.72
N LYS A 190 4.90 -10.71 50.27
CA LYS A 190 4.43 -12.08 50.40
C LYS A 190 4.91 -12.91 49.20
N SER A 191 4.65 -12.39 48.02
CA SER A 191 4.89 -13.10 46.76
C SER A 191 5.39 -12.12 45.72
N ILE A 192 6.26 -12.57 44.81
CA ILE A 192 6.78 -11.73 43.71
C ILE A 192 6.78 -12.53 42.42
N VAL A 193 5.98 -12.11 41.45
CA VAL A 193 6.06 -12.63 40.08
C VAL A 193 6.94 -11.65 39.31
N PHE A 194 7.95 -12.20 38.64
CA PHE A 194 8.92 -11.42 37.86
C PHE A 194 8.99 -12.02 36.46
N TYR A 195 8.47 -11.29 35.47
CA TYR A 195 8.47 -11.69 34.06
C TYR A 195 9.59 -10.98 33.36
N VAL A 196 10.28 -11.67 32.46
CA VAL A 196 11.51 -11.16 31.85
C VAL A 196 11.57 -11.43 30.38
N GLU A 197 11.59 -10.38 29.56
CA GLU A 197 11.77 -10.51 28.13
C GLU A 197 13.16 -10.04 27.76
N SER A 198 14.12 -10.96 27.67
CA SER A 198 15.45 -10.63 27.17
C SER A 198 16.18 -11.87 26.69
N CYS A 199 17.20 -11.66 25.85
CA CYS A 199 18.04 -12.77 25.38
C CYS A 199 18.79 -13.39 26.56
N GLU A 200 18.87 -14.71 26.56
CA GLU A 200 19.49 -15.50 27.63
C GLU A 200 18.88 -15.19 29.02
N SER A 201 17.59 -14.90 29.09
CA SER A 201 16.97 -14.38 30.33
C SER A 201 17.02 -15.34 31.52
N GLY A 202 17.03 -16.64 31.23
CA GLY A 202 17.26 -17.68 32.25
C GLY A 202 18.55 -17.48 33.03
N SER A 203 19.57 -17.01 32.33
CA SER A 203 20.91 -16.76 32.90
C SER A 203 20.96 -15.71 34.03
N MET A 204 19.93 -14.90 34.16
CA MET A 204 19.84 -13.93 35.23
C MET A 204 19.54 -14.57 36.58
N PHE A 205 18.85 -15.73 36.57
CA PHE A 205 18.42 -16.41 37.80
C PHE A 205 19.01 -17.80 38.02
N ASP A 206 19.25 -18.53 36.94
CA ASP A 206 19.81 -19.87 37.01
C ASP A 206 21.10 -19.91 37.86
N GLY A 207 21.09 -20.71 38.92
CA GLY A 207 22.24 -20.79 39.86
C GLY A 207 22.45 -19.60 40.80
N LEU A 208 21.43 -18.76 40.96
CA LEU A 208 21.52 -17.54 41.76
C LEU A 208 20.28 -17.28 42.61
N LEU A 209 19.11 -17.34 41.98
CA LEU A 209 17.82 -17.16 42.65
C LEU A 209 17.45 -18.39 43.47
N PRO A 210 17.37 -18.25 44.81
CA PRO A 210 16.92 -19.39 45.61
C PRO A 210 15.45 -19.68 45.46
N GLU A 211 15.08 -20.93 45.66
CA GLU A 211 13.72 -21.35 45.47
C GLU A 211 12.88 -21.20 46.70
N ASP A 212 13.45 -20.79 47.80
CA ASP A 212 12.69 -20.65 49.02
C ASP A 212 12.61 -19.19 49.37
N HIS A 213 12.14 -18.38 48.44
CA HIS A 213 12.09 -16.93 48.71
C HIS A 213 10.82 -16.28 48.24
N ASN A 214 9.84 -17.08 47.87
CA ASN A 214 8.58 -16.57 47.30
C ASN A 214 8.77 -15.63 46.10
N ILE A 215 9.66 -16.01 45.17
CA ILE A 215 9.87 -15.28 43.92
C ILE A 215 9.76 -16.27 42.76
N TYR A 216 8.71 -16.14 41.97
CA TYR A 216 8.49 -16.94 40.76
C TYR A 216 8.92 -16.13 39.54
N VAL A 217 9.71 -16.75 38.66
CA VAL A 217 10.19 -16.09 37.45
C VAL A 217 9.58 -16.77 36.22
N MET A 218 9.26 -15.97 35.20
CA MET A 218 8.89 -16.51 33.88
C MET A 218 9.66 -15.80 32.77
N GLY A 219 10.77 -16.41 32.35
CA GLY A 219 11.62 -15.89 31.30
C GLY A 219 11.18 -16.30 29.92
N ALA A 220 11.53 -15.47 28.94
CA ALA A 220 11.28 -15.73 27.52
C ALA A 220 12.28 -16.68 26.89
N SER A 221 13.44 -16.85 27.52
CA SER A 221 14.53 -17.68 27.00
C SER A 221 15.37 -18.26 28.12
N ASP A 222 16.02 -19.40 27.87
CA ASP A 222 16.87 -20.01 28.86
C ASP A 222 18.30 -19.48 28.69
N THR A 223 19.23 -19.97 29.52
CA THR A 223 20.64 -19.56 29.49
C THR A 223 21.28 -20.11 28.25
N GLY A 224 21.21 -19.34 27.18
CA GLY A 224 21.83 -19.71 25.90
C GLY A 224 21.02 -19.53 24.65
N GLU A 225 19.84 -18.91 24.77
CA GLU A 225 18.87 -18.81 23.68
C GLU A 225 18.43 -17.36 23.53
N SER A 226 17.99 -17.01 22.33
CA SER A 226 17.53 -15.64 22.03
C SER A 226 16.05 -15.48 22.33
N SER A 227 15.59 -14.25 22.56
CA SER A 227 14.15 -13.94 22.54
C SER A 227 13.76 -13.41 21.17
N TRP A 228 12.46 -13.43 20.88
CA TRP A 228 11.96 -13.17 19.52
C TRP A 228 10.99 -12.03 19.49
N VAL A 229 10.82 -11.51 18.29
CA VAL A 229 10.03 -10.32 18.07
C VAL A 229 9.02 -10.58 16.95
N THR A 230 7.80 -10.11 17.18
CA THR A 230 6.68 -10.27 16.24
C THR A 230 6.17 -8.90 15.80
N TYR A 231 5.24 -8.92 14.85
CA TYR A 231 4.62 -7.70 14.32
C TYR A 231 5.66 -6.75 13.71
N CYS A 232 6.47 -7.29 12.81
CA CYS A 232 7.49 -6.54 12.09
C CYS A 232 6.98 -6.11 10.72
N PRO A 233 7.73 -5.27 10.00
CA PRO A 233 7.31 -4.79 8.68
C PRO A 233 6.85 -5.85 7.68
N LEU A 234 7.54 -6.98 7.60
CA LEU A 234 7.24 -8.03 6.61
C LEU A 234 6.93 -9.38 7.30
N GLN A 235 5.67 -9.62 7.69
CA GLN A 235 5.32 -10.80 8.52
C GLN A 235 3.87 -11.25 8.28
N HIS A 236 3.51 -12.40 8.87
CA HIS A 236 2.12 -12.90 8.91
C HIS A 236 1.20 -11.77 9.44
N PRO A 237 1.45 -11.29 10.68
CA PRO A 237 0.64 -10.18 11.17
C PRO A 237 1.41 -8.84 11.07
N SER A 238 1.73 -8.41 9.85
CA SER A 238 2.47 -7.15 9.67
C SER A 238 1.67 -5.92 10.19
N PRO A 239 2.33 -4.98 10.89
CA PRO A 239 1.69 -3.77 11.37
C PRO A 239 1.42 -2.79 10.24
N PRO A 240 0.76 -1.67 10.54
CA PRO A 240 0.39 -0.73 9.49
C PRO A 240 1.60 -0.24 8.65
N PRO A 241 1.44 -0.13 7.31
CA PRO A 241 2.56 0.16 6.40
C PRO A 241 3.44 1.39 6.74
N GLU A 242 2.83 2.36 7.39
CA GLU A 242 3.54 3.58 7.81
C GLU A 242 4.61 3.25 8.85
N TYR A 243 4.49 2.10 9.50
CA TYR A 243 5.43 1.70 10.52
C TYR A 243 6.72 1.12 9.97
N ASP A 244 7.81 1.61 10.56
CA ASP A 244 9.18 1.35 10.13
C ASP A 244 9.81 0.16 10.88
N VAL A 245 9.16 -0.27 11.96
CA VAL A 245 9.78 -1.06 13.02
C VAL A 245 8.86 -2.14 13.48
N CYS A 246 9.42 -3.09 14.20
CA CYS A 246 8.64 -4.10 14.90
C CYS A 246 7.99 -3.42 16.09
N VAL A 247 6.73 -3.73 16.34
CA VAL A 247 5.95 -3.05 17.39
C VAL A 247 5.74 -3.88 18.66
N GLY A 248 6.30 -5.08 18.73
CA GLY A 248 6.07 -5.95 19.88
C GLY A 248 6.95 -7.18 19.87
N ASP A 249 7.29 -7.63 21.07
CA ASP A 249 8.12 -8.85 21.28
C ASP A 249 7.21 -10.06 21.44
N LEU A 250 7.72 -11.25 21.15
CA LEU A 250 6.85 -12.42 21.02
C LEU A 250 6.34 -12.92 22.38
N PHE A 251 7.26 -13.23 23.27
CA PHE A 251 6.91 -13.67 24.63
C PHE A 251 6.00 -12.66 25.34
N SER A 252 6.39 -11.38 25.33
CA SER A 252 5.61 -10.33 25.96
C SER A 252 4.20 -10.35 25.38
N VAL A 253 4.10 -10.00 24.10
CA VAL A 253 2.80 -10.00 23.39
C VAL A 253 1.93 -11.22 23.77
N ALA A 254 2.55 -12.40 23.87
CA ALA A 254 1.83 -13.65 24.20
C ALA A 254 1.03 -13.52 25.49
N TRP A 255 1.70 -13.16 26.58
CA TRP A 255 1.03 -12.99 27.88
C TRP A 255 0.21 -11.72 28.01
N LEU A 256 0.53 -10.69 27.22
CA LEU A 256 -0.20 -9.42 27.25
C LEU A 256 -1.57 -9.61 26.63
N GLU A 257 -1.64 -10.45 25.60
CA GLU A 257 -2.90 -10.73 24.92
C GLU A 257 -3.78 -11.62 25.80
N ASP A 258 -3.17 -12.61 26.44
CA ASP A 258 -3.88 -13.51 27.33
C ASP A 258 -4.53 -12.77 28.50
N CYS A 259 -3.80 -11.77 29.02
CA CYS A 259 -4.30 -10.97 30.13
C CYS A 259 -5.06 -9.74 29.65
N ASP A 260 -5.60 -9.82 28.43
CA ASP A 260 -6.32 -8.73 27.84
C ASP A 260 -7.80 -9.07 27.79
N VAL A 261 -8.08 -10.34 27.49
CA VAL A 261 -9.43 -10.81 27.16
C VAL A 261 -9.82 -12.06 27.95
N HIS A 262 -9.25 -12.26 29.14
CA HIS A 262 -9.56 -13.45 29.97
C HIS A 262 -9.87 -13.00 31.38
N ASN A 263 -10.86 -13.64 32.01
CA ASN A 263 -11.06 -13.47 33.45
C ASN A 263 -9.81 -13.94 34.16
N LEU A 264 -9.38 -13.15 35.11
CA LEU A 264 -8.11 -13.38 35.79
C LEU A 264 -8.37 -14.13 37.09
N GLN A 265 -9.65 -14.31 37.44
CA GLN A 265 -10.03 -15.17 38.55
C GLN A 265 -10.17 -16.62 38.11
N THR A 266 -10.15 -16.86 36.81
CA THR A 266 -10.27 -18.23 36.29
C THR A 266 -9.06 -18.62 35.46
N GLU A 267 -7.88 -18.23 35.91
CA GLU A 267 -6.64 -18.53 35.20
C GLU A 267 -5.43 -18.44 36.14
N THR A 268 -4.66 -19.52 36.20
CA THR A 268 -3.47 -19.57 37.04
C THR A 268 -2.22 -19.31 36.23
N PHE A 269 -1.17 -18.85 36.91
CA PHE A 269 0.12 -18.56 36.24
C PHE A 269 0.70 -19.74 35.49
N GLN A 270 0.43 -20.96 35.97
CA GLN A 270 0.89 -22.17 35.29
C GLN A 270 0.20 -22.29 33.94
N GLN A 271 -1.08 -21.95 33.91
CA GLN A 271 -1.87 -21.98 32.70
C GLN A 271 -1.31 -20.95 31.70
N GLN A 272 -1.10 -19.73 32.17
CA GLN A 272 -0.52 -18.68 31.33
C GLN A 272 0.82 -19.11 30.74
N TYR A 273 1.62 -19.80 31.56
CA TYR A 273 2.89 -20.35 31.09
C TYR A 273 2.70 -21.29 29.91
N GLU A 274 1.73 -22.21 30.02
CA GLU A 274 1.39 -23.15 28.95
C GLU A 274 0.94 -22.39 27.69
N VAL A 275 0.09 -21.38 27.89
CA VAL A 275 -0.42 -20.53 26.80
C VAL A 275 0.72 -19.84 26.00
N VAL A 276 1.66 -19.27 26.74
CA VAL A 276 2.82 -18.57 26.16
C VAL A 276 3.75 -19.54 25.41
N LYS A 277 3.86 -20.72 26.00
CA LYS A 277 4.71 -21.78 25.48
C LYS A 277 4.27 -22.19 24.07
N ASN A 278 2.95 -22.35 23.93
CA ASN A 278 2.30 -22.69 22.66
C ASN A 278 2.42 -21.60 21.58
N LYS A 279 2.68 -20.35 21.98
CA LYS A 279 2.89 -19.25 21.03
C LYS A 279 4.33 -19.31 20.30
N THR A 280 5.33 -19.81 21.02
CA THR A 280 6.72 -19.95 20.48
C THR A 280 6.98 -21.10 19.45
N ILE A 281 8.02 -21.02 18.64
CA ILE A 281 8.44 -21.96 17.56
C ILE A 281 9.95 -22.10 17.44
N HIS A 290 13.02 -21.68 24.57
CA HIS A 290 12.14 -22.27 25.58
C HIS A 290 11.65 -21.20 26.56
N VAL A 291 10.44 -21.37 27.04
CA VAL A 291 9.90 -20.48 28.02
C VAL A 291 10.26 -21.15 29.37
N VAL A 292 11.10 -20.47 30.15
CA VAL A 292 11.57 -21.02 31.42
C VAL A 292 10.76 -20.48 32.56
N GLN A 293 10.93 -21.11 33.72
CA GLN A 293 10.45 -20.57 34.97
C GLN A 293 11.46 -20.89 36.08
N TYR A 294 11.68 -19.92 36.98
CA TYR A 294 12.67 -20.07 38.07
C TYR A 294 12.12 -19.61 39.42
N GLY A 295 12.83 -20.00 40.48
CA GLY A 295 12.46 -19.64 41.85
C GLY A 295 11.33 -20.52 42.39
N ASP A 296 10.48 -19.93 43.24
CA ASP A 296 9.35 -20.63 43.87
C ASP A 296 8.26 -20.87 42.85
N VAL A 297 8.34 -21.98 42.14
CA VAL A 297 7.31 -22.37 41.14
C VAL A 297 6.01 -22.79 41.83
N GLY A 298 6.06 -23.07 43.14
CA GLY A 298 4.85 -23.19 43.96
C GLY A 298 3.83 -22.07 43.81
N LEU A 299 4.32 -20.85 43.57
CA LEU A 299 3.43 -19.68 43.34
C LEU A 299 2.70 -19.71 41.99
N SER A 300 3.10 -20.58 41.07
CA SER A 300 2.44 -20.72 39.77
C SER A 300 1.02 -21.30 39.84
N LYS A 301 0.60 -21.75 41.02
CA LYS A 301 -0.75 -22.23 41.27
C LYS A 301 -1.74 -21.10 41.60
N GLN A 302 -1.23 -19.91 41.91
CA GLN A 302 -2.10 -18.76 42.18
C GLN A 302 -2.72 -18.23 40.90
N THR A 303 -3.84 -17.53 41.05
CA THR A 303 -4.51 -16.88 39.92
C THR A 303 -3.78 -15.60 39.56
N LEU A 304 -4.13 -15.06 38.39
CA LEU A 304 -3.54 -13.82 37.88
C LEU A 304 -4.23 -12.59 38.47
N PHE A 305 -5.37 -12.80 39.13
CA PHE A 305 -6.08 -11.76 39.87
C PHE A 305 -5.34 -11.24 41.13
N VAL A 306 -4.49 -12.09 41.73
CA VAL A 306 -3.75 -11.73 42.95
C VAL A 306 -2.69 -10.65 42.69
N TYR A 307 -2.27 -10.51 41.43
CA TYR A 307 -1.27 -9.52 41.03
C TYR A 307 -1.81 -8.50 40.05
N MET A 308 -2.45 -9.01 39.00
CA MET A 308 -3.06 -8.21 37.95
C MET A 308 -4.58 -8.23 38.17
N GLY A 309 -5.34 -7.64 37.28
CA GLY A 309 -6.77 -7.64 37.53
C GLY A 309 -7.58 -7.91 36.31
N THR A 310 -8.73 -8.49 36.54
CA THR A 310 -9.65 -8.80 35.48
C THR A 310 -10.75 -7.72 35.50
N ASP A 311 -11.21 -7.31 34.30
CA ASP A 311 -12.24 -6.27 34.15
C ASP A 311 -13.55 -6.96 33.71
N PRO A 312 -14.53 -6.21 33.12
CA PRO A 312 -15.58 -6.93 32.38
C PRO A 312 -15.04 -7.85 31.26
N ALA A 313 -14.74 -9.08 31.63
CA ALA A 313 -14.28 -10.08 30.68
C ALA A 313 -15.13 -11.37 30.80
N ASN A 314 -15.12 -12.00 31.97
CA ASN A 314 -15.93 -13.24 32.24
C ASN A 314 -15.82 -14.39 31.24
N ASP A 315 -14.65 -14.45 30.61
CA ASP A 315 -14.33 -15.42 29.60
C ASP A 315 -13.43 -16.43 30.31
N ASN A 316 -13.97 -17.56 30.72
CA ASN A 316 -13.14 -18.62 31.36
C ASN A 316 -12.04 -19.20 30.44
N ASN A 317 -10.86 -19.51 31.01
CA ASN A 317 -9.70 -19.88 30.20
C ASN A 317 -9.97 -21.15 29.38
N ALA A 331 7.98 -14.61 13.63
CA ALA A 331 8.88 -13.83 14.50
C ALA A 331 10.40 -14.08 14.28
N VAL A 332 11.17 -13.05 14.65
CA VAL A 332 12.59 -12.91 14.33
C VAL A 332 13.37 -12.62 15.61
N SER A 333 14.68 -12.88 15.60
CA SER A 333 15.59 -12.58 16.72
C SER A 333 15.62 -11.09 17.07
N GLN A 334 15.81 -10.77 18.35
CA GLN A 334 15.92 -9.39 18.82
C GLN A 334 17.04 -8.60 18.12
N ARG A 335 18.21 -9.20 17.99
CA ARG A 335 19.34 -8.56 17.30
C ARG A 335 19.10 -8.47 15.80
N ASP A 336 18.35 -9.44 15.29
CA ASP A 336 18.05 -9.52 13.88
C ASP A 336 16.90 -8.58 13.49
N ALA A 337 16.09 -8.17 14.46
CA ALA A 337 14.98 -7.24 14.26
C ALA A 337 15.48 -5.82 14.07
N ASP A 338 16.55 -5.46 14.80
CA ASP A 338 17.13 -4.14 14.67
C ASP A 338 17.57 -3.82 13.24
N LEU A 339 18.08 -4.83 12.54
CA LEU A 339 18.47 -4.68 11.14
C LEU A 339 17.29 -4.46 10.20
N ILE A 340 16.17 -5.13 10.46
CA ILE A 340 14.95 -4.86 9.68
C ILE A 340 14.72 -3.36 9.64
N HIS A 341 14.73 -2.73 10.80
CA HIS A 341 14.43 -1.30 10.91
C HIS A 341 15.37 -0.44 10.07
N TYR A 342 16.68 -0.71 10.15
CA TYR A 342 17.69 0.10 9.46
C TYR A 342 17.57 -0.06 7.95
N TRP A 343 17.54 -1.32 7.54
CA TRP A 343 17.36 -1.66 6.14
C TRP A 343 16.08 -0.99 5.58
N GLU A 344 14.96 -1.15 6.27
CA GLU A 344 13.70 -0.53 5.83
C GLU A 344 13.82 0.99 5.82
N LYS A 345 14.42 1.57 6.85
CA LYS A 345 14.63 3.02 6.89
C LYS A 345 15.44 3.48 5.67
N TYR A 346 16.43 2.67 5.27
CA TYR A 346 17.26 2.99 4.12
C TYR A 346 16.67 2.43 2.83
N ARG A 347 15.71 1.53 2.97
CA ARG A 347 15.08 0.90 1.83
C ARG A 347 13.74 1.56 1.50
N ARG A 348 13.33 2.51 2.34
CA ARG A 348 12.08 3.22 2.14
C ARG A 348 12.31 4.73 2.02
N ALA A 349 13.56 5.12 1.84
CA ALA A 349 13.92 6.52 1.71
C ALA A 349 14.02 6.92 0.22
N PRO A 350 13.60 8.17 -0.14
CA PRO A 350 13.67 8.64 -1.53
C PRO A 350 15.08 8.70 -2.02
N GLU A 351 15.35 8.20 -3.23
CA GLU A 351 16.73 8.11 -3.72
C GLU A 351 17.32 9.51 -3.84
N GLY A 352 18.60 9.63 -3.45
CA GLY A 352 19.30 10.93 -3.42
C GLY A 352 18.78 11.96 -2.43
N SER A 353 18.14 11.48 -1.36
CA SER A 353 17.57 12.32 -0.30
C SER A 353 18.53 12.36 0.88
N SER A 354 18.39 13.35 1.75
CA SER A 354 19.17 13.42 2.99
C SER A 354 18.89 12.22 3.91
N ARG A 355 17.61 11.85 4.01
CA ARG A 355 17.17 10.68 4.78
C ARG A 355 17.94 9.44 4.34
N LYS A 356 17.93 9.18 3.03
CA LYS A 356 18.65 8.06 2.45
C LYS A 356 20.12 8.12 2.84
N ALA A 357 20.69 9.32 2.78
CA ALA A 357 22.10 9.51 3.11
C ALA A 357 22.38 9.16 4.55
N GLU A 358 21.52 9.62 5.45
CA GLU A 358 21.70 9.32 6.87
C GLU A 358 21.35 7.87 7.20
N ALA A 359 20.21 7.41 6.72
CA ALA A 359 19.82 5.99 6.86
C ALA A 359 20.93 5.05 6.40
N LYS A 360 21.54 5.34 5.26
CA LYS A 360 22.69 4.57 4.72
C LYS A 360 23.94 4.61 5.62
N LYS A 361 24.23 5.77 6.18
CA LYS A 361 25.35 5.93 7.11
C LYS A 361 25.10 5.14 8.40
N GLN A 362 23.91 5.32 8.98
CA GLN A 362 23.49 4.57 10.17
C GLN A 362 23.64 3.08 9.94
N LEU A 363 23.13 2.58 8.82
CA LEU A 363 23.23 1.16 8.45
C LEU A 363 24.67 0.69 8.32
N ARG A 364 25.51 1.42 7.58
CA ARG A 364 26.94 1.12 7.53
C ARG A 364 27.63 1.14 8.89
N GLU A 365 27.30 2.11 9.75
CA GLU A 365 27.88 2.17 11.10
C GLU A 365 27.48 0.98 11.96
N VAL A 366 26.24 0.54 11.84
CA VAL A 366 25.74 -0.63 12.58
C VAL A 366 26.48 -1.91 12.14
N MET A 367 26.38 -2.25 10.86
CA MET A 367 27.01 -3.46 10.29
C MET A 367 28.50 -3.51 10.63
N ALA A 368 29.18 -2.37 10.49
CA ALA A 368 30.63 -2.26 10.77
C ALA A 368 31.00 -2.56 12.20
N HIS A 369 30.16 -2.08 13.12
CA HIS A 369 30.36 -2.31 14.53
C HIS A 369 30.15 -3.79 14.89
N ARG A 370 29.13 -4.41 14.29
CA ARG A 370 28.81 -5.81 14.59
C ARG A 370 29.92 -6.73 14.07
N MET A 371 30.47 -6.40 12.90
CA MET A 371 31.59 -7.15 12.32
C MET A 371 32.86 -6.96 13.12
N HIS A 372 33.07 -5.72 13.59
CA HIS A 372 34.22 -5.42 14.44
C HIS A 372 34.20 -6.20 15.75
N ILE A 373 33.11 -6.10 16.49
CA ILE A 373 32.99 -6.77 17.78
C ILE A 373 33.14 -8.28 17.64
N ASP A 374 32.43 -8.87 16.68
CA ASP A 374 32.53 -10.31 16.41
C ASP A 374 33.99 -10.75 16.16
N ASN A 375 34.67 -10.11 15.19
CA ASN A 375 36.09 -10.37 14.90
C ASN A 375 37.02 -10.28 16.11
N SER A 376 36.91 -9.17 16.84
CA SER A 376 37.73 -8.90 18.02
C SER A 376 37.59 -10.01 19.03
N VAL A 377 36.34 -10.30 19.38
CA VAL A 377 36.05 -11.32 20.38
C VAL A 377 36.59 -12.66 19.93
N LYS A 378 36.35 -13.00 18.66
CA LYS A 378 36.85 -14.23 18.06
C LYS A 378 38.38 -14.29 18.14
N HIS A 379 39.00 -13.18 17.78
CA HIS A 379 40.46 -13.07 17.77
C HIS A 379 41.06 -13.23 19.16
N ILE A 380 40.51 -12.53 20.13
CA ILE A 380 40.92 -12.66 21.55
C ILE A 380 40.80 -14.10 22.04
N GLY A 381 39.78 -14.80 21.57
CA GLY A 381 39.64 -16.23 21.83
C GLY A 381 40.82 -17.02 21.31
N LYS A 382 41.21 -16.75 20.06
CA LYS A 382 42.35 -17.45 19.44
C LYS A 382 43.69 -17.11 20.09
N LEU A 383 43.77 -15.93 20.69
CA LEU A 383 44.98 -15.51 21.39
C LEU A 383 45.12 -16.09 22.78
N LEU A 384 44.00 -16.39 23.45
CA LEU A 384 44.04 -16.92 24.81
C LEU A 384 44.16 -18.43 24.86
N PHE A 385 43.46 -19.13 23.95
CA PHE A 385 43.36 -20.60 24.01
C PHE A 385 43.92 -21.31 22.76
N GLY A 386 43.49 -20.88 21.57
CA GLY A 386 43.97 -21.42 20.30
C GLY A 386 43.01 -21.08 19.18
N ILE A 387 43.38 -21.38 17.93
CA ILE A 387 42.48 -21.12 16.79
C ILE A 387 41.34 -22.16 16.62
N GLU A 388 41.62 -23.42 16.98
CA GLU A 388 40.65 -24.54 16.80
C GLU A 388 40.01 -25.04 18.09
N LYS A 389 40.60 -24.68 19.23
CA LYS A 389 40.02 -24.95 20.53
C LYS A 389 39.63 -23.68 21.30
N GLY A 390 39.84 -22.51 20.69
CA GLY A 390 39.37 -21.24 21.24
C GLY A 390 37.90 -20.95 20.96
N HIS A 391 37.38 -21.41 19.83
CA HIS A 391 35.96 -21.24 19.47
C HIS A 391 35.01 -21.89 20.47
N LYS A 392 35.43 -23.00 21.07
CA LYS A 392 34.60 -23.80 21.96
C LYS A 392 34.47 -23.16 23.32
N MET A 393 35.60 -22.62 23.81
CA MET A 393 35.65 -21.93 25.10
C MET A 393 34.69 -20.74 25.14
N LEU A 394 34.64 -20.01 24.04
CA LEU A 394 33.77 -18.83 23.92
C LEU A 394 32.32 -19.24 23.78
N ASN A 395 32.03 -20.11 22.81
CA ASN A 395 30.65 -20.55 22.58
C ASN A 395 30.40 -21.87 23.30
N ASN A 396 30.24 -21.78 24.62
CA ASN A 396 30.00 -22.93 25.49
C ASN A 396 28.78 -22.63 26.31
N VAL A 397 28.04 -23.68 26.67
CA VAL A 397 26.88 -23.52 27.55
C VAL A 397 27.16 -24.36 28.78
N ARG A 398 26.98 -23.74 29.93
CA ARG A 398 27.28 -24.41 31.18
C ARG A 398 26.10 -25.31 31.55
N PRO A 399 26.38 -26.47 32.18
CA PRO A 399 25.32 -27.40 32.61
C PRO A 399 24.21 -26.71 33.40
N ALA A 400 22.96 -26.99 33.05
CA ALA A 400 21.81 -26.39 33.74
C ALA A 400 21.87 -26.65 35.25
N GLY A 401 21.71 -25.59 36.05
CA GLY A 401 21.84 -25.67 37.50
C GLY A 401 23.00 -24.87 38.04
N LEU A 402 23.96 -24.54 37.18
CA LEU A 402 25.11 -23.70 37.55
C LEU A 402 24.92 -22.24 37.13
N PRO A 403 25.56 -21.31 37.86
CA PRO A 403 25.54 -19.92 37.42
C PRO A 403 26.36 -19.72 36.18
N VAL A 404 26.10 -18.63 35.48
CA VAL A 404 26.82 -18.25 34.27
C VAL A 404 28.31 -18.12 34.58
N VAL A 405 28.59 -17.42 35.69
CA VAL A 405 29.95 -17.22 36.20
C VAL A 405 29.99 -17.36 37.72
N ASP A 406 31.14 -17.81 38.21
CA ASP A 406 31.44 -17.92 39.63
C ASP A 406 32.00 -16.61 40.21
N ASP A 407 33.02 -16.05 39.55
CA ASP A 407 33.64 -14.76 39.92
C ASP A 407 33.08 -13.57 39.11
N TRP A 408 32.04 -12.93 39.67
CA TRP A 408 31.41 -11.73 39.08
C TRP A 408 32.31 -10.48 39.06
N ASP A 409 33.19 -10.33 40.06
CA ASP A 409 34.19 -9.23 40.08
C ASP A 409 35.09 -9.30 38.84
N CYS A 410 35.59 -10.50 38.56
CA CYS A 410 36.35 -10.82 37.34
C CYS A 410 35.54 -10.54 36.08
N PHE A 411 34.30 -11.04 36.07
CA PHE A 411 33.36 -10.87 34.95
C PHE A 411 33.38 -9.43 34.47
N LYS A 412 33.11 -8.52 35.39
CA LYS A 412 33.05 -7.10 35.07
C LYS A 412 34.39 -6.52 34.62
N THR A 413 35.48 -6.87 35.30
CA THR A 413 36.81 -6.36 34.90
C THR A 413 37.23 -6.83 33.50
N LEU A 414 36.84 -8.04 33.13
CA LEU A 414 37.15 -8.56 31.78
C LEU A 414 36.39 -7.77 30.71
N ILE A 415 35.10 -7.51 30.95
CA ILE A 415 34.30 -6.73 30.02
C ILE A 415 34.85 -5.32 29.88
N ARG A 416 35.23 -4.74 31.00
CA ARG A 416 35.81 -3.41 30.97
C ARG A 416 37.15 -3.30 30.23
N THR A 417 38.06 -4.26 30.44
CA THR A 417 39.35 -4.26 29.73
C THR A 417 39.20 -4.54 28.24
N PHE A 418 38.20 -5.35 27.89
CA PHE A 418 37.84 -5.53 26.48
C PHE A 418 37.45 -4.20 25.86
N GLU A 419 36.61 -3.46 26.58
CA GLU A 419 36.07 -2.18 26.12
C GLU A 419 37.13 -1.07 26.07
N THR A 420 38.02 -1.04 27.07
CA THR A 420 39.13 -0.06 27.03
C THR A 420 40.10 -0.23 25.87
N HIS A 421 40.03 -1.33 25.14
CA HIS A 421 40.85 -1.51 23.95
C HIS A 421 40.07 -1.62 22.66
N CYS A 422 38.88 -2.20 22.75
CA CYS A 422 38.01 -2.43 21.61
C CYS A 422 36.91 -1.43 21.48
N GLY A 423 36.41 -0.98 22.61
CA GLY A 423 35.36 0.00 22.65
C GLY A 423 34.19 -0.53 23.43
N SER A 424 32.99 -0.21 22.98
CA SER A 424 31.81 -0.57 23.73
C SER A 424 31.10 -1.70 23.03
N LEU A 425 30.46 -2.55 23.81
CA LEU A 425 29.71 -3.66 23.28
C LEU A 425 28.28 -3.23 22.88
N SER A 426 27.86 -2.06 23.34
CA SER A 426 26.52 -1.52 23.07
C SER A 426 25.45 -2.55 23.48
N GLU A 427 24.42 -2.71 22.68
CA GLU A 427 23.36 -3.66 22.95
C GLU A 427 23.54 -4.89 22.06
N TYR A 428 24.45 -4.83 21.10
CA TYR A 428 24.70 -5.96 20.19
C TYR A 428 25.80 -6.85 20.71
N GLY A 429 26.73 -6.30 21.48
CA GLY A 429 27.81 -7.08 22.05
C GLY A 429 27.41 -7.91 23.25
N MET A 430 26.23 -7.65 23.82
CA MET A 430 25.67 -8.53 24.85
C MET A 430 25.56 -10.02 24.42
N LYS A 431 25.61 -10.26 23.11
CA LYS A 431 25.72 -11.62 22.56
C LYS A 431 26.95 -12.36 23.05
N HIS A 432 28.04 -11.63 23.28
CA HIS A 432 29.31 -12.22 23.68
C HIS A 432 29.56 -12.17 25.18
N MET A 433 28.55 -11.89 26.00
CA MET A 433 28.79 -11.75 27.46
C MET A 433 29.13 -13.12 28.03
N ARG A 434 28.49 -14.15 27.51
CA ARG A 434 28.77 -15.52 27.89
C ARG A 434 30.20 -15.89 27.55
N SER A 435 30.70 -15.45 26.40
CA SER A 435 32.11 -15.64 26.04
C SER A 435 33.02 -15.16 27.17
N PHE A 436 32.79 -13.92 27.63
CA PHE A 436 33.54 -13.31 28.76
C PHE A 436 33.31 -14.06 30.07
N ALA A 437 32.09 -14.51 30.26
CA ALA A 437 31.74 -15.40 31.38
C ALA A 437 32.57 -16.66 31.40
N ASN A 438 32.65 -17.30 30.24
CA ASN A 438 33.44 -18.51 30.08
C ASN A 438 34.92 -18.26 30.30
N LEU A 439 35.41 -17.07 29.92
CA LEU A 439 36.82 -16.73 30.17
C LEU A 439 37.09 -16.64 31.65
N CYS A 440 36.26 -15.90 32.40
CA CYS A 440 36.39 -15.84 33.87
C CYS A 440 36.28 -17.20 34.55
N ASN A 441 35.55 -18.13 33.93
CA ASN A 441 35.41 -19.49 34.45
C ASN A 441 36.61 -20.35 34.06
N ALA A 442 37.19 -20.08 32.89
CA ALA A 442 38.45 -20.68 32.49
C ALA A 442 39.64 -20.19 33.32
N GLY A 443 39.45 -19.10 34.07
CA GLY A 443 40.47 -18.56 35.00
C GLY A 443 41.38 -17.52 34.40
N ILE A 444 40.82 -16.69 33.54
CA ILE A 444 41.58 -15.65 32.86
C ILE A 444 41.51 -14.43 33.74
N ARG A 445 42.65 -13.77 33.92
CA ARG A 445 42.75 -12.57 34.74
C ARG A 445 42.97 -11.32 33.88
N LYS A 446 42.63 -10.17 34.44
CA LYS A 446 42.86 -8.88 33.75
C LYS A 446 44.18 -8.71 33.01
N GLU A 447 45.28 -9.22 33.55
CA GLU A 447 46.61 -9.00 32.97
C GLU A 447 46.79 -9.78 31.68
N GLN A 448 46.04 -10.86 31.58
CA GLN A 448 46.09 -11.79 30.47
C GLN A 448 45.11 -11.36 29.34
N MET A 449 43.92 -10.89 29.71
CA MET A 449 42.93 -10.32 28.75
C MET A 449 43.45 -9.03 28.11
N ALA A 450 43.95 -8.12 28.93
CA ALA A 450 44.55 -6.85 28.48
C ALA A 450 45.58 -6.99 27.36
N GLU A 451 46.43 -8.00 27.46
CA GLU A 451 47.44 -8.30 26.42
C GLU A 451 46.77 -8.77 25.14
N ALA A 452 45.78 -9.66 25.32
CA ALA A 452 45.04 -10.26 24.21
C ALA A 452 44.15 -9.25 23.53
N SER A 453 43.47 -8.43 24.30
CA SER A 453 42.56 -7.42 23.75
C SER A 453 43.29 -6.22 23.08
N ALA A 454 44.56 -6.01 23.40
CA ALA A 454 45.36 -4.99 22.73
C ALA A 454 46.00 -5.45 21.41
N GLN A 455 46.12 -6.77 21.21
CA GLN A 455 46.86 -7.34 20.07
C GLN A 455 45.96 -7.53 18.87
N ALA A 456 44.78 -8.10 19.11
CA ALA A 456 43.74 -8.22 18.10
C ALA A 456 43.18 -6.87 17.69
N CYS A 457 42.94 -6.05 18.71
CA CYS A 457 41.99 -5.00 18.64
C CYS A 457 42.69 -3.75 19.14
N VAL A 458 43.62 -3.29 18.30
CA VAL A 458 44.53 -2.15 18.60
C VAL A 458 43.84 -0.81 18.40
N SER A 459 42.93 -0.79 17.43
CA SER A 459 42.14 0.38 17.08
C SER A 459 40.73 0.24 17.60
N ILE A 460 40.23 1.26 18.30
CA ILE A 460 38.78 1.38 18.48
C ILE A 460 38.25 2.06 17.22
N PRO A 461 37.31 1.42 16.51
CA PRO A 461 36.81 2.04 15.27
C PRO A 461 36.03 3.31 15.58
N ASP A 462 36.07 4.27 14.66
CA ASP A 462 35.31 5.51 14.80
C ASP A 462 33.85 5.23 14.42
N ASN A 463 33.10 4.64 15.36
CA ASN A 463 31.66 4.45 15.20
C ASN A 463 30.93 5.04 16.39
N PRO A 464 29.67 5.47 16.16
CA PRO A 464 28.90 6.01 17.28
C PRO A 464 28.60 4.99 18.41
N TRP A 465 28.58 3.71 18.07
CA TRP A 465 28.32 2.65 19.03
C TRP A 465 29.61 2.20 19.72
N SER A 466 30.74 2.64 19.17
CA SER A 466 32.05 2.29 19.74
C SER A 466 32.54 3.38 20.69
N SER A 467 31.71 4.39 20.91
CA SER A 467 32.06 5.50 21.79
C SER A 467 32.04 5.05 23.25
N LEU A 468 32.80 5.75 24.09
CA LEU A 468 32.87 5.45 25.51
C LEU A 468 32.27 6.56 26.35
N HIS A 469 31.62 7.53 25.70
CA HIS A 469 30.97 8.60 26.41
C HIS A 469 29.91 7.97 27.30
N ALA A 470 30.10 8.07 28.61
CA ALA A 470 29.24 7.41 29.60
C ALA A 470 28.97 5.95 29.22
N GLY A 471 30.07 5.19 29.10
CA GLY A 471 30.06 3.84 28.52
C GLY A 471 30.43 2.78 29.53
N PHE A 472 31.29 1.86 29.14
CA PHE A 472 31.66 0.74 30.02
C PHE A 472 30.44 0.00 30.48
N SER A 473 29.86 -0.75 29.55
CA SER A 473 28.77 -1.67 29.86
C SER A 473 29.03 -2.63 31.04
N GLY B 36 -7.39 37.12 34.05
CA GLY B 36 -8.76 36.72 33.61
C GLY B 36 -8.90 35.25 33.24
N THR B 37 -10.15 34.85 32.98
CA THR B 37 -10.50 33.44 32.74
C THR B 37 -10.42 33.01 31.27
N ARG B 38 -10.14 31.73 31.05
CA ARG B 38 -10.18 31.14 29.72
C ARG B 38 -11.50 30.42 29.47
N TRP B 39 -12.15 30.79 28.35
CA TRP B 39 -13.38 30.14 27.88
C TRP B 39 -13.18 29.49 26.51
N ALA B 40 -14.12 28.61 26.21
CA ALA B 40 -14.19 27.94 24.93
C ALA B 40 -15.63 27.65 24.53
N VAL B 41 -15.90 27.80 23.24
CA VAL B 41 -17.16 27.42 22.64
C VAL B 41 -16.84 26.42 21.53
N LEU B 42 -17.43 25.24 21.60
CA LEU B 42 -17.15 24.18 20.64
C LEU B 42 -18.44 23.82 19.95
N VAL B 43 -18.41 23.77 18.62
CA VAL B 43 -19.63 23.55 17.82
C VAL B 43 -19.47 22.51 16.72
N ALA B 44 -20.31 21.49 16.78
CA ALA B 44 -20.42 20.51 15.73
C ALA B 44 -21.74 20.76 15.03
N GLY B 45 -21.64 21.42 13.86
CA GLY B 45 -22.82 21.82 13.07
C GLY B 45 -23.50 20.75 12.22
N SER B 46 -23.22 19.48 12.48
CA SER B 46 -23.80 18.40 11.70
C SER B 46 -24.40 17.32 12.59
N LYS B 47 -25.26 16.48 11.99
CA LYS B 47 -25.87 15.35 12.67
C LYS B 47 -25.83 14.14 11.75
N GLY B 48 -26.30 13.00 12.26
CA GLY B 48 -26.27 11.72 11.54
C GLY B 48 -24.94 11.01 11.64
N TYR B 49 -24.96 9.67 11.59
CA TYR B 49 -23.73 8.87 11.73
C TYR B 49 -22.68 9.15 10.67
N VAL B 50 -23.12 9.53 9.49
CA VAL B 50 -22.23 9.89 8.40
C VAL B 50 -21.21 10.93 8.81
N ASN B 51 -21.67 11.91 9.59
CA ASN B 51 -20.86 13.04 10.05
C ASN B 51 -20.24 12.84 11.46
N TYR B 52 -19.95 11.57 11.78
CA TYR B 52 -19.20 11.12 12.97
C TYR B 52 -18.01 12.01 13.24
N ARG B 53 -17.26 12.26 12.17
CA ARG B 53 -16.04 13.04 12.21
C ARG B 53 -16.15 14.41 12.87
N HIS B 54 -17.27 15.09 12.67
CA HIS B 54 -17.40 16.46 13.18
C HIS B 54 -17.54 16.46 14.70
N GLN B 55 -18.38 15.57 15.21
CA GLN B 55 -18.55 15.44 16.66
C GLN B 55 -17.25 14.94 17.28
N ALA B 56 -16.70 13.88 16.72
CA ALA B 56 -15.40 13.36 17.15
C ALA B 56 -14.29 14.43 17.27
N ASP B 57 -14.32 15.42 16.39
CA ASP B 57 -13.39 16.54 16.46
C ASP B 57 -13.65 17.40 17.70
N VAL B 58 -14.92 17.69 17.97
CA VAL B 58 -15.32 18.50 19.14
C VAL B 58 -15.05 17.78 20.47
N CYS B 59 -15.25 16.47 20.50
CA CYS B 59 -14.84 15.67 21.65
C CYS B 59 -13.33 15.80 21.91
N HIS B 60 -12.54 15.60 20.87
CA HIS B 60 -11.07 15.75 20.92
C HIS B 60 -10.64 17.12 21.44
N ALA B 61 -11.25 18.17 20.88
CA ALA B 61 -10.99 19.55 21.29
C ALA B 61 -11.25 19.77 22.77
N TYR B 62 -12.35 19.21 23.28
CA TYR B 62 -12.64 19.28 24.71
C TYR B 62 -11.59 18.54 25.55
N GLN B 63 -11.15 17.37 25.10
CA GLN B 63 -10.09 16.64 25.82
C GLN B 63 -8.80 17.43 26.00
N ILE B 64 -8.34 18.07 24.93
CA ILE B 64 -7.17 18.96 24.97
C ILE B 64 -7.35 20.09 25.96
N LEU B 65 -8.50 20.76 25.91
CA LEU B 65 -8.73 21.91 26.77
C LEU B 65 -8.74 21.45 28.24
N LYS B 66 -9.43 20.34 28.52
CA LYS B 66 -9.49 19.76 29.88
C LYS B 66 -8.12 19.48 30.47
N LYS B 67 -7.29 18.74 29.73
CA LYS B 67 -5.90 18.50 30.13
C LYS B 67 -5.17 19.83 30.30
N GLY B 68 -5.47 20.78 29.42
CA GLY B 68 -4.88 22.12 29.44
C GLY B 68 -5.20 22.98 30.65
N GLY B 69 -6.25 22.62 31.38
CA GLY B 69 -6.58 23.26 32.65
C GLY B 69 -7.84 24.09 32.68
N LEU B 70 -8.53 24.24 31.54
CA LEU B 70 -9.77 25.05 31.48
C LEU B 70 -10.88 24.39 32.28
N LYS B 71 -11.73 25.21 32.91
CA LYS B 71 -12.79 24.67 33.79
C LYS B 71 -14.02 24.35 32.93
N ASP B 72 -14.64 23.18 33.14
CA ASP B 72 -15.88 22.78 32.43
C ASP B 72 -16.90 23.92 32.38
N GLU B 73 -17.07 24.62 33.49
CA GLU B 73 -17.99 25.76 33.60
C GLU B 73 -17.83 26.85 32.55
N ASN B 74 -16.64 26.97 32.00
CA ASN B 74 -16.35 27.95 30.94
C ASN B 74 -16.01 27.29 29.57
N ILE B 75 -16.49 26.06 29.38
CA ILE B 75 -16.40 25.37 28.09
C ILE B 75 -17.80 24.96 27.67
N ILE B 76 -18.33 25.64 26.67
CA ILE B 76 -19.67 25.37 26.18
C ILE B 76 -19.58 24.47 24.95
N VAL B 77 -20.21 23.30 25.02
CA VAL B 77 -20.16 22.34 23.94
C VAL B 77 -21.52 22.28 23.23
N PHE B 78 -21.47 22.46 21.90
CA PHE B 78 -22.59 22.21 20.99
C PHE B 78 -22.28 20.93 20.18
N MET B 79 -22.94 19.82 20.54
CA MET B 79 -22.88 18.56 19.78
C MET B 79 -24.21 17.81 19.79
N TYR B 80 -24.65 17.39 18.61
CA TYR B 80 -25.90 16.65 18.46
C TYR B 80 -25.54 15.27 19.00
N ASP B 81 -26.05 14.92 20.16
CA ASP B 81 -25.59 13.68 20.81
C ASP B 81 -26.23 12.45 20.12
N ASP B 82 -25.72 12.06 18.96
CA ASP B 82 -26.32 10.95 18.19
C ASP B 82 -25.30 10.00 17.57
N ILE B 83 -24.07 10.08 18.06
CA ILE B 83 -22.96 9.27 17.55
C ILE B 83 -22.50 8.23 18.57
N ALA B 84 -22.40 8.66 19.83
CA ALA B 84 -21.98 7.79 20.92
C ALA B 84 -22.79 6.52 20.98
N TYR B 85 -24.12 6.64 20.97
CA TYR B 85 -25.00 5.47 21.10
C TYR B 85 -25.83 5.27 19.86
N ASN B 86 -25.20 5.38 18.70
CA ASN B 86 -25.86 5.15 17.43
C ASN B 86 -25.94 3.67 17.21
N GLU B 87 -26.98 3.24 16.49
CA GLU B 87 -27.13 1.83 16.14
C GLU B 87 -26.00 1.36 15.21
N SER B 88 -25.52 2.25 14.35
CA SER B 88 -24.38 1.96 13.45
C SER B 88 -22.99 1.96 14.12
N ASN B 89 -22.86 2.52 15.32
CA ASN B 89 -21.58 2.57 16.06
C ASN B 89 -21.20 1.16 16.51
N PRO B 90 -20.01 0.67 16.09
CA PRO B 90 -19.55 -0.64 16.55
C PRO B 90 -19.16 -0.70 18.03
N HIS B 91 -18.74 0.43 18.61
CA HIS B 91 -18.33 0.51 20.01
C HIS B 91 -19.16 1.53 20.76
N PRO B 92 -20.41 1.14 21.16
CA PRO B 92 -21.30 2.02 21.92
C PRO B 92 -20.60 2.72 23.08
N GLY B 93 -20.83 4.02 23.21
CA GLY B 93 -20.23 4.84 24.27
C GLY B 93 -18.84 5.40 23.99
N VAL B 94 -18.21 5.00 22.89
CA VAL B 94 -16.90 5.52 22.55
C VAL B 94 -16.92 6.17 21.16
N ILE B 95 -16.21 7.29 21.09
CA ILE B 95 -15.91 8.00 19.85
C ILE B 95 -14.40 8.13 19.76
N ILE B 96 -13.85 7.90 18.58
CA ILE B 96 -12.40 8.06 18.34
C ILE B 96 -12.14 9.13 17.29
N ASN B 97 -11.00 9.80 17.37
CA ASN B 97 -10.62 10.80 16.35
C ASN B 97 -9.25 10.52 15.75
N HIS B 98 -8.92 9.23 15.64
CA HIS B 98 -7.61 8.77 15.18
C HIS B 98 -7.69 7.28 14.93
N PRO B 99 -7.01 6.76 13.89
CA PRO B 99 -7.11 5.34 13.58
C PRO B 99 -6.70 4.47 14.75
N TYR B 100 -5.57 4.84 15.35
CA TYR B 100 -5.04 4.20 16.55
C TYR B 100 -5.36 5.01 17.80
N GLY B 101 -6.50 5.68 17.77
CA GLY B 101 -6.93 6.46 18.90
C GLY B 101 -7.69 5.62 19.90
N SER B 102 -7.80 6.17 21.09
CA SER B 102 -8.71 5.68 22.12
C SER B 102 -9.90 6.65 22.22
N ASP B 103 -10.82 6.36 23.13
CA ASP B 103 -12.02 7.19 23.32
C ASP B 103 -11.70 8.68 23.56
N VAL B 104 -12.56 9.56 23.03
CA VAL B 104 -12.57 10.99 23.38
C VAL B 104 -13.93 11.50 23.89
N TYR B 105 -14.94 10.64 23.95
CA TYR B 105 -16.33 11.04 24.27
C TYR B 105 -16.63 11.19 25.76
N LYS B 106 -16.03 10.31 26.57
CA LYS B 106 -16.27 10.30 28.00
C LYS B 106 -15.88 11.63 28.64
N GLY B 107 -16.79 12.21 29.41
CA GLY B 107 -16.50 13.42 30.18
C GLY B 107 -16.76 14.75 29.47
N VAL B 108 -17.13 14.69 28.20
CA VAL B 108 -17.38 15.90 27.43
C VAL B 108 -18.76 16.40 27.83
N PRO B 109 -18.86 17.70 28.19
CA PRO B 109 -20.18 18.21 28.56
C PRO B 109 -21.18 18.25 27.40
N LYS B 110 -22.46 18.32 27.76
CA LYS B 110 -23.58 18.35 26.81
C LYS B 110 -24.45 19.56 27.15
N ASP B 111 -23.99 20.73 26.73
CA ASP B 111 -24.70 21.96 27.05
C ASP B 111 -25.89 22.14 26.12
N TYR B 112 -25.65 22.00 24.83
CA TYR B 112 -26.70 22.13 23.83
C TYR B 112 -26.64 20.95 22.89
N VAL B 113 -27.50 19.97 23.11
CA VAL B 113 -27.54 18.78 22.26
C VAL B 113 -28.95 18.57 21.71
N GLY B 114 -29.04 17.82 20.62
CA GLY B 114 -30.33 17.53 20.00
C GLY B 114 -30.70 18.55 18.93
N GLU B 115 -31.90 19.11 19.06
CA GLU B 115 -32.40 20.10 18.12
C GLU B 115 -32.22 21.52 18.63
N ASP B 116 -31.40 21.67 19.65
CA ASP B 116 -31.13 22.97 20.26
C ASP B 116 -29.82 23.55 19.75
N ILE B 117 -29.33 23.03 18.64
CA ILE B 117 -28.11 23.56 18.01
C ILE B 117 -28.46 24.49 16.84
N ASN B 118 -29.33 25.44 17.11
CA ASN B 118 -29.73 26.43 16.10
C ASN B 118 -28.93 27.71 16.30
N PRO B 119 -28.83 28.54 15.23
CA PRO B 119 -28.10 29.81 15.29
C PRO B 119 -28.52 30.77 16.43
N PRO B 120 -29.85 30.96 16.65
CA PRO B 120 -30.29 31.79 17.78
C PRO B 120 -29.66 31.39 19.12
N ASN B 121 -29.68 30.10 19.44
CA ASN B 121 -29.03 29.60 20.67
C ASN B 121 -27.52 29.86 20.66
N PHE B 122 -26.87 29.59 19.53
CA PHE B 122 -25.45 29.88 19.39
C PHE B 122 -25.17 31.38 19.58
N TYR B 123 -25.99 32.22 18.96
CA TYR B 123 -25.83 33.67 19.06
C TYR B 123 -26.12 34.20 20.48
N ALA B 124 -27.13 33.64 21.14
CA ALA B 124 -27.42 33.98 22.54
C ALA B 124 -26.30 33.51 23.46
N VAL B 125 -25.77 32.32 23.21
CA VAL B 125 -24.63 31.81 23.97
C VAL B 125 -23.40 32.69 23.83
N LEU B 126 -23.16 33.23 22.64
CA LEU B 126 -22.02 34.13 22.43
C LEU B 126 -22.20 35.51 23.08
N LEU B 127 -23.43 36.01 23.12
CA LEU B 127 -23.72 37.32 23.71
C LEU B 127 -24.13 37.25 25.19
N ALA B 128 -23.94 36.08 25.80
CA ALA B 128 -24.23 35.87 27.22
C ALA B 128 -25.67 36.22 27.59
N ASN B 129 -26.62 35.93 26.70
CA ASN B 129 -28.03 36.24 26.91
C ASN B 129 -28.87 34.97 27.18
N LYS B 130 -28.87 34.57 28.44
CA LYS B 130 -29.61 33.39 28.90
C LYS B 130 -31.13 33.56 28.82
N SER B 131 -31.61 34.80 28.78
CA SER B 131 -33.04 35.05 28.66
C SER B 131 -33.62 34.76 27.28
N ALA B 132 -32.74 34.52 26.29
CA ALA B 132 -33.18 34.22 24.92
C ALA B 132 -32.74 32.83 24.40
N LEU B 133 -32.79 31.81 25.25
CA LEU B 133 -32.51 30.44 24.83
C LEU B 133 -33.80 29.65 24.73
N THR B 134 -33.82 28.70 23.83
CA THR B 134 -35.00 27.88 23.60
C THR B 134 -34.57 26.41 23.57
N GLY B 135 -35.13 25.63 24.52
CA GLY B 135 -34.99 24.17 24.57
C GLY B 135 -34.53 23.65 25.91
N THR B 136 -34.13 22.38 25.95
CA THR B 136 -33.63 21.74 27.17
C THR B 136 -32.11 21.93 27.29
N GLY B 137 -31.65 23.18 27.18
CA GLY B 137 -30.23 23.52 27.23
C GLY B 137 -29.76 23.57 28.67
N SER B 138 -28.44 23.61 28.86
CA SER B 138 -27.83 23.73 30.21
C SER B 138 -27.96 25.14 30.77
N GLY B 139 -27.98 26.14 29.90
CA GLY B 139 -28.05 27.54 30.28
C GLY B 139 -26.68 28.17 30.36
N LYS B 140 -25.64 27.42 30.00
CA LYS B 140 -24.26 27.89 30.07
C LYS B 140 -24.01 28.85 28.90
N VAL B 141 -23.51 30.04 29.21
CA VAL B 141 -23.30 31.08 28.19
C VAL B 141 -21.89 31.68 28.33
N LEU B 142 -21.53 32.53 27.36
CA LEU B 142 -20.21 33.18 27.33
C LEU B 142 -20.24 34.47 28.13
N ASP B 143 -20.50 34.31 29.42
CA ASP B 143 -20.62 35.42 30.37
C ASP B 143 -19.21 35.86 30.76
N SER B 144 -18.52 36.44 29.80
CA SER B 144 -17.11 36.76 29.97
C SER B 144 -16.93 38.28 30.07
N GLY B 145 -15.76 38.67 30.56
CA GLY B 145 -15.42 40.07 30.82
C GLY B 145 -14.27 40.53 29.97
N PRO B 146 -13.85 41.80 30.13
CA PRO B 146 -12.79 42.36 29.29
C PRO B 146 -11.36 41.86 29.52
N ASN B 147 -11.13 41.03 30.54
CA ASN B 147 -9.80 40.41 30.72
C ASN B 147 -9.71 38.96 30.22
N ASP B 148 -10.81 38.43 29.68
CA ASP B 148 -10.92 37.02 29.35
C ASP B 148 -10.53 36.75 27.90
N HIS B 149 -10.01 35.55 27.63
CA HIS B 149 -9.75 35.08 26.26
C HIS B 149 -10.70 33.93 25.93
N VAL B 150 -11.15 33.89 24.68
CA VAL B 150 -12.05 32.83 24.24
C VAL B 150 -11.52 32.15 22.98
N PHE B 151 -11.64 30.83 22.94
CA PHE B 151 -11.20 30.03 21.80
C PHE B 151 -12.37 29.36 21.10
N ILE B 152 -12.84 29.97 20.02
CA ILE B 152 -13.97 29.43 19.25
C ILE B 152 -13.48 28.44 18.20
N TYR B 153 -14.08 27.25 18.19
CA TYR B 153 -13.72 26.22 17.23
C TYR B 153 -14.97 25.48 16.73
N TYR B 154 -15.27 25.66 15.45
CA TYR B 154 -16.43 25.02 14.85
C TYR B 154 -16.02 24.07 13.72
N THR B 155 -16.69 22.92 13.65
CA THR B 155 -16.41 21.93 12.62
C THR B 155 -17.68 21.23 12.17
N1 SNN B 156 -19.88 21.05 8.24
C SNN B 156 -18.90 20.40 8.80
CA SNN B 156 -19.05 20.56 10.24
N SNN B 156 -17.87 21.19 10.82
C4 SNN B 156 -20.27 21.46 10.38
C5 SNN B 156 -20.70 21.70 9.01
O SNN B 156 -18.03 19.76 8.27
O5 SNN B 156 -21.60 22.42 8.65
CA HIS B 157 -19.86 21.35 6.79
C HIS B 157 -20.02 22.86 6.72
N GLY B 158 -20.04 23.37 5.51
CA GLY B 158 -20.18 24.81 5.27
C GLY B 158 -20.18 25.15 3.79
N GLY B 159 -20.67 26.35 3.48
CA GLY B 159 -20.74 26.82 2.11
C GLY B 159 -20.35 28.27 1.97
N ALA B 160 -20.66 28.85 0.82
CA ALA B 160 -20.35 30.26 0.55
C ALA B 160 -21.11 31.18 1.50
N GLY B 161 -20.40 31.67 2.51
CA GLY B 161 -21.00 32.57 3.50
C GLY B 161 -22.07 31.89 4.32
N VAL B 162 -21.85 30.63 4.65
CA VAL B 162 -22.81 29.87 5.44
C VAL B 162 -22.12 28.67 6.12
N LEU B 163 -22.50 28.41 7.36
CA LEU B 163 -21.95 27.29 8.13
C LEU B 163 -23.06 26.31 8.44
N GLY B 164 -22.78 25.02 8.37
CA GLY B 164 -23.85 24.05 8.58
C GLY B 164 -24.27 24.03 10.03
N MET B 165 -25.49 23.57 10.25
CA MET B 165 -26.04 23.45 11.60
C MET B 165 -26.86 22.17 11.65
N PRO B 166 -27.09 21.61 12.84
CA PRO B 166 -27.80 20.34 12.77
C PRO B 166 -29.31 20.48 12.57
N SER B 167 -29.84 21.69 12.56
CA SER B 167 -31.25 21.88 12.36
C SER B 167 -31.46 23.22 11.71
N LYS B 168 -32.07 23.19 10.54
CA LYS B 168 -32.35 24.38 9.74
C LYS B 168 -33.08 25.41 10.58
N PRO B 169 -32.75 26.68 10.46
CA PRO B 169 -31.93 27.27 9.40
C PRO B 169 -30.43 27.16 9.67
N TYR B 170 -29.60 27.81 8.89
CA TYR B 170 -28.17 27.76 9.15
C TYR B 170 -27.66 29.07 9.67
N ILE B 171 -26.34 29.12 9.84
CA ILE B 171 -25.63 30.32 10.24
C ILE B 171 -25.15 31.08 9.02
N ALA B 172 -25.73 32.24 8.76
CA ALA B 172 -25.26 33.11 7.67
C ALA B 172 -24.09 33.97 8.15
N ALA B 173 -23.22 34.33 7.22
CA ALA B 173 -22.03 35.12 7.56
C ALA B 173 -22.37 36.52 8.09
N SER B 174 -23.38 37.14 7.48
CA SER B 174 -23.86 38.46 7.90
C SER B 174 -24.32 38.46 9.34
N ASP B 175 -25.19 37.49 9.67
CA ASP B 175 -25.71 37.34 11.04
C ASP B 175 -24.61 37.01 12.03
N LEU B 176 -23.62 36.21 11.59
CA LEU B 176 -22.51 35.83 12.44
C LEU B 176 -21.68 37.04 12.80
N ASN B 177 -21.25 37.77 11.78
CA ASN B 177 -20.36 38.91 12.00
C ASN B 177 -21.00 40.09 12.72
N ASP B 178 -22.30 40.29 12.48
CA ASP B 178 -23.11 41.23 13.29
C ASP B 178 -23.04 40.90 14.79
N VAL B 179 -23.10 39.63 15.14
CA VAL B 179 -22.92 39.17 16.53
C VAL B 179 -21.50 39.46 17.03
N LEU B 180 -20.48 39.20 16.20
CA LEU B 180 -19.11 39.50 16.60
C LEU B 180 -18.86 40.99 16.71
N LYS B 181 -19.48 41.79 15.86
CA LYS B 181 -19.46 43.24 16.01
C LYS B 181 -20.11 43.69 17.33
N LYS B 182 -21.24 43.08 17.67
CA LYS B 182 -21.95 43.41 18.91
C LYS B 182 -21.16 43.03 20.16
N LYS B 183 -20.48 41.87 20.11
CA LYS B 183 -19.63 41.41 21.21
C LYS B 183 -18.45 42.37 21.44
N HIS B 184 -17.83 42.81 20.35
CA HIS B 184 -16.74 43.79 20.42
C HIS B 184 -17.20 45.10 21.07
N ALA B 185 -18.37 45.59 20.66
CA ALA B 185 -18.94 46.82 21.24
C ALA B 185 -19.20 46.71 22.73
N SER B 186 -19.64 45.55 23.21
CA SER B 186 -19.84 45.32 24.63
C SER B 186 -18.53 45.26 25.42
N GLY B 187 -17.43 44.89 24.76
CA GLY B 187 -16.10 44.93 25.37
C GLY B 187 -15.96 43.91 26.49
N THR B 188 -16.40 42.70 26.20
CA THR B 188 -16.40 41.60 27.17
C THR B 188 -15.41 40.49 26.76
N TYR B 189 -14.34 40.88 26.06
CA TYR B 189 -13.29 39.96 25.65
C TYR B 189 -12.05 40.75 25.20
N LYS B 190 -10.88 40.29 25.62
CA LYS B 190 -9.60 40.85 25.20
C LYS B 190 -9.14 40.26 23.86
N SER B 191 -9.39 38.98 23.64
CA SER B 191 -8.88 38.27 22.46
C SER B 191 -9.76 37.05 22.15
N ILE B 192 -10.19 36.92 20.89
CA ILE B 192 -10.91 35.74 20.39
C ILE B 192 -10.13 35.06 19.28
N VAL B 193 -9.83 33.77 19.45
CA VAL B 193 -9.35 32.92 18.36
C VAL B 193 -10.50 32.02 17.93
N PHE B 194 -10.78 32.01 16.62
CA PHE B 194 -11.91 31.29 16.08
C PHE B 194 -11.37 30.36 15.01
N TYR B 195 -11.47 29.07 15.26
CA TYR B 195 -11.04 28.05 14.32
C TYR B 195 -12.27 27.49 13.62
N VAL B 196 -12.15 27.30 12.31
CA VAL B 196 -13.27 26.92 11.45
C VAL B 196 -12.86 25.82 10.48
N GLU B 197 -13.51 24.66 10.62
CA GLU B 197 -13.43 23.57 9.67
C GLU B 197 -14.73 23.51 8.85
N SER B 198 -14.72 24.09 7.66
CA SER B 198 -15.85 23.97 6.74
C SER B 198 -15.47 24.31 5.31
N CYS B 199 -16.27 23.81 4.36
CA CYS B 199 -16.08 24.17 2.97
C CYS B 199 -16.32 25.68 2.79
N GLU B 200 -15.42 26.32 2.02
CA GLU B 200 -15.49 27.75 1.72
C GLU B 200 -15.45 28.60 3.00
N SER B 201 -14.73 28.15 4.03
CA SER B 201 -14.77 28.79 5.37
C SER B 201 -14.26 30.24 5.41
N GLY B 202 -13.29 30.55 4.58
CA GLY B 202 -12.87 31.94 4.39
C GLY B 202 -14.00 32.92 4.06
N SER B 203 -14.98 32.46 3.28
CA SER B 203 -16.14 33.26 2.84
C SER B 203 -17.02 33.82 3.99
N MET B 204 -16.91 33.21 5.16
CA MET B 204 -17.62 33.65 6.36
C MET B 204 -17.12 34.97 6.92
N PHE B 205 -15.84 35.28 6.71
CA PHE B 205 -15.21 36.48 7.24
C PHE B 205 -14.70 37.46 6.21
N ASP B 206 -14.31 36.95 5.04
CA ASP B 206 -13.78 37.76 3.95
C ASP B 206 -14.75 38.90 3.61
N GLY B 207 -14.27 40.13 3.65
CA GLY B 207 -15.10 41.31 3.42
C GLY B 207 -16.14 41.65 4.48
N LEU B 208 -16.02 41.05 5.66
CA LEU B 208 -17.03 41.21 6.73
C LEU B 208 -16.40 41.40 8.10
N LEU B 209 -15.48 40.51 8.49
CA LEU B 209 -14.80 40.59 9.78
C LEU B 209 -13.78 41.73 9.76
N PRO B 210 -13.96 42.74 10.63
CA PRO B 210 -12.94 43.81 10.67
C PRO B 210 -11.65 43.37 11.35
N GLU B 211 -10.54 43.94 10.89
CA GLU B 211 -9.21 43.57 11.37
C GLU B 211 -8.64 44.54 12.36
N ASP B 212 -9.49 45.02 13.25
CA ASP B 212 -9.07 45.97 14.29
C ASP B 212 -10.00 45.86 15.49
N HIS B 213 -10.35 44.63 15.83
CA HIS B 213 -11.21 44.38 16.98
C HIS B 213 -10.63 43.36 17.93
N ASN B 214 -9.71 42.52 17.46
CA ASN B 214 -9.08 41.49 18.29
C ASN B 214 -9.72 40.12 18.11
N ILE B 215 -9.98 39.75 16.86
CA ILE B 215 -10.51 38.44 16.51
C ILE B 215 -9.61 37.87 15.39
N TYR B 216 -8.91 36.78 15.72
CA TYR B 216 -8.06 36.07 14.76
C TYR B 216 -8.74 34.78 14.29
N VAL B 217 -8.85 34.63 12.96
CA VAL B 217 -9.50 33.47 12.37
C VAL B 217 -8.46 32.54 11.76
N MET B 218 -8.78 31.25 11.74
CA MET B 218 -7.97 30.27 11.03
C MET B 218 -8.89 29.25 10.38
N GLY B 219 -9.27 29.54 9.13
CA GLY B 219 -10.07 28.62 8.34
C GLY B 219 -9.26 27.50 7.69
N ALA B 220 -9.95 26.40 7.42
CA ALA B 220 -9.40 25.28 6.64
C ALA B 220 -9.36 25.55 5.16
N SER B 221 -10.22 26.45 4.68
CA SER B 221 -10.35 26.71 3.25
C SER B 221 -10.68 28.18 2.98
N ASP B 222 -10.29 28.68 1.81
CA ASP B 222 -10.61 30.06 1.39
C ASP B 222 -11.97 30.11 0.68
N THR B 223 -12.40 31.30 0.28
CA THR B 223 -13.68 31.54 -0.40
C THR B 223 -13.66 30.92 -1.80
N GLY B 224 -14.05 29.65 -1.88
CA GLY B 224 -14.10 28.90 -3.14
C GLY B 224 -13.44 27.54 -3.15
N GLU B 225 -13.06 27.01 -2.00
CA GLU B 225 -12.29 25.78 -1.91
C GLU B 225 -12.91 24.87 -0.87
N SER B 226 -12.77 23.56 -1.06
CA SER B 226 -13.34 22.57 -0.14
C SER B 226 -12.39 22.25 0.99
N SER B 227 -12.94 21.81 2.12
CA SER B 227 -12.15 21.22 3.19
C SER B 227 -12.13 19.71 3.02
N TRP B 228 -11.17 19.06 3.69
CA TRP B 228 -10.86 17.64 3.47
C TRP B 228 -10.97 16.82 4.70
N VAL B 229 -11.04 15.51 4.49
CA VAL B 229 -11.30 14.54 5.53
C VAL B 229 -10.31 13.41 5.43
N THR B 230 -9.68 13.08 6.54
CA THR B 230 -8.69 12.00 6.62
C THR B 230 -9.28 10.81 7.39
N TYR B 231 -8.49 9.74 7.52
CA TYR B 231 -8.86 8.58 8.35
C TYR B 231 -10.19 7.92 7.95
N CYS B 232 -10.38 7.81 6.64
CA CYS B 232 -11.50 7.11 6.02
C CYS B 232 -11.24 5.59 5.92
N PRO B 233 -12.28 4.79 5.64
CA PRO B 233 -12.14 3.34 5.49
C PRO B 233 -10.99 2.85 4.61
N LEU B 234 -10.69 3.51 3.49
CA LEU B 234 -9.63 3.05 2.56
C LEU B 234 -8.54 4.14 2.33
N GLN B 235 -7.51 4.20 3.19
CA GLN B 235 -6.50 5.32 3.19
C GLN B 235 -5.07 4.93 3.67
N HIS B 236 -4.09 5.87 3.57
CA HIS B 236 -2.70 5.79 4.18
C HIS B 236 -2.89 5.40 5.64
N PRO B 237 -3.56 6.24 6.46
CA PRO B 237 -3.85 5.85 7.83
C PRO B 237 -5.30 5.34 8.03
N SER B 238 -5.68 4.22 7.43
CA SER B 238 -7.07 3.71 7.59
C SER B 238 -7.45 3.35 9.07
N PRO B 239 -8.67 3.69 9.52
CA PRO B 239 -9.12 3.36 10.88
C PRO B 239 -9.51 1.88 11.03
N PRO B 240 -9.81 1.43 12.27
CA PRO B 240 -10.15 0.04 12.54
C PRO B 240 -11.22 -0.51 11.58
N PRO B 241 -11.01 -1.70 10.98
CA PRO B 241 -11.92 -2.29 9.97
C PRO B 241 -13.42 -2.30 10.29
N GLU B 242 -13.75 -2.44 11.56
CA GLU B 242 -15.14 -2.46 12.01
C GLU B 242 -15.84 -1.14 11.67
N TYR B 243 -15.04 -0.09 11.44
CA TYR B 243 -15.57 1.22 11.11
C TYR B 243 -16.04 1.28 9.66
N ASP B 244 -16.75 2.34 9.31
CA ASP B 244 -17.24 2.53 7.95
C ASP B 244 -17.54 3.99 7.65
N VAL B 245 -16.97 4.88 8.45
CA VAL B 245 -17.16 6.32 8.30
C VAL B 245 -15.93 7.09 8.77
N CYS B 246 -15.37 7.88 7.87
CA CYS B 246 -14.20 8.70 8.18
C CYS B 246 -14.39 9.28 9.58
N VAL B 247 -13.32 9.18 10.38
CA VAL B 247 -13.37 9.54 11.79
C VAL B 247 -12.81 10.94 12.14
N GLY B 248 -12.15 11.60 11.20
CA GLY B 248 -11.64 12.95 11.47
C GLY B 248 -11.44 13.76 10.22
N ASP B 249 -11.51 15.08 10.36
CA ASP B 249 -11.28 16.00 9.25
C ASP B 249 -9.84 16.44 9.21
N LEU B 250 -9.33 16.78 8.03
CA LEU B 250 -7.89 16.99 7.85
C LEU B 250 -7.34 18.19 8.64
N PHE B 251 -7.86 19.39 8.35
CA PHE B 251 -7.46 20.62 9.06
C PHE B 251 -7.60 20.50 10.57
N SER B 252 -8.77 20.06 11.01
CA SER B 252 -9.07 19.85 12.43
C SER B 252 -8.03 18.92 13.08
N VAL B 253 -7.93 17.71 12.53
CA VAL B 253 -6.96 16.69 12.97
C VAL B 253 -5.53 17.26 13.03
N ALA B 254 -5.17 18.07 12.03
CA ALA B 254 -3.85 18.66 11.97
C ALA B 254 -3.50 19.47 13.21
N TRP B 255 -4.34 20.42 13.56
CA TRP B 255 -4.09 21.27 14.74
C TRP B 255 -4.40 20.53 16.03
N LEU B 256 -5.29 19.55 16.00
CA LEU B 256 -5.63 18.79 17.21
C LEU B 256 -4.49 17.90 17.64
N GLU B 257 -3.73 17.39 16.68
CA GLU B 257 -2.58 16.55 16.97
C GLU B 257 -1.42 17.41 17.44
N ASP B 258 -1.35 18.63 16.92
CA ASP B 258 -0.31 19.57 17.31
C ASP B 258 -0.44 19.91 18.80
N CYS B 259 -1.63 20.32 19.19
CA CYS B 259 -1.92 20.64 20.60
C CYS B 259 -1.97 19.43 21.51
N ASP B 260 -1.73 18.24 20.99
CA ASP B 260 -1.86 17.05 21.78
C ASP B 260 -0.52 16.73 22.44
N VAL B 261 0.56 17.18 21.82
CA VAL B 261 1.89 16.67 22.14
C VAL B 261 3.00 17.75 22.04
N HIS B 262 2.70 18.93 22.56
CA HIS B 262 3.61 20.05 22.44
C HIS B 262 3.36 20.98 23.59
N ASN B 263 4.44 21.47 24.20
CA ASN B 263 4.32 22.54 25.17
C ASN B 263 3.68 23.76 24.52
N LEU B 264 2.43 24.02 24.88
CA LEU B 264 1.72 25.22 24.42
C LEU B 264 2.30 26.56 24.92
N GLN B 265 3.30 26.52 25.79
CA GLN B 265 4.08 27.73 26.17
C GLN B 265 5.20 28.06 25.20
N THR B 266 5.64 27.07 24.42
CA THR B 266 6.73 27.24 23.47
C THR B 266 6.26 27.28 22.00
N GLU B 267 4.96 27.42 21.76
CA GLU B 267 4.41 27.42 20.40
C GLU B 267 3.38 28.53 20.23
N THR B 268 3.57 29.35 19.21
CA THR B 268 2.67 30.44 18.89
C THR B 268 1.57 29.97 17.92
N PHE B 269 0.64 30.86 17.57
CA PHE B 269 -0.43 30.54 16.62
C PHE B 269 0.06 30.53 15.17
N GLN B 270 1.03 31.38 14.86
CA GLN B 270 1.62 31.48 13.53
C GLN B 270 2.33 30.18 13.20
N GLN B 271 3.05 29.64 14.18
CA GLN B 271 3.76 28.37 14.02
C GLN B 271 2.75 27.26 13.75
N GLN B 272 1.73 27.16 14.61
CA GLN B 272 0.65 26.19 14.39
C GLN B 272 0.07 26.32 12.97
N TYR B 273 -0.18 27.56 12.55
CA TYR B 273 -0.62 27.82 11.16
C TYR B 273 0.31 27.17 10.14
N GLU B 274 1.62 27.37 10.31
CA GLU B 274 2.63 26.76 9.42
C GLU B 274 2.57 25.23 9.49
N VAL B 275 2.39 24.71 10.70
CA VAL B 275 2.34 23.26 10.95
C VAL B 275 1.17 22.64 10.21
N VAL B 276 0.00 23.26 10.33
CA VAL B 276 -1.22 22.81 9.66
C VAL B 276 -1.13 23.00 8.14
N LYS B 277 -0.54 24.11 7.72
CA LYS B 277 -0.31 24.37 6.31
C LYS B 277 0.52 23.27 5.64
N ASN B 278 1.52 22.71 6.34
CA ASN B 278 2.29 21.54 5.85
C ASN B 278 1.54 20.23 5.90
N LYS B 279 0.56 20.15 6.78
CA LYS B 279 -0.20 18.94 7.00
C LYS B 279 -1.22 18.70 5.92
N THR B 280 -1.82 19.79 5.41
CA THR B 280 -2.61 19.68 4.19
C THR B 280 -1.59 19.41 3.07
N ILE B 281 -1.49 18.13 2.73
CA ILE B 281 -0.89 17.69 1.49
C ILE B 281 -2.11 17.55 0.61
N VAL B 282 -2.91 18.61 0.56
CA VAL B 282 -4.04 18.78 -0.31
C VAL B 282 -4.02 20.15 -0.96
N ALA B 283 -3.42 21.17 -0.35
CA ALA B 283 -3.23 22.47 -1.04
C ALA B 283 -2.58 22.36 -2.41
N LEU B 284 -1.47 21.63 -2.47
CA LEU B 284 -0.76 21.41 -3.72
C LEU B 284 -1.39 20.28 -4.50
N ILE B 285 -2.10 19.38 -3.82
CA ILE B 285 -2.74 18.26 -4.56
C ILE B 285 -4.02 18.65 -5.30
N GLU B 286 -4.74 19.66 -4.89
CA GLU B 286 -5.97 20.06 -5.57
C GLU B 286 -6.29 21.52 -5.32
N ASP B 287 -6.87 22.14 -6.34
CA ASP B 287 -7.30 23.55 -6.43
C ASP B 287 -7.40 24.27 -5.11
N GLY B 288 -6.34 25.00 -4.81
CA GLY B 288 -6.30 25.82 -3.63
C GLY B 288 -6.70 25.14 -2.36
N THR B 289 -7.66 25.69 -1.67
CA THR B 289 -8.02 25.13 -0.37
C THR B 289 -6.81 25.32 0.56
N HIS B 290 -6.40 26.56 0.62
CA HIS B 290 -5.29 27.02 1.43
C HIS B 290 -5.77 27.35 2.83
N VAL B 291 -4.93 27.07 3.82
CA VAL B 291 -5.27 27.36 5.19
C VAL B 291 -5.18 28.87 5.23
N VAL B 292 -6.27 29.51 5.63
CA VAL B 292 -6.36 30.97 5.62
C VAL B 292 -6.32 31.53 7.03
N GLN B 293 -6.20 32.84 7.12
CA GLN B 293 -6.34 33.53 8.38
C GLN B 293 -6.91 34.92 8.13
N TYR B 294 -7.88 35.30 8.95
CA TYR B 294 -8.58 36.55 8.80
C TYR B 294 -8.69 37.27 10.12
N GLY B 295 -8.92 38.60 10.02
CA GLY B 295 -9.18 39.42 11.20
C GLY B 295 -7.87 40.01 11.72
N ASP B 296 -7.79 40.21 13.04
CA ASP B 296 -6.57 40.70 13.68
C ASP B 296 -5.56 39.56 13.66
N VAL B 297 -4.65 39.61 12.69
CA VAL B 297 -3.58 38.60 12.55
C VAL B 297 -2.40 38.96 13.46
N GLY B 298 -2.43 40.13 14.11
CA GLY B 298 -1.47 40.47 15.15
C GLY B 298 -1.49 39.57 16.38
N LEU B 299 -2.64 38.95 16.65
CA LEU B 299 -2.78 37.98 17.74
C LEU B 299 -2.07 36.64 17.49
N SER B 300 -1.77 36.35 16.22
CA SER B 300 -1.06 35.12 15.86
C SER B 300 0.31 35.00 16.56
N LYS B 301 0.88 36.12 16.98
CA LYS B 301 2.14 36.13 17.74
C LYS B 301 2.03 35.60 19.18
N GLN B 302 0.81 35.43 19.69
CA GLN B 302 0.60 34.87 21.03
C GLN B 302 0.86 33.38 21.06
N THR B 303 1.13 32.86 22.25
CA THR B 303 1.28 31.43 22.46
C THR B 303 -0.07 30.77 22.49
N LEU B 304 -0.07 29.45 22.42
CA LEU B 304 -1.30 28.66 22.50
C LEU B 304 -1.72 28.42 23.94
N PHE B 305 -0.88 28.80 24.90
CA PHE B 305 -1.15 28.67 26.34
C PHE B 305 -2.20 29.68 26.82
N VAL B 306 -2.18 30.85 26.22
CA VAL B 306 -3.12 31.93 26.54
C VAL B 306 -4.60 31.58 26.30
N TYR B 307 -4.87 30.55 25.49
CA TYR B 307 -6.22 30.06 25.23
C TYR B 307 -6.42 28.61 25.61
N MET B 308 -5.49 27.77 25.18
CA MET B 308 -5.54 26.34 25.47
C MET B 308 -4.63 26.09 26.67
N GLY B 309 -4.23 24.86 26.92
CA GLY B 309 -3.25 24.66 27.97
C GLY B 309 -2.31 23.54 27.69
N THR B 310 -1.07 23.71 28.08
CA THR B 310 -0.09 22.63 28.01
C THR B 310 -0.23 21.73 29.27
N ASP B 311 -0.04 20.42 29.13
CA ASP B 311 -0.03 19.48 30.28
C ASP B 311 1.44 19.02 30.54
N PRO B 312 1.69 17.85 31.21
CA PRO B 312 3.05 17.29 31.11
C PRO B 312 3.45 16.85 29.70
N ALA B 313 3.99 17.80 28.94
CA ALA B 313 4.50 17.57 27.59
C ALA B 313 5.96 18.02 27.49
N ASN B 314 6.23 19.30 27.76
CA ASN B 314 7.61 19.89 27.68
C ASN B 314 8.41 19.53 26.43
N ASP B 315 7.70 19.33 25.33
CA ASP B 315 8.29 19.07 24.04
C ASP B 315 8.28 20.39 23.27
N ASN B 316 9.42 21.03 23.13
CA ASN B 316 9.50 22.29 22.36
C ASN B 316 9.26 22.12 20.83
N ASN B 317 8.56 23.10 20.24
CA ASN B 317 8.17 23.08 18.82
C ASN B 317 9.42 22.99 17.90
N THR B 318 9.45 22.00 17.00
CA THR B 318 10.59 21.78 16.09
C THR B 318 10.22 22.14 14.63
N PHE B 319 11.15 21.91 13.69
CA PHE B 319 10.91 21.99 12.24
C PHE B 319 10.69 23.42 11.78
N THR B 327 2.73 12.60 8.68
CA THR B 327 2.70 11.79 7.47
C THR B 327 1.83 12.41 6.39
N PRO B 328 1.89 11.87 5.17
CA PRO B 328 1.10 12.36 4.04
C PRO B 328 -0.38 12.49 4.40
N ARG B 329 -0.95 11.45 4.99
CA ARG B 329 -2.36 11.44 5.38
C ARG B 329 -3.28 11.92 4.25
N LYS B 330 -3.32 11.14 3.18
CA LYS B 330 -4.15 11.46 2.03
C LYS B 330 -5.61 11.60 2.44
N ALA B 331 -6.28 12.61 1.89
CA ALA B 331 -7.69 12.85 2.21
C ALA B 331 -8.49 13.13 0.95
N VAL B 332 -9.78 13.40 1.12
CA VAL B 332 -10.69 13.68 0.02
C VAL B 332 -11.61 14.84 0.33
N SER B 333 -12.54 15.10 -0.56
CA SER B 333 -13.56 16.09 -0.36
C SER B 333 -14.61 15.69 0.65
N GLN B 334 -15.11 16.64 1.40
CA GLN B 334 -16.14 16.30 2.37
C GLN B 334 -17.34 15.66 1.70
N ARG B 335 -18.09 16.44 0.94
CA ARG B 335 -19.25 15.90 0.22
C ARG B 335 -18.92 14.53 -0.39
N ASP B 336 -17.64 14.31 -0.67
CA ASP B 336 -17.16 13.09 -1.25
C ASP B 336 -16.91 12.00 -0.23
N ALA B 337 -16.70 12.38 1.02
CA ALA B 337 -16.53 11.46 2.13
C ALA B 337 -17.83 10.86 2.60
N ASP B 338 -18.95 11.55 2.35
CA ASP B 338 -20.26 11.04 2.71
C ASP B 338 -20.60 9.82 1.86
N LEU B 339 -20.22 9.87 0.57
CA LEU B 339 -20.43 8.73 -0.36
C LEU B 339 -19.64 7.49 0.01
N ILE B 340 -18.41 7.66 0.49
CA ILE B 340 -17.63 6.53 1.01
C ILE B 340 -18.47 5.75 2.03
N HIS B 341 -19.14 6.45 2.94
CA HIS B 341 -19.89 5.79 4.01
C HIS B 341 -21.07 4.99 3.46
N TYR B 342 -21.84 5.58 2.54
CA TYR B 342 -23.05 4.93 2.00
C TYR B 342 -22.65 3.70 1.20
N TRP B 343 -21.78 3.92 0.21
CA TRP B 343 -21.22 2.84 -0.59
C TRP B 343 -20.68 1.69 0.29
N GLU B 344 -19.82 2.01 1.26
CA GLU B 344 -19.33 1.00 2.21
C GLU B 344 -20.45 0.36 2.98
N LYS B 345 -21.42 1.15 3.44
CA LYS B 345 -22.59 0.61 4.13
C LYS B 345 -23.37 -0.35 3.24
N TYR B 346 -23.35 -0.12 1.93
CA TYR B 346 -24.05 -0.98 0.99
C TYR B 346 -23.12 -2.01 0.36
N ARG B 347 -21.82 -1.85 0.60
CA ARG B 347 -20.83 -2.77 0.06
C ARG B 347 -20.40 -3.81 1.10
N ARG B 348 -20.56 -3.46 2.37
CA ARG B 348 -20.19 -4.35 3.46
C ARG B 348 -21.42 -4.97 4.13
N ALA B 349 -22.51 -5.06 3.38
CA ALA B 349 -23.76 -5.60 3.89
C ALA B 349 -24.09 -6.94 3.22
N PRO B 350 -24.49 -7.93 4.03
CA PRO B 350 -24.85 -9.26 3.53
C PRO B 350 -25.84 -9.20 2.37
N GLU B 351 -25.58 -9.96 1.32
CA GLU B 351 -26.47 -9.97 0.14
C GLU B 351 -27.84 -10.50 0.55
N GLY B 352 -28.89 -9.90 -0.01
CA GLY B 352 -30.26 -10.28 0.33
C GLY B 352 -30.66 -10.06 1.79
N SER B 353 -30.01 -9.11 2.44
CA SER B 353 -30.35 -8.72 3.81
C SER B 353 -31.24 -7.48 3.79
N SER B 354 -31.88 -7.19 4.92
CA SER B 354 -32.62 -5.92 5.09
C SER B 354 -31.64 -4.73 5.05
N ARG B 355 -30.57 -4.88 5.80
CA ARG B 355 -29.49 -3.89 5.85
C ARG B 355 -29.12 -3.38 4.47
N LYS B 356 -28.82 -4.31 3.57
CA LYS B 356 -28.51 -3.98 2.20
C LYS B 356 -29.66 -3.21 1.58
N ALA B 357 -30.84 -3.82 1.60
CA ALA B 357 -32.02 -3.22 1.03
C ALA B 357 -32.10 -1.77 1.44
N GLU B 358 -31.95 -1.50 2.74
CA GLU B 358 -31.99 -0.11 3.22
C GLU B 358 -30.75 0.66 2.78
N ALA B 359 -29.58 0.04 2.92
CA ALA B 359 -28.32 0.69 2.53
C ALA B 359 -28.35 1.12 1.05
N LYS B 360 -28.86 0.23 0.20
CA LYS B 360 -29.09 0.49 -1.23
C LYS B 360 -30.09 1.62 -1.48
N LYS B 361 -31.18 1.63 -0.72
CA LYS B 361 -32.19 2.69 -0.81
C LYS B 361 -31.57 4.03 -0.42
N GLN B 362 -30.93 4.05 0.75
CA GLN B 362 -30.29 5.27 1.24
C GLN B 362 -29.34 5.86 0.21
N LEU B 363 -28.49 5.00 -0.35
CA LEU B 363 -27.56 5.37 -1.42
C LEU B 363 -28.25 5.93 -2.67
N ARG B 364 -29.27 5.21 -3.15
CA ARG B 364 -30.07 5.69 -4.28
C ARG B 364 -30.68 7.06 -3.96
N GLU B 365 -31.22 7.22 -2.75
CA GLU B 365 -31.83 8.49 -2.35
C GLU B 365 -30.84 9.65 -2.35
N VAL B 366 -29.59 9.37 -1.95
CA VAL B 366 -28.53 10.38 -1.88
C VAL B 366 -28.13 10.82 -3.29
N MET B 367 -27.69 9.85 -4.09
CA MET B 367 -27.26 10.09 -5.48
C MET B 367 -28.35 10.82 -6.27
N ALA B 368 -29.59 10.38 -6.09
CA ALA B 368 -30.75 10.99 -6.74
C ALA B 368 -30.92 12.46 -6.39
N HIS B 369 -30.80 12.77 -5.12
CA HIS B 369 -30.95 14.14 -4.67
C HIS B 369 -29.83 15.03 -5.18
N ARG B 370 -28.61 14.50 -5.23
CA ARG B 370 -27.45 15.28 -5.66
C ARG B 370 -27.55 15.60 -7.15
N MET B 371 -28.03 14.64 -7.95
CA MET B 371 -28.22 14.86 -9.38
C MET B 371 -29.36 15.85 -9.64
N HIS B 372 -30.40 15.78 -8.82
CA HIS B 372 -31.54 16.69 -8.93
C HIS B 372 -31.12 18.12 -8.70
N ILE B 373 -30.46 18.36 -7.57
CA ILE B 373 -30.04 19.69 -7.17
C ILE B 373 -29.10 20.31 -8.21
N ASP B 374 -28.09 19.54 -8.64
CA ASP B 374 -27.13 20.00 -9.65
C ASP B 374 -27.83 20.42 -10.96
N ASN B 375 -28.72 19.56 -11.46
CA ASN B 375 -29.51 19.84 -12.68
C ASN B 375 -30.32 21.12 -12.55
N SER B 376 -31.10 21.18 -11.46
CA SER B 376 -31.96 22.33 -11.18
C SER B 376 -31.18 23.61 -11.26
N VAL B 377 -30.11 23.65 -10.47
CA VAL B 377 -29.31 24.88 -10.34
C VAL B 377 -28.76 25.28 -11.71
N LYS B 378 -28.23 24.29 -12.43
CA LYS B 378 -27.69 24.48 -13.77
C LYS B 378 -28.76 25.01 -14.74
N HIS B 379 -29.96 24.43 -14.64
CA HIS B 379 -31.09 24.75 -15.48
C HIS B 379 -31.53 26.20 -15.23
N ILE B 380 -31.65 26.56 -13.95
CA ILE B 380 -32.00 27.92 -13.52
C ILE B 380 -30.95 28.91 -14.01
N GLY B 381 -29.70 28.51 -13.92
CA GLY B 381 -28.60 29.25 -14.53
C GLY B 381 -28.82 29.56 -15.99
N LYS B 382 -29.27 28.57 -16.76
CA LYS B 382 -29.43 28.75 -18.20
C LYS B 382 -30.66 29.57 -18.56
N LEU B 383 -31.65 29.48 -17.67
CA LEU B 383 -32.89 30.20 -17.80
C LEU B 383 -32.79 31.66 -17.52
N LEU B 384 -31.85 32.04 -16.64
CA LEU B 384 -31.62 33.44 -16.22
C LEU B 384 -30.61 34.19 -17.12
N PHE B 385 -29.52 33.53 -17.48
CA PHE B 385 -28.44 34.17 -18.23
C PHE B 385 -28.18 33.64 -19.63
N GLY B 386 -28.36 32.35 -19.81
CA GLY B 386 -28.15 31.69 -21.09
C GLY B 386 -27.63 30.28 -20.84
N ILE B 387 -27.35 29.54 -21.89
CA ILE B 387 -26.73 28.20 -21.77
C ILE B 387 -25.20 28.21 -21.67
N GLU B 388 -24.56 29.10 -22.40
CA GLU B 388 -23.09 29.14 -22.43
C GLU B 388 -22.48 30.17 -21.49
N LYS B 389 -23.18 31.28 -21.28
CA LYS B 389 -22.68 32.31 -20.41
C LYS B 389 -23.28 32.23 -19.01
N GLY B 390 -24.17 31.28 -18.78
CA GLY B 390 -24.85 31.17 -17.51
C GLY B 390 -24.11 30.29 -16.54
N HIS B 391 -23.27 29.41 -17.06
CA HIS B 391 -22.39 28.56 -16.25
C HIS B 391 -21.32 29.33 -15.50
N LYS B 392 -20.88 30.45 -16.06
CA LYS B 392 -19.80 31.28 -15.48
C LYS B 392 -20.30 32.11 -14.30
N MET B 393 -21.51 32.65 -14.44
CA MET B 393 -22.19 33.44 -13.40
C MET B 393 -22.34 32.62 -12.12
N LEU B 394 -22.80 31.39 -12.28
CA LEU B 394 -22.99 30.50 -11.15
C LEU B 394 -21.65 30.13 -10.55
N ASN B 395 -20.75 29.62 -11.38
CA ASN B 395 -19.41 29.21 -10.91
C ASN B 395 -18.41 30.33 -11.05
N ASN B 396 -18.53 31.32 -10.17
CA ASN B 396 -17.67 32.51 -10.17
C ASN B 396 -17.04 32.67 -8.79
N VAL B 397 -15.80 33.13 -8.76
CA VAL B 397 -15.11 33.46 -7.51
C VAL B 397 -14.88 34.96 -7.56
N ARG B 398 -15.24 35.62 -6.48
CA ARG B 398 -15.21 37.06 -6.40
C ARG B 398 -13.83 37.49 -5.95
N PRO B 399 -13.33 38.63 -6.49
CA PRO B 399 -12.01 39.11 -6.09
C PRO B 399 -11.79 39.10 -4.58
N ALA B 400 -10.65 38.55 -4.15
CA ALA B 400 -10.32 38.49 -2.72
C ALA B 400 -10.28 39.90 -2.16
N GLY B 401 -11.03 40.12 -1.09
CA GLY B 401 -11.20 41.44 -0.48
C GLY B 401 -12.66 41.85 -0.41
N LEU B 402 -13.49 41.25 -1.27
CA LEU B 402 -14.92 41.51 -1.29
C LEU B 402 -15.69 40.43 -0.54
N PRO B 403 -16.87 40.79 -0.01
CA PRO B 403 -17.75 39.77 0.55
C PRO B 403 -18.38 38.86 -0.51
N VAL B 404 -18.92 37.74 -0.05
CA VAL B 404 -19.59 36.79 -0.93
C VAL B 404 -20.76 37.48 -1.64
N VAL B 405 -21.58 38.19 -0.85
CA VAL B 405 -22.77 38.91 -1.33
C VAL B 405 -22.87 40.29 -0.70
N ASP B 406 -23.33 41.27 -1.48
CA ASP B 406 -23.64 42.60 -0.96
C ASP B 406 -25.01 42.64 -0.26
N ASP B 407 -26.04 42.12 -0.92
CA ASP B 407 -27.42 42.09 -0.38
C ASP B 407 -27.78 40.74 0.27
N TRP B 408 -27.60 40.64 1.58
CA TRP B 408 -27.90 39.40 2.31
C TRP B 408 -29.39 39.13 2.45
N ASP B 409 -30.22 40.17 2.47
CA ASP B 409 -31.67 39.97 2.51
C ASP B 409 -32.17 39.25 1.26
N CYS B 410 -31.65 39.64 0.10
CA CYS B 410 -31.88 38.97 -1.18
C CYS B 410 -31.33 37.54 -1.17
N PHE B 411 -30.09 37.40 -0.72
CA PHE B 411 -29.40 36.10 -0.61
C PHE B 411 -30.32 35.03 -0.03
N LYS B 412 -30.86 35.30 1.15
CA LYS B 412 -31.77 34.38 1.82
C LYS B 412 -33.06 34.12 1.04
N THR B 413 -33.65 35.18 0.47
CA THR B 413 -34.92 35.04 -0.26
C THR B 413 -34.77 34.20 -1.54
N LEU B 414 -33.62 34.31 -2.20
CA LEU B 414 -33.33 33.48 -3.39
C LEU B 414 -33.18 32.01 -3.06
N ILE B 415 -32.45 31.70 -2.00
CA ILE B 415 -32.32 30.32 -1.51
C ILE B 415 -33.70 29.78 -1.16
N ARG B 416 -34.48 30.56 -0.42
CA ARG B 416 -35.84 30.15 -0.07
C ARG B 416 -36.78 29.87 -1.25
N THR B 417 -36.77 30.74 -2.26
CA THR B 417 -37.66 30.57 -3.41
C THR B 417 -37.21 29.43 -4.32
N PHE B 418 -35.90 29.19 -4.35
CA PHE B 418 -35.37 27.98 -4.98
C PHE B 418 -35.94 26.75 -4.30
N GLU B 419 -35.88 26.76 -2.96
CA GLU B 419 -36.33 25.63 -2.14
C GLU B 419 -37.85 25.38 -2.18
N THR B 420 -38.63 26.47 -2.15
CA THR B 420 -40.11 26.37 -2.33
C THR B 420 -40.54 25.76 -3.66
N HIS B 421 -39.65 25.66 -4.64
CA HIS B 421 -39.97 24.96 -5.89
C HIS B 421 -39.20 23.66 -6.12
N CYS B 422 -37.96 23.61 -5.65
CA CYS B 422 -37.08 22.46 -5.84
C CYS B 422 -36.98 21.59 -4.64
N GLY B 423 -36.97 22.22 -3.48
CA GLY B 423 -36.93 21.52 -2.23
C GLY B 423 -35.83 22.06 -1.38
N SER B 424 -35.16 21.18 -0.65
CA SER B 424 -34.15 21.60 0.29
C SER B 424 -32.80 21.27 -0.30
N LEU B 425 -31.80 22.09 0.03
CA LEU B 425 -30.44 21.88 -0.46
C LEU B 425 -29.66 20.96 0.47
N SER B 426 -30.23 20.67 1.63
CA SER B 426 -29.61 19.85 2.65
C SER B 426 -28.17 20.29 2.95
N GLU B 427 -27.27 19.34 3.11
CA GLU B 427 -25.88 19.62 3.37
C GLU B 427 -25.05 19.49 2.09
N TYR B 428 -25.65 18.91 1.06
CA TYR B 428 -24.96 18.75 -0.21
C TYR B 428 -25.16 19.97 -1.10
N GLY B 429 -26.27 20.68 -0.92
CA GLY B 429 -26.60 21.81 -1.75
C GLY B 429 -25.90 23.06 -1.29
N MET B 430 -25.20 23.01 -0.15
CA MET B 430 -24.34 24.13 0.27
C MET B 430 -23.25 24.47 -0.75
N LYS B 431 -22.96 23.51 -1.64
CA LYS B 431 -22.03 23.68 -2.75
C LYS B 431 -22.47 24.77 -3.73
N HIS B 432 -23.76 25.04 -3.81
CA HIS B 432 -24.32 26.02 -4.74
C HIS B 432 -24.71 27.33 -4.08
N MET B 433 -24.32 27.53 -2.83
CA MET B 433 -24.69 28.76 -2.11
C MET B 433 -24.06 29.97 -2.78
N ARG B 434 -22.83 29.79 -3.25
CA ARG B 434 -22.16 30.80 -4.03
C ARG B 434 -22.92 31.09 -5.30
N SER B 435 -23.42 30.04 -5.96
CA SER B 435 -24.25 30.21 -7.16
C SER B 435 -25.35 31.23 -6.90
N PHE B 436 -26.03 31.10 -5.75
CA PHE B 436 -27.13 31.98 -5.36
C PHE B 436 -26.63 33.37 -5.00
N ALA B 437 -25.50 33.40 -4.33
CA ALA B 437 -24.76 34.64 -4.07
C ALA B 437 -24.51 35.47 -5.33
N ASN B 438 -23.85 34.86 -6.31
CA ASN B 438 -23.56 35.52 -7.58
C ASN B 438 -24.82 36.06 -8.26
N LEU B 439 -25.96 35.39 -8.07
CA LEU B 439 -27.23 35.85 -8.61
C LEU B 439 -27.66 37.12 -7.90
N CYS B 440 -27.61 37.14 -6.57
CA CYS B 440 -27.94 38.37 -5.82
C CYS B 440 -27.03 39.54 -6.18
N ASN B 441 -25.81 39.23 -6.64
CA ASN B 441 -24.87 40.25 -7.12
C ASN B 441 -25.12 40.65 -8.58
N ALA B 442 -25.60 39.71 -9.39
CA ALA B 442 -26.02 40.02 -10.75
C ALA B 442 -27.29 40.86 -10.83
N GLY B 443 -27.99 41.04 -9.70
CA GLY B 443 -29.21 41.85 -9.64
C GLY B 443 -30.44 41.04 -9.96
N ILE B 444 -30.48 39.80 -9.49
CA ILE B 444 -31.65 38.97 -9.68
C ILE B 444 -32.58 39.20 -8.49
N ARG B 445 -33.89 39.26 -8.74
CA ARG B 445 -34.87 39.47 -7.69
C ARG B 445 -35.86 38.30 -7.59
N LYS B 446 -36.41 38.11 -6.38
CA LYS B 446 -37.41 37.05 -6.13
C LYS B 446 -38.34 36.74 -7.29
N GLU B 447 -38.93 37.78 -7.90
CA GLU B 447 -39.91 37.61 -8.98
C GLU B 447 -39.34 36.93 -10.25
N GLN B 448 -38.03 37.08 -10.43
CA GLN B 448 -37.29 36.53 -11.58
C GLN B 448 -36.80 35.10 -11.32
N MET B 449 -36.26 34.89 -10.11
CA MET B 449 -35.86 33.55 -9.66
C MET B 449 -37.07 32.62 -9.60
N ALA B 450 -38.13 33.06 -8.94
CA ALA B 450 -39.37 32.26 -8.81
C ALA B 450 -39.89 31.71 -10.14
N GLU B 451 -39.81 32.50 -11.22
CA GLU B 451 -40.23 32.07 -12.55
C GLU B 451 -39.27 31.04 -13.12
N ALA B 452 -37.98 31.28 -12.91
CA ALA B 452 -36.91 30.39 -13.37
C ALA B 452 -36.91 29.06 -12.60
N SER B 453 -36.99 29.14 -11.28
CA SER B 453 -37.03 27.96 -10.43
C SER B 453 -38.32 27.12 -10.59
N ALA B 454 -39.40 27.71 -11.08
CA ALA B 454 -40.65 26.96 -11.36
C ALA B 454 -40.67 26.26 -12.71
N GLN B 455 -39.73 26.60 -13.60
CA GLN B 455 -39.75 26.12 -15.00
C GLN B 455 -38.84 24.94 -15.21
N ALA B 456 -37.67 24.97 -14.58
CA ALA B 456 -36.76 23.82 -14.52
C ALA B 456 -37.28 22.74 -13.63
N CYS B 457 -37.90 23.15 -12.53
CA CYS B 457 -37.94 22.34 -11.35
C CYS B 457 -39.38 22.38 -10.79
N VAL B 458 -40.28 21.81 -11.59
CA VAL B 458 -41.74 21.84 -11.36
C VAL B 458 -42.18 20.88 -10.27
N SER B 459 -41.47 19.76 -10.17
CA SER B 459 -41.68 18.74 -9.16
C SER B 459 -40.62 18.86 -8.09
N ILE B 460 -41.03 18.70 -6.85
CA ILE B 460 -40.06 18.41 -5.78
C ILE B 460 -39.95 16.90 -5.67
N PRO B 461 -38.76 16.33 -5.90
CA PRO B 461 -38.68 14.87 -5.86
C PRO B 461 -39.02 14.36 -4.47
N ASP B 462 -39.70 13.23 -4.43
CA ASP B 462 -39.99 12.54 -3.18
C ASP B 462 -38.72 11.86 -2.65
N ASN B 463 -37.86 12.65 -2.01
CA ASN B 463 -36.69 12.12 -1.32
C ASN B 463 -36.71 12.61 0.11
N PRO B 464 -36.05 11.86 1.01
CA PRO B 464 -35.98 12.31 2.40
C PRO B 464 -35.18 13.61 2.59
N TRP B 465 -34.24 13.89 1.70
CA TRP B 465 -33.42 15.09 1.79
C TRP B 465 -34.08 16.25 1.07
N SER B 466 -35.15 15.98 0.34
CA SER B 466 -35.89 17.01 -0.39
C SER B 466 -37.11 17.48 0.39
N SER B 467 -37.23 17.03 1.64
CA SER B 467 -38.34 17.41 2.50
C SER B 467 -38.15 18.80 3.06
N LEU B 468 -39.26 19.47 3.38
CA LEU B 468 -39.21 20.82 3.96
C LEU B 468 -39.65 20.80 5.41
N HIS B 469 -39.80 19.60 5.98
CA HIS B 469 -40.20 19.48 7.38
C HIS B 469 -39.13 20.14 8.24
N ALA B 470 -39.48 21.28 8.84
CA ALA B 470 -38.52 22.12 9.57
C ALA B 470 -37.28 22.37 8.69
N GLY B 471 -37.51 23.04 7.56
CA GLY B 471 -36.54 23.12 6.48
C GLY B 471 -36.16 24.55 6.17
N PHE B 472 -36.09 24.88 4.89
CA PHE B 472 -35.69 26.21 4.44
C PHE B 472 -34.33 26.54 5.02
N SER B 473 -33.30 25.89 4.50
CA SER B 473 -31.90 26.23 4.84
C SER B 473 -31.61 27.73 4.71
N THR C 37 19.71 -8.67 -44.87
CA THR C 37 19.43 -9.49 -43.64
C THR C 37 19.45 -8.66 -42.36
N ARG C 38 18.65 -9.08 -41.38
CA ARG C 38 18.56 -8.39 -40.10
C ARG C 38 19.24 -9.18 -39.00
N TRP C 39 20.31 -8.62 -38.44
CA TRP C 39 21.10 -9.30 -37.40
C TRP C 39 20.86 -8.64 -36.06
N ALA C 40 21.29 -9.34 -35.02
CA ALA C 40 21.19 -8.84 -33.67
C ALA C 40 22.27 -9.40 -32.76
N VAL C 41 22.81 -8.54 -31.91
CA VAL C 41 23.83 -8.96 -30.95
C VAL C 41 23.35 -8.62 -29.54
N LEU C 42 23.03 -9.64 -28.76
CA LEU C 42 22.54 -9.46 -27.40
C LEU C 42 23.66 -9.74 -26.41
N VAL C 43 23.76 -8.96 -25.34
CA VAL C 43 24.85 -9.11 -24.36
C VAL C 43 24.34 -8.92 -22.95
N ALA C 44 24.67 -9.89 -22.09
CA ALA C 44 24.36 -9.84 -20.67
C ALA C 44 25.69 -9.79 -19.94
N GLY C 45 26.10 -8.56 -19.59
CA GLY C 45 27.45 -8.31 -19.08
C GLY C 45 27.78 -8.83 -17.69
N SER C 46 26.86 -9.52 -17.04
CA SER C 46 27.01 -9.87 -15.64
C SER C 46 26.75 -11.34 -15.41
N LYS C 47 27.16 -11.79 -14.22
CA LYS C 47 26.92 -13.15 -13.76
C LYS C 47 26.44 -13.16 -12.30
N GLY C 48 26.11 -14.35 -11.82
CA GLY C 48 25.56 -14.54 -10.48
C GLY C 48 24.06 -14.37 -10.44
N TYR C 49 23.42 -15.05 -9.49
CA TYR C 49 21.96 -15.04 -9.37
C TYR C 49 21.42 -13.64 -9.09
N VAL C 50 22.21 -12.85 -8.37
CA VAL C 50 21.90 -11.44 -8.08
C VAL C 50 21.43 -10.68 -9.31
N ASN C 51 22.17 -10.87 -10.41
CA ASN C 51 21.94 -10.16 -11.66
C ASN C 51 21.08 -10.93 -12.68
N TYR C 52 20.18 -11.78 -12.15
CA TYR C 52 19.05 -12.40 -12.86
C TYR C 52 18.43 -11.42 -13.83
N ARG C 53 18.31 -10.17 -13.37
CA ARG C 53 17.87 -9.03 -14.17
C ARG C 53 18.36 -9.08 -15.59
N HIS C 54 19.68 -9.05 -15.75
CA HIS C 54 20.32 -8.79 -17.02
C HIS C 54 20.06 -9.87 -18.05
N GLN C 55 20.19 -11.13 -17.65
CA GLN C 55 19.97 -12.23 -18.57
C GLN C 55 18.50 -12.38 -18.95
N ALA C 56 17.64 -12.23 -17.97
CA ALA C 56 16.20 -12.17 -18.23
C ALA C 56 15.81 -11.12 -19.28
N ASP C 57 16.53 -9.99 -19.34
CA ASP C 57 16.30 -8.97 -20.36
C ASP C 57 16.70 -9.46 -21.75
N VAL C 58 17.88 -10.07 -21.82
CA VAL C 58 18.41 -10.65 -23.06
C VAL C 58 17.54 -11.80 -23.58
N CYS C 59 17.01 -12.62 -22.68
CA CYS C 59 16.05 -13.65 -23.06
C CYS C 59 14.81 -13.04 -23.70
N HIS C 60 14.22 -12.06 -23.03
CA HIS C 60 13.05 -11.34 -23.52
C HIS C 60 13.30 -10.75 -24.90
N ALA C 61 14.46 -10.08 -25.03
CA ALA C 61 14.86 -9.48 -26.30
C ALA C 61 14.92 -10.50 -27.45
N TYR C 62 15.47 -11.68 -27.19
CA TYR C 62 15.50 -12.75 -28.20
C TYR C 62 14.10 -13.20 -28.58
N GLN C 63 13.19 -13.31 -27.61
CA GLN C 63 11.82 -13.71 -27.89
C GLN C 63 11.11 -12.75 -28.83
N ILE C 64 11.28 -11.45 -28.56
CA ILE C 64 10.73 -10.40 -29.43
C ILE C 64 11.22 -10.48 -30.87
N LEU C 65 12.53 -10.70 -31.03
CA LEU C 65 13.14 -10.79 -32.36
C LEU C 65 12.70 -12.07 -33.08
N LYS C 66 12.60 -13.17 -32.35
CA LYS C 66 12.15 -14.43 -32.90
C LYS C 66 10.73 -14.32 -33.46
N LYS C 67 9.82 -13.82 -32.63
CA LYS C 67 8.42 -13.51 -33.04
C LYS C 67 8.38 -12.56 -34.22
N GLY C 68 9.28 -11.58 -34.20
CA GLY C 68 9.40 -10.62 -35.26
C GLY C 68 9.89 -11.12 -36.60
N GLY C 69 10.52 -12.28 -36.62
CA GLY C 69 10.88 -12.95 -37.86
C GLY C 69 12.37 -13.15 -38.09
N LEU C 70 13.21 -12.65 -37.20
CA LEU C 70 14.66 -12.80 -37.34
C LEU C 70 15.09 -14.25 -37.16
N LYS C 71 16.10 -14.65 -37.94
CA LYS C 71 16.58 -16.04 -37.98
C LYS C 71 17.61 -16.22 -36.87
N ASP C 72 17.53 -17.33 -36.14
CA ASP C 72 18.54 -17.69 -35.10
C ASP C 72 19.98 -17.51 -35.60
N GLU C 73 20.28 -18.00 -36.79
CA GLU C 73 21.58 -17.79 -37.44
C GLU C 73 22.11 -16.34 -37.40
N ASN C 74 21.23 -15.34 -37.46
CA ASN C 74 21.62 -13.91 -37.33
C ASN C 74 21.40 -13.28 -35.97
N ILE C 75 21.27 -14.09 -34.93
CA ILE C 75 21.09 -13.58 -33.58
C ILE C 75 22.16 -14.22 -32.70
N ILE C 76 23.12 -13.40 -32.30
CA ILE C 76 24.22 -13.84 -31.48
C ILE C 76 23.93 -13.47 -30.04
N VAL C 77 23.88 -14.48 -29.17
CA VAL C 77 23.49 -14.28 -27.78
C VAL C 77 24.69 -14.56 -26.89
N PHE C 78 25.06 -13.54 -26.11
CA PHE C 78 26.09 -13.59 -25.07
C PHE C 78 25.35 -13.60 -23.74
N MET C 79 25.27 -14.75 -23.07
CA MET C 79 24.68 -14.82 -21.73
C MET C 79 25.39 -15.85 -20.86
N TYR C 80 25.75 -15.49 -19.63
CA TYR C 80 26.44 -16.40 -18.74
C TYR C 80 25.37 -17.35 -18.28
N ASP C 81 25.39 -18.58 -18.74
CA ASP C 81 24.27 -19.49 -18.48
C ASP C 81 24.32 -20.04 -17.02
N ASP C 82 23.90 -19.21 -16.07
CA ASP C 82 23.95 -19.55 -14.64
C ASP C 82 22.72 -19.13 -13.83
N ILE C 83 21.63 -18.83 -14.52
CA ILE C 83 20.37 -18.36 -13.91
C ILE C 83 19.26 -19.41 -14.03
N ALA C 84 19.08 -19.92 -15.25
CA ALA C 84 18.11 -20.97 -15.55
C ALA C 84 18.13 -22.12 -14.54
N TYR C 85 19.32 -22.71 -14.33
CA TYR C 85 19.50 -23.85 -13.42
C TYR C 85 20.41 -23.49 -12.24
N ASN C 86 20.12 -22.34 -11.61
CA ASN C 86 20.79 -21.95 -10.40
C ASN C 86 20.12 -22.63 -9.22
N GLU C 87 20.90 -22.89 -8.18
CA GLU C 87 20.37 -23.48 -6.95
C GLU C 87 19.37 -22.55 -6.27
N SER C 88 19.57 -21.24 -6.38
CA SER C 88 18.63 -20.26 -5.82
C SER C 88 17.35 -20.03 -6.64
N ASN C 89 17.28 -20.55 -7.87
CA ASN C 89 16.08 -20.37 -8.73
C ASN C 89 14.95 -21.26 -8.22
N PRO C 90 13.80 -20.67 -7.87
CA PRO C 90 12.66 -21.49 -7.44
C PRO C 90 12.00 -22.32 -8.56
N HIS C 91 12.14 -21.89 -9.81
CA HIS C 91 11.54 -22.60 -10.95
C HIS C 91 12.62 -22.96 -11.97
N PRO C 92 13.35 -24.06 -11.71
CA PRO C 92 14.40 -24.51 -12.62
C PRO C 92 13.95 -24.57 -14.08
N GLY C 93 14.81 -24.09 -14.98
CA GLY C 93 14.53 -24.06 -16.42
C GLY C 93 13.69 -22.89 -16.92
N VAL C 94 13.22 -22.02 -16.02
CA VAL C 94 12.44 -20.85 -16.43
C VAL C 94 13.05 -19.57 -15.88
N ILE C 95 13.04 -18.56 -16.74
CA ILE C 95 13.42 -17.20 -16.41
C ILE C 95 12.25 -16.30 -16.82
N ILE C 96 11.91 -15.33 -15.97
CA ILE C 96 10.83 -14.38 -16.23
C ILE C 96 11.37 -12.96 -16.21
N ASN C 97 10.75 -12.08 -16.99
CA ASN C 97 11.13 -10.66 -17.06
C ASN C 97 9.97 -9.71 -16.71
N HIS C 98 8.97 -10.24 -16.00
CA HIS C 98 7.73 -9.54 -15.67
C HIS C 98 7.06 -10.24 -14.48
N PRO C 99 6.46 -9.47 -13.56
CA PRO C 99 5.83 -10.08 -12.39
C PRO C 99 4.78 -11.10 -12.77
N TYR C 100 3.93 -10.75 -13.72
CA TYR C 100 2.92 -11.65 -14.25
C TYR C 100 3.37 -12.26 -15.57
N GLY C 101 4.68 -12.39 -15.74
CA GLY C 101 5.24 -12.92 -16.96
C GLY C 101 5.34 -14.43 -16.90
N SER C 102 5.49 -15.01 -18.08
CA SER C 102 5.75 -16.43 -18.21
C SER C 102 7.19 -16.55 -18.69
N ASP C 103 7.64 -17.78 -18.92
CA ASP C 103 9.03 -18.07 -19.28
C ASP C 103 9.47 -17.30 -20.52
N VAL C 104 10.73 -16.86 -20.51
CA VAL C 104 11.44 -16.33 -21.70
C VAL C 104 12.76 -17.05 -22.05
N TYR C 105 13.19 -18.00 -21.22
CA TYR C 105 14.46 -18.72 -21.41
C TYR C 105 14.45 -19.79 -22.49
N LYS C 106 13.32 -20.47 -22.68
CA LYS C 106 13.26 -21.59 -23.63
C LYS C 106 13.50 -21.10 -25.05
N GLY C 107 14.40 -21.78 -25.76
CA GLY C 107 14.63 -21.54 -27.19
C GLY C 107 15.65 -20.47 -27.50
N VAL C 108 16.24 -19.87 -26.47
CA VAL C 108 17.22 -18.81 -26.64
C VAL C 108 18.55 -19.48 -26.95
N PRO C 109 19.23 -19.07 -28.04
CA PRO C 109 20.51 -19.68 -28.36
C PRO C 109 21.59 -19.33 -27.34
N LYS C 110 22.63 -20.15 -27.33
CA LYS C 110 23.75 -20.01 -26.42
C LYS C 110 25.02 -20.02 -27.25
N ASP C 111 25.34 -18.87 -27.84
CA ASP C 111 26.54 -18.75 -28.67
C ASP C 111 27.82 -18.60 -27.84
N TYR C 112 27.78 -17.69 -26.88
CA TYR C 112 28.90 -17.46 -25.97
C TYR C 112 28.41 -17.43 -24.53
N VAL C 113 28.75 -18.49 -23.78
CA VAL C 113 28.33 -18.66 -22.40
C VAL C 113 29.56 -18.84 -21.51
N GLY C 114 29.33 -18.75 -20.20
CA GLY C 114 30.38 -18.92 -19.20
C GLY C 114 31.48 -17.88 -19.35
N GLU C 115 32.72 -18.30 -19.20
CA GLU C 115 33.85 -17.37 -19.22
C GLU C 115 34.24 -16.84 -20.60
N ASP C 116 33.56 -17.31 -21.64
CA ASP C 116 33.84 -16.90 -23.02
C ASP C 116 33.30 -15.52 -23.33
N ILE C 117 32.44 -15.01 -22.46
CA ILE C 117 31.91 -13.66 -22.60
C ILE C 117 32.96 -12.65 -22.09
N ASN C 118 33.90 -12.31 -22.97
CA ASN C 118 34.95 -11.31 -22.70
C ASN C 118 35.02 -10.34 -23.89
N PRO C 119 35.57 -9.12 -23.68
CA PRO C 119 35.62 -8.12 -24.77
C PRO C 119 36.25 -8.59 -26.08
N PRO C 120 37.40 -9.29 -26.03
CA PRO C 120 37.98 -9.85 -27.26
C PRO C 120 37.00 -10.69 -28.10
N ASN C 121 36.27 -11.59 -27.45
CA ASN C 121 35.22 -12.37 -28.13
C ASN C 121 34.07 -11.51 -28.66
N PHE C 122 33.59 -10.56 -27.85
CA PHE C 122 32.59 -9.60 -28.29
C PHE C 122 33.10 -8.78 -29.48
N TYR C 123 34.35 -8.31 -29.40
CA TYR C 123 34.96 -7.52 -30.48
C TYR C 123 35.18 -8.33 -31.76
N ALA C 124 35.63 -9.58 -31.61
CA ALA C 124 35.82 -10.48 -32.76
C ALA C 124 34.48 -10.83 -33.40
N VAL C 125 33.47 -11.07 -32.57
CA VAL C 125 32.12 -11.30 -33.07
C VAL C 125 31.57 -10.09 -33.81
N LEU C 126 31.86 -8.89 -33.34
CA LEU C 126 31.42 -7.66 -34.01
C LEU C 126 32.13 -7.45 -35.35
N LEU C 127 33.42 -7.76 -35.40
CA LEU C 127 34.22 -7.64 -36.62
C LEU C 127 34.22 -8.89 -37.51
N ALA C 128 33.31 -9.82 -37.24
CA ALA C 128 33.17 -11.04 -38.06
C ALA C 128 34.47 -11.85 -38.19
N ASN C 129 35.26 -11.89 -37.13
CA ASN C 129 36.57 -12.53 -37.15
C ASN C 129 36.61 -13.81 -36.32
N LYS C 130 36.07 -14.88 -36.89
CA LYS C 130 36.05 -16.22 -36.26
C LYS C 130 37.45 -16.74 -35.89
N SER C 131 38.45 -16.36 -36.68
CA SER C 131 39.82 -16.78 -36.42
C SER C 131 40.40 -16.32 -35.08
N ALA C 132 39.82 -15.27 -34.49
CA ALA C 132 40.28 -14.74 -33.19
C ALA C 132 39.24 -14.93 -32.09
N LEU C 133 38.81 -16.17 -31.90
CA LEU C 133 37.93 -16.48 -30.78
C LEU C 133 38.58 -17.52 -29.89
N THR C 134 38.32 -17.39 -28.60
CA THR C 134 38.89 -18.28 -27.60
C THR C 134 37.75 -18.83 -26.76
N GLY C 135 37.66 -20.17 -26.72
CA GLY C 135 36.76 -20.88 -25.82
C GLY C 135 35.77 -21.77 -26.55
N THR C 136 34.84 -22.35 -25.80
CA THR C 136 33.82 -23.24 -26.34
C THR C 136 32.66 -22.44 -26.92
N GLY C 137 32.94 -21.57 -27.88
CA GLY C 137 31.93 -20.71 -28.50
C GLY C 137 31.27 -21.40 -29.69
N SER C 138 30.11 -20.89 -30.11
CA SER C 138 29.42 -21.43 -31.29
C SER C 138 30.17 -21.08 -32.56
N GLY C 139 30.84 -19.94 -32.56
CA GLY C 139 31.55 -19.43 -33.74
C GLY C 139 30.70 -18.50 -34.57
N LYS C 140 29.50 -18.14 -34.10
CA LYS C 140 28.57 -17.28 -34.80
C LYS C 140 29.09 -15.85 -34.70
N VAL C 141 29.23 -15.18 -35.83
CA VAL C 141 29.80 -13.82 -35.86
C VAL C 141 28.92 -12.92 -36.70
N LEU C 142 29.19 -11.62 -36.62
CA LEU C 142 28.42 -10.63 -37.35
C LEU C 142 28.96 -10.51 -38.77
N ASP C 143 28.76 -11.59 -39.55
CA ASP C 143 29.24 -11.68 -40.91
C ASP C 143 28.20 -11.02 -41.81
N SER C 144 28.13 -9.70 -41.69
CA SER C 144 27.13 -8.90 -42.39
C SER C 144 27.78 -8.08 -43.51
N GLY C 145 26.93 -7.60 -44.41
CA GLY C 145 27.36 -6.83 -45.57
C GLY C 145 26.76 -5.44 -45.55
N PRO C 146 26.97 -4.67 -46.63
CA PRO C 146 26.51 -3.28 -46.70
C PRO C 146 25.00 -3.04 -46.87
N ASN C 147 24.21 -4.08 -47.11
CA ASN C 147 22.73 -3.94 -47.10
C ASN C 147 22.04 -4.40 -45.81
N ASP C 148 22.82 -4.80 -44.81
CA ASP C 148 22.29 -5.36 -43.58
C ASP C 148 22.10 -4.30 -42.49
N HIS C 149 21.12 -4.54 -41.64
CA HIS C 149 20.86 -3.71 -40.46
C HIS C 149 21.16 -4.58 -39.24
N VAL C 150 21.75 -3.98 -38.20
CA VAL C 150 22.03 -4.72 -36.95
C VAL C 150 21.48 -4.00 -35.73
N PHE C 151 20.98 -4.79 -34.79
CA PHE C 151 20.46 -4.30 -33.53
C PHE C 151 21.29 -4.91 -32.41
N ILE C 152 22.10 -4.07 -31.77
CA ILE C 152 22.95 -4.52 -30.68
C ILE C 152 22.37 -4.01 -29.36
N TYR C 153 22.17 -4.94 -28.43
CA TYR C 153 21.61 -4.60 -27.13
C TYR C 153 22.41 -5.27 -26.01
N TYR C 154 23.00 -4.45 -25.14
CA TYR C 154 23.80 -4.95 -24.03
C TYR C 154 23.39 -4.28 -22.72
N THR C 155 23.21 -5.09 -21.68
CA THR C 155 22.81 -4.59 -20.38
C THR C 155 23.48 -5.39 -19.26
N1 SNN C 156 26.00 -4.18 -15.68
C SNN C 156 24.73 -4.35 -15.96
CA SNN C 156 24.63 -5.28 -17.10
N SNN C 156 23.96 -4.65 -18.21
C4 SNN C 156 26.09 -5.59 -17.42
C5 SNN C 156 26.84 -4.81 -16.44
O SNN C 156 23.76 -3.86 -15.39
O5 SNN C 156 28.05 -4.74 -16.39
CA HIS C 157 26.22 -2.81 -14.97
C HIS C 157 27.09 -2.04 -15.95
N GLY C 158 27.67 -1.01 -15.41
CA GLY C 158 28.53 -0.09 -16.19
C GLY C 158 29.00 1.10 -15.38
N GLY C 159 30.14 1.65 -15.77
CA GLY C 159 30.70 2.81 -15.08
C GLY C 159 30.93 3.97 -16.03
N ALA C 160 31.89 4.82 -15.67
CA ALA C 160 32.23 5.99 -16.48
C ALA C 160 32.97 5.57 -17.74
N GLY C 161 32.23 5.46 -18.85
CA GLY C 161 32.80 5.09 -20.13
C GLY C 161 33.34 3.66 -20.11
N VAL C 162 32.63 2.77 -19.43
CA VAL C 162 32.99 1.36 -19.36
C VAL C 162 31.79 0.50 -18.97
N LEU C 163 31.58 -0.59 -19.70
CA LEU C 163 30.47 -1.51 -19.43
C LEU C 163 30.98 -2.75 -18.71
N GLY C 164 30.13 -3.33 -17.86
CA GLY C 164 30.52 -4.51 -17.12
C GLY C 164 30.52 -5.73 -18.01
N MET C 165 31.45 -6.64 -17.71
CA MET C 165 31.53 -7.93 -18.39
C MET C 165 31.56 -9.03 -17.32
N PRO C 166 31.25 -10.27 -17.71
CA PRO C 166 31.21 -11.27 -16.66
C PRO C 166 32.57 -11.84 -16.28
N SER C 167 33.62 -11.44 -16.99
CA SER C 167 34.93 -11.94 -16.69
C SER C 167 35.95 -10.88 -17.06
N LYS C 168 36.62 -10.36 -16.05
CA LYS C 168 37.56 -9.24 -16.19
C LYS C 168 38.62 -9.57 -17.22
N PRO C 169 39.00 -8.64 -18.10
CA PRO C 169 38.74 -7.21 -18.01
C PRO C 169 37.36 -6.78 -18.47
N TYR C 170 37.14 -5.49 -18.52
CA TYR C 170 35.87 -4.97 -19.00
C TYR C 170 36.03 -4.30 -20.35
N ILE C 171 34.91 -3.86 -20.87
CA ILE C 171 34.82 -3.13 -22.12
C ILE C 171 35.06 -1.66 -21.83
N ALA C 172 36.17 -1.12 -22.33
CA ALA C 172 36.44 0.32 -22.28
C ALA C 172 35.84 1.02 -23.49
N ALA C 173 35.40 2.26 -23.28
CA ALA C 173 34.75 3.04 -24.35
C ALA C 173 35.67 3.30 -25.53
N SER C 174 36.94 3.57 -25.24
CA SER C 174 37.95 3.79 -26.28
C SER C 174 38.08 2.58 -27.19
N ASP C 175 38.26 1.41 -26.58
CA ASP C 175 38.34 0.15 -27.33
C ASP C 175 37.04 -0.19 -28.04
N LEU C 176 35.91 0.12 -27.43
CA LEU C 176 34.63 -0.14 -28.08
C LEU C 176 34.52 0.71 -29.36
N ASN C 177 34.69 2.01 -29.21
CA ASN C 177 34.48 2.94 -30.33
C ASN C 177 35.48 2.78 -31.44
N ASP C 178 36.70 2.35 -31.09
CA ASP C 178 37.68 1.99 -32.10
C ASP C 178 37.20 0.81 -32.97
N VAL C 179 36.56 -0.17 -32.35
CA VAL C 179 35.95 -1.29 -33.09
C VAL C 179 34.79 -0.81 -33.98
N LEU C 180 33.97 0.11 -33.49
CA LEU C 180 32.90 0.69 -34.32
C LEU C 180 33.42 1.57 -35.46
N LYS C 181 34.53 2.27 -35.21
CA LYS C 181 35.25 3.00 -36.27
C LYS C 181 35.83 2.08 -37.32
N LYS C 182 36.31 0.91 -36.90
CA LYS C 182 36.83 -0.11 -37.80
C LYS C 182 35.72 -0.77 -38.61
N LYS C 183 34.60 -1.06 -37.97
CA LYS C 183 33.44 -1.66 -38.64
C LYS C 183 32.90 -0.74 -39.75
N HIS C 184 32.77 0.54 -39.45
CA HIS C 184 32.32 1.56 -40.40
C HIS C 184 33.21 1.67 -41.64
N ALA C 185 34.51 1.67 -41.42
CA ALA C 185 35.50 1.69 -42.51
C ALA C 185 35.37 0.48 -43.45
N SER C 186 35.11 -0.70 -42.89
CA SER C 186 34.92 -1.91 -43.69
C SER C 186 33.65 -1.87 -44.54
N GLY C 187 32.68 -1.07 -44.12
CA GLY C 187 31.46 -0.84 -44.89
C GLY C 187 30.63 -2.10 -45.03
N THR C 188 30.45 -2.81 -43.91
CA THR C 188 29.71 -4.09 -43.85
C THR C 188 28.42 -3.96 -43.03
N TYR C 189 27.83 -2.77 -43.07
CA TYR C 189 26.56 -2.46 -42.45
C TYR C 189 25.99 -1.16 -43.03
N LYS C 190 24.68 -1.13 -43.18
CA LYS C 190 23.97 0.08 -43.57
C LYS C 190 23.69 0.95 -42.34
N SER C 191 23.05 0.33 -41.34
CA SER C 191 22.56 1.00 -40.13
C SER C 191 22.76 0.12 -38.90
N ILE C 192 23.12 0.73 -37.77
CA ILE C 192 23.31 0.01 -36.50
C ILE C 192 22.59 0.71 -35.36
N VAL C 193 21.52 0.13 -34.85
CA VAL C 193 20.93 0.59 -33.60
C VAL C 193 21.62 -0.15 -32.47
N PHE C 194 22.07 0.59 -31.47
CA PHE C 194 22.74 0.02 -30.30
C PHE C 194 22.03 0.50 -29.03
N TYR C 195 21.37 -0.42 -28.33
CA TYR C 195 20.66 -0.12 -27.09
C TYR C 195 21.53 -0.57 -25.92
N VAL C 196 21.58 0.26 -24.89
CA VAL C 196 22.50 0.09 -23.76
C VAL C 196 21.81 0.32 -22.44
N GLU C 197 21.85 -0.70 -21.59
CA GLU C 197 21.34 -0.59 -20.22
C GLU C 197 22.52 -0.72 -19.28
N SER C 198 23.04 0.42 -18.83
CA SER C 198 24.07 0.46 -17.79
C SER C 198 24.18 1.83 -17.15
N CYS C 199 24.76 1.87 -15.96
CA CYS C 199 25.02 3.12 -15.28
C CYS C 199 26.06 3.92 -16.08
N GLU C 200 25.79 5.22 -16.18
CA GLU C 200 26.65 6.14 -16.95
C GLU C 200 26.81 5.70 -18.41
N SER C 201 25.77 5.12 -19.00
CA SER C 201 25.87 4.54 -20.37
C SER C 201 26.18 5.56 -21.46
N GLY C 202 25.72 6.80 -21.26
CA GLY C 202 26.04 7.92 -22.15
C GLY C 202 27.53 8.16 -22.29
N SER C 203 28.26 7.96 -21.20
CA SER C 203 29.71 8.10 -21.15
C SER C 203 30.48 7.19 -22.11
N MET C 204 29.84 6.11 -22.57
CA MET C 204 30.46 5.21 -23.55
C MET C 204 30.59 5.81 -24.94
N PHE C 205 29.70 6.73 -25.30
CA PHE C 205 29.67 7.33 -26.63
C PHE C 205 29.88 8.82 -26.68
N ASP C 206 29.82 9.49 -25.53
CA ASP C 206 29.81 10.95 -25.50
C ASP C 206 31.22 11.42 -25.80
N GLY C 207 31.38 12.22 -26.84
CA GLY C 207 32.69 12.66 -27.31
C GLY C 207 33.59 11.59 -27.92
N LEU C 208 33.01 10.51 -28.42
CA LEU C 208 33.77 9.39 -28.99
C LEU C 208 33.11 8.85 -30.25
N LEU C 209 31.83 8.50 -30.16
CA LEU C 209 31.03 8.04 -31.32
C LEU C 209 30.75 9.16 -32.31
N PRO C 210 31.23 9.03 -33.58
CA PRO C 210 30.89 10.05 -34.57
C PRO C 210 29.44 9.98 -35.05
N GLU C 211 28.87 11.14 -35.35
CA GLU C 211 27.46 11.22 -35.70
C GLU C 211 27.18 11.04 -37.16
N ASP C 212 28.15 10.55 -37.91
CA ASP C 212 27.95 10.35 -39.32
C ASP C 212 28.55 9.02 -39.65
N HIS C 213 28.13 8.02 -38.89
CA HIS C 213 28.64 6.70 -39.10
C HIS C 213 27.51 5.75 -39.11
N ASN C 214 26.31 6.27 -39.31
CA ASN C 214 25.16 5.40 -39.35
C ASN C 214 25.07 4.47 -38.11
N ILE C 215 25.32 5.03 -36.94
CA ILE C 215 25.12 4.31 -35.68
C ILE C 215 24.27 5.19 -34.75
N TYR C 216 23.07 4.72 -34.42
CA TYR C 216 22.16 5.38 -33.47
C TYR C 216 22.19 4.66 -32.13
N VAL C 217 22.33 5.43 -31.06
CA VAL C 217 22.44 4.87 -29.69
C VAL C 217 21.29 5.33 -28.80
N MET C 218 20.82 4.43 -27.94
CA MET C 218 19.78 4.77 -26.97
C MET C 218 20.18 4.23 -25.60
N GLY C 219 20.90 5.06 -24.86
CA GLY C 219 21.26 4.72 -23.49
C GLY C 219 20.15 4.91 -22.48
N ALA C 220 20.27 4.17 -21.37
CA ALA C 220 19.37 4.28 -20.22
C ALA C 220 19.70 5.42 -19.28
N SER C 221 20.94 5.92 -19.35
CA SER C 221 21.42 6.98 -18.46
C SER C 221 22.53 7.77 -19.13
N ASP C 222 22.67 9.05 -18.79
CA ASP C 222 23.71 9.92 -19.38
C ASP C 222 25.01 9.77 -18.60
N THR C 223 26.04 10.53 -18.99
CA THR C 223 27.37 10.50 -18.38
C THR C 223 27.33 11.09 -16.97
N GLY C 224 27.01 10.26 -15.99
CA GLY C 224 26.95 10.68 -14.58
C GLY C 224 25.72 10.28 -13.80
N GLU C 225 24.91 9.38 -14.36
CA GLU C 225 23.60 9.05 -13.83
C GLU C 225 23.49 7.54 -13.77
N SER C 226 22.70 7.03 -12.81
CA SER C 226 22.52 5.60 -12.62
C SER C 226 21.38 5.08 -13.48
N SER C 227 21.38 3.77 -13.77
CA SER C 227 20.23 3.08 -14.33
C SER C 227 19.50 2.37 -13.21
N TRP C 228 18.24 2.02 -13.46
CA TRP C 228 17.30 1.59 -12.42
C TRP C 228 16.75 0.25 -12.73
N VAL C 229 16.09 -0.32 -11.72
CA VAL C 229 15.58 -1.67 -11.81
C VAL C 229 14.19 -1.76 -11.22
N THR C 230 13.31 -2.42 -11.96
CA THR C 230 11.92 -2.54 -11.58
C THR C 230 11.69 -3.99 -11.21
N TYR C 231 10.47 -4.32 -10.80
CA TYR C 231 10.06 -5.72 -10.56
C TYR C 231 10.95 -6.38 -9.50
N CYS C 232 11.11 -5.71 -8.38
CA CYS C 232 11.87 -6.18 -7.22
C CYS C 232 10.91 -6.79 -6.17
N PRO C 233 11.45 -7.56 -5.20
CA PRO C 233 10.66 -8.20 -4.15
C PRO C 233 9.58 -7.35 -3.47
N LEU C 234 9.85 -6.08 -3.23
CA LEU C 234 8.92 -5.19 -2.50
C LEU C 234 8.60 -3.92 -3.34
N GLN C 235 7.64 -4.01 -4.25
CA GLN C 235 7.38 -2.90 -5.22
C GLN C 235 5.90 -2.78 -5.59
N HIS C 236 5.58 -1.74 -6.39
CA HIS C 236 4.25 -1.60 -7.03
C HIS C 236 3.94 -2.90 -7.80
N PRO C 237 4.74 -3.25 -8.84
CA PRO C 237 4.51 -4.52 -9.50
C PRO C 237 5.48 -5.60 -9.00
N SER C 238 5.29 -6.10 -7.79
CA SER C 238 6.21 -7.11 -7.22
C SER C 238 6.04 -8.48 -7.91
N PRO C 239 7.16 -9.21 -8.17
CA PRO C 239 7.13 -10.53 -8.79
C PRO C 239 6.64 -11.60 -7.82
N PRO C 240 6.47 -12.85 -8.32
CA PRO C 240 5.92 -13.92 -7.47
C PRO C 240 6.76 -14.11 -6.20
N PRO C 241 6.11 -14.18 -5.00
CA PRO C 241 6.79 -14.25 -3.66
C PRO C 241 7.95 -15.24 -3.50
N GLU C 242 7.94 -16.34 -4.23
CA GLU C 242 9.03 -17.31 -4.27
C GLU C 242 10.33 -16.67 -4.73
N TYR C 243 10.22 -15.58 -5.51
CA TYR C 243 11.39 -14.87 -6.04
C TYR C 243 12.08 -13.97 -5.05
N ASP C 244 13.39 -14.00 -5.15
CA ASP C 244 14.32 -13.48 -4.20
C ASP C 244 15.04 -12.25 -4.74
N VAL C 245 14.79 -11.92 -6.01
CA VAL C 245 15.56 -10.94 -6.77
C VAL C 245 14.70 -10.13 -7.70
N CYS C 246 15.22 -8.97 -8.08
CA CYS C 246 14.60 -8.20 -9.13
C CYS C 246 14.74 -8.96 -10.46
N VAL C 247 13.64 -9.07 -11.17
CA VAL C 247 13.61 -9.78 -12.47
C VAL C 247 13.76 -8.91 -13.74
N GLY C 248 13.90 -7.60 -13.59
CA GLY C 248 14.04 -6.77 -14.78
C GLY C 248 14.51 -5.36 -14.51
N ASP C 249 15.23 -4.81 -15.48
CA ASP C 249 15.71 -3.44 -15.45
C ASP C 249 14.71 -2.48 -16.08
N LEU C 250 14.68 -1.24 -15.60
CA LEU C 250 13.60 -0.33 -15.95
C LEU C 250 13.60 0.05 -17.42
N PHE C 251 14.71 0.61 -17.90
CA PHE C 251 14.88 1.02 -19.30
C PHE C 251 14.65 -0.11 -20.26
N SER C 252 15.34 -1.22 -20.01
CA SER C 252 15.19 -2.43 -20.81
C SER C 252 13.73 -2.89 -20.89
N VAL C 253 13.13 -3.15 -19.73
CA VAL C 253 11.71 -3.52 -19.64
C VAL C 253 10.79 -2.56 -20.42
N ALA C 254 11.04 -1.25 -20.31
CA ALA C 254 10.23 -0.24 -21.00
C ALA C 254 10.14 -0.45 -22.51
N TRP C 255 11.28 -0.62 -23.16
CA TRP C 255 11.30 -0.88 -24.60
C TRP C 255 10.94 -2.31 -25.00
N LEU C 256 11.19 -3.25 -24.10
CA LEU C 256 10.84 -4.66 -24.34
C LEU C 256 9.33 -4.87 -24.37
N GLU C 257 8.62 -4.14 -23.51
CA GLU C 257 7.16 -4.25 -23.46
C GLU C 257 6.53 -3.52 -24.65
N ASP C 258 7.18 -2.45 -25.10
CA ASP C 258 6.70 -1.69 -26.24
C ASP C 258 6.80 -2.53 -27.51
N CYS C 259 7.95 -3.17 -27.72
CA CYS C 259 8.15 -4.15 -28.81
C CYS C 259 7.53 -5.53 -28.56
N ASP C 260 6.56 -5.61 -27.67
CA ASP C 260 5.94 -6.89 -27.35
C ASP C 260 4.53 -6.92 -27.95
N VAL C 261 3.93 -5.75 -28.06
CA VAL C 261 2.50 -5.63 -28.32
C VAL C 261 2.16 -4.46 -29.24
N HIS C 262 3.07 -4.13 -30.14
CA HIS C 262 2.88 -3.07 -31.13
C HIS C 262 3.32 -3.51 -32.51
N ASN C 263 2.59 -3.05 -33.52
CA ASN C 263 2.96 -3.24 -34.91
C ASN C 263 4.22 -2.44 -35.22
N LEU C 264 5.34 -3.14 -35.24
CA LEU C 264 6.62 -2.50 -35.52
C LEU C 264 6.70 -1.72 -36.84
N GLN C 265 5.79 -1.99 -37.78
CA GLN C 265 5.66 -1.18 -38.99
C GLN C 265 5.01 0.19 -38.77
N THR C 266 4.23 0.34 -37.70
CA THR C 266 3.56 1.61 -37.38
C THR C 266 4.23 2.40 -36.28
N GLU C 267 5.47 2.06 -35.93
CA GLU C 267 6.19 2.73 -34.84
C GLU C 267 7.66 2.95 -35.19
N THR C 268 8.10 4.18 -34.97
CA THR C 268 9.48 4.57 -35.25
C THR C 268 10.33 4.54 -33.97
N PHE C 269 11.65 4.61 -34.13
CA PHE C 269 12.61 4.66 -32.99
C PHE C 269 12.48 5.89 -32.12
N GLN C 270 12.13 7.04 -32.74
CA GLN C 270 11.95 8.28 -31.99
C GLN C 270 10.74 8.14 -31.06
N GLN C 271 9.69 7.51 -31.58
CA GLN C 271 8.48 7.28 -30.81
C GLN C 271 8.76 6.37 -29.62
N GLN C 272 9.44 5.25 -29.88
CA GLN C 272 9.89 4.35 -28.80
C GLN C 272 10.71 5.10 -27.74
N TYR C 273 11.59 5.99 -28.18
CA TYR C 273 12.38 6.83 -27.28
C TYR C 273 11.47 7.63 -26.35
N GLU C 274 10.43 8.24 -26.92
CA GLU C 274 9.43 9.02 -26.18
C GLU C 274 8.62 8.14 -25.24
N VAL C 275 8.28 6.94 -25.72
CA VAL C 275 7.59 5.93 -24.90
C VAL C 275 8.44 5.59 -23.67
N VAL C 276 9.69 5.21 -23.91
CA VAL C 276 10.62 4.83 -22.84
C VAL C 276 10.91 6.01 -21.89
N LYS C 277 11.05 7.20 -22.44
CA LYS C 277 11.21 8.41 -21.63
C LYS C 277 10.08 8.59 -20.61
N ASN C 278 8.84 8.36 -21.03
CA ASN C 278 7.68 8.43 -20.13
C ASN C 278 7.65 7.30 -19.09
N LYS C 279 8.18 6.14 -19.47
CA LYS C 279 8.15 4.97 -18.60
C LYS C 279 9.08 5.09 -17.43
N THR C 280 10.24 5.70 -17.65
CA THR C 280 11.10 6.06 -16.55
C THR C 280 10.36 7.17 -15.81
N ILE C 281 9.90 6.82 -14.62
CA ILE C 281 9.18 7.77 -13.76
C ILE C 281 10.11 8.33 -12.70
N VAL C 282 11.40 7.99 -12.78
CA VAL C 282 12.41 8.46 -11.88
C VAL C 282 13.16 9.67 -12.43
N ALA C 283 12.88 10.04 -13.68
CA ALA C 283 13.55 11.18 -14.28
C ALA C 283 13.34 12.46 -13.47
N LEU C 284 12.10 12.68 -13.04
CA LEU C 284 11.75 13.84 -12.25
C LEU C 284 11.95 13.58 -10.78
N ILE C 285 11.75 12.31 -10.37
CA ILE C 285 11.92 11.90 -8.97
C ILE C 285 13.37 12.13 -8.54
N GLU C 286 14.33 11.46 -9.15
CA GLU C 286 15.75 11.59 -8.80
C GLU C 286 16.46 12.57 -9.72
N ASP C 287 17.77 12.43 -9.86
CA ASP C 287 18.57 13.28 -10.65
C ASP C 287 18.72 12.61 -11.99
N GLY C 288 19.23 13.38 -12.94
CA GLY C 288 19.70 12.84 -14.18
C GLY C 288 18.88 11.70 -14.71
N THR C 289 19.50 10.55 -14.93
CA THR C 289 18.84 9.35 -15.43
C THR C 289 17.97 9.64 -16.66
N HIS C 290 18.48 10.51 -17.53
CA HIS C 290 17.77 10.87 -18.74
C HIS C 290 18.05 9.86 -19.83
N VAL C 291 17.00 9.36 -20.47
CA VAL C 291 17.19 8.44 -21.57
C VAL C 291 17.87 9.26 -22.66
N VAL C 292 18.96 8.75 -23.22
CA VAL C 292 19.73 9.55 -24.17
C VAL C 292 19.91 8.88 -25.51
N GLN C 293 20.24 9.70 -26.50
CA GLN C 293 20.50 9.24 -27.85
C GLN C 293 21.79 9.84 -28.38
N TYR C 294 22.67 8.98 -28.89
CA TYR C 294 23.95 9.40 -29.45
C TYR C 294 24.12 8.85 -30.86
N GLY C 295 25.08 9.45 -31.58
CA GLY C 295 25.44 9.04 -32.93
C GLY C 295 24.50 9.64 -33.98
N ASP C 296 24.28 8.90 -35.06
CA ASP C 296 23.40 9.36 -36.13
C ASP C 296 21.94 9.23 -35.68
N VAL C 297 21.40 10.31 -35.11
CA VAL C 297 20.01 10.33 -34.65
C VAL C 297 19.02 10.44 -35.84
N GLY C 298 19.50 10.80 -37.02
CA GLY C 298 18.73 10.68 -38.27
C GLY C 298 18.05 9.34 -38.44
N LEU C 299 18.75 8.27 -38.05
CA LEU C 299 18.20 6.90 -38.08
C LEU C 299 17.01 6.67 -37.16
N SER C 300 16.79 7.56 -36.19
CA SER C 300 15.61 7.47 -35.34
C SER C 300 14.25 7.74 -36.03
N LYS C 301 14.27 8.05 -37.32
CA LYS C 301 13.05 8.19 -38.14
C LYS C 301 12.61 6.87 -38.79
N GLN C 302 13.44 5.85 -38.73
CA GLN C 302 13.11 4.54 -39.27
C GLN C 302 12.11 3.82 -38.36
N THR C 303 11.38 2.87 -38.94
CA THR C 303 10.50 1.99 -38.17
C THR C 303 11.29 0.87 -37.50
N LEU C 304 10.71 0.33 -36.43
CA LEU C 304 11.31 -0.78 -35.69
C LEU C 304 11.26 -2.11 -36.45
N PHE C 305 10.60 -2.12 -37.61
CA PHE C 305 10.47 -3.31 -38.45
C PHE C 305 11.76 -3.60 -39.23
N VAL C 306 12.56 -2.56 -39.44
CA VAL C 306 13.81 -2.70 -40.18
C VAL C 306 14.84 -3.46 -39.37
N TYR C 307 14.77 -3.33 -38.06
CA TYR C 307 15.70 -4.03 -37.15
C TYR C 307 15.01 -5.13 -36.37
N MET C 308 13.73 -4.93 -36.07
CA MET C 308 12.95 -5.91 -35.32
C MET C 308 11.81 -6.45 -36.19
N GLY C 309 10.98 -7.30 -35.62
CA GLY C 309 9.86 -7.80 -36.37
C GLY C 309 8.55 -7.71 -35.63
N THR C 310 7.49 -7.53 -36.39
CA THR C 310 6.15 -7.35 -35.84
C THR C 310 5.24 -8.52 -36.27
N ASP C 311 4.83 -9.32 -35.31
CA ASP C 311 3.96 -10.47 -35.58
C ASP C 311 2.48 -10.09 -35.47
N PRO C 312 1.59 -11.09 -35.27
CA PRO C 312 0.17 -10.83 -35.12
C PRO C 312 -0.14 -9.82 -34.00
N ALA C 313 -0.15 -8.55 -34.36
CA ALA C 313 -0.40 -7.49 -33.40
C ALA C 313 -1.33 -6.43 -33.98
N ASN C 314 -0.88 -5.77 -35.05
CA ASN C 314 -1.65 -4.73 -35.73
C ASN C 314 -2.24 -3.70 -34.77
N ASP C 315 -1.39 -3.18 -33.88
CA ASP C 315 -1.80 -2.19 -32.90
C ASP C 315 -1.09 -0.85 -33.16
N ASN C 316 -1.74 0.02 -33.92
CA ASN C 316 -1.15 1.31 -34.25
C ASN C 316 -0.79 2.10 -32.98
N ASN C 317 0.48 2.45 -32.86
CA ASN C 317 0.97 3.20 -31.71
C ASN C 317 0.03 4.35 -31.33
N THR C 318 -0.19 4.52 -30.03
CA THR C 318 -1.10 5.55 -29.52
C THR C 318 -0.40 6.42 -28.47
N PHE C 319 -1.07 7.52 -28.09
CA PHE C 319 -0.58 8.51 -27.11
C PHE C 319 0.43 9.44 -27.78
N PRO C 328 2.76 3.27 -13.32
CA PRO C 328 3.64 3.78 -12.27
C PRO C 328 5.05 3.26 -12.44
N ARG C 329 5.19 1.93 -12.53
CA ARG C 329 6.48 1.28 -12.73
C ARG C 329 7.55 1.81 -11.77
N LYS C 330 7.47 1.38 -10.52
CA LYS C 330 8.41 1.80 -9.47
C LYS C 330 9.77 1.11 -9.62
N ALA C 331 10.85 1.80 -9.21
CA ALA C 331 12.24 1.28 -9.39
C ALA C 331 13.40 1.92 -8.58
N VAL C 332 14.44 1.12 -8.40
CA VAL C 332 15.56 1.35 -7.49
C VAL C 332 16.86 1.37 -8.30
N SER C 333 17.94 1.93 -7.73
CA SER C 333 19.29 1.94 -8.35
C SER C 333 19.84 0.52 -8.56
N GLN C 334 20.75 0.37 -9.52
CA GLN C 334 21.31 -0.94 -9.84
C GLN C 334 22.17 -1.51 -8.71
N ARG C 335 23.00 -0.66 -8.12
CA ARG C 335 23.85 -1.07 -7.01
C ARG C 335 23.01 -1.34 -5.77
N ASP C 336 21.90 -0.63 -5.67
CA ASP C 336 20.99 -0.78 -4.52
C ASP C 336 20.20 -2.08 -4.64
N ALA C 337 19.78 -2.41 -5.88
CA ALA C 337 19.05 -3.65 -6.14
C ALA C 337 19.78 -4.89 -5.66
N ASP C 338 21.09 -4.90 -5.84
CA ASP C 338 21.91 -6.00 -5.36
C ASP C 338 21.77 -6.20 -3.84
N LEU C 339 21.68 -5.10 -3.08
CA LEU C 339 21.47 -5.20 -1.64
C LEU C 339 20.09 -5.74 -1.27
N ILE C 340 19.04 -5.37 -2.01
CA ILE C 340 17.74 -5.99 -1.81
C ILE C 340 17.90 -7.52 -1.74
N HIS C 341 18.57 -8.09 -2.74
CA HIS C 341 18.66 -9.55 -2.84
C HIS C 341 19.39 -10.17 -1.65
N TYR C 342 20.50 -9.57 -1.23
CA TYR C 342 21.30 -10.13 -0.13
C TYR C 342 20.54 -10.11 1.18
N TRP C 343 20.02 -8.92 1.50
CA TRP C 343 19.18 -8.72 2.66
C TRP C 343 17.99 -9.68 2.64
N GLU C 344 17.26 -9.72 1.53
CA GLU C 344 16.12 -10.63 1.39
C GLU C 344 16.51 -12.10 1.48
N LYS C 345 17.74 -12.41 1.08
CA LYS C 345 18.25 -13.78 1.18
C LYS C 345 18.66 -14.12 2.61
N TYR C 346 18.80 -13.11 3.46
CA TYR C 346 19.18 -13.32 4.85
C TYR C 346 18.02 -13.02 5.80
N ARG C 347 16.96 -12.44 5.26
CA ARG C 347 15.78 -12.11 6.06
C ARG C 347 14.69 -13.16 5.92
N ARG C 348 14.83 -14.03 4.93
CA ARG C 348 13.87 -15.09 4.69
C ARG C 348 14.41 -16.45 5.13
N ALA C 349 15.73 -16.56 5.20
CA ALA C 349 16.37 -17.80 5.61
C ALA C 349 16.01 -18.17 7.05
N PRO C 350 15.69 -19.45 7.30
CA PRO C 350 15.34 -19.93 8.64
C PRO C 350 16.37 -19.59 9.70
N GLU C 351 15.94 -19.11 10.86
CA GLU C 351 16.90 -18.75 11.90
C GLU C 351 17.71 -19.97 12.32
N GLY C 352 19.01 -19.75 12.49
CA GLY C 352 19.96 -20.80 12.89
C GLY C 352 20.12 -21.91 11.88
N SER C 353 20.16 -21.56 10.59
CA SER C 353 20.31 -22.54 9.53
C SER C 353 21.56 -22.27 8.71
N SER C 354 21.96 -23.24 7.91
CA SER C 354 23.15 -23.10 7.07
C SER C 354 23.01 -21.92 6.11
N ARG C 355 21.85 -21.80 5.50
CA ARG C 355 21.57 -20.71 4.56
C ARG C 355 21.77 -19.35 5.23
N LYS C 356 21.13 -19.15 6.38
CA LYS C 356 21.25 -17.90 7.12
C LYS C 356 22.71 -17.56 7.40
N ALA C 357 23.47 -18.55 7.86
CA ALA C 357 24.88 -18.35 8.17
C ALA C 357 25.64 -17.91 6.94
N GLU C 358 25.36 -18.53 5.79
CA GLU C 358 26.05 -18.12 4.55
C GLU C 358 25.50 -16.81 3.97
N ALA C 359 24.18 -16.63 3.99
CA ALA C 359 23.57 -15.38 3.53
C ALA C 359 24.09 -14.19 4.36
N LYS C 360 24.20 -14.38 5.67
CA LYS C 360 24.78 -13.39 6.62
C LYS C 360 26.24 -13.08 6.34
N LYS C 361 27.01 -14.11 6.01
CA LYS C 361 28.39 -13.95 5.65
C LYS C 361 28.52 -13.19 4.35
N GLN C 362 27.79 -13.62 3.32
CA GLN C 362 27.81 -12.94 2.02
C GLN C 362 27.47 -11.46 2.15
N LEU C 363 26.45 -11.17 2.95
CA LEU C 363 25.99 -9.80 3.21
C LEU C 363 27.05 -8.96 3.93
N ARG C 364 27.70 -9.54 4.92
CA ARG C 364 28.80 -8.85 5.59
C ARG C 364 29.96 -8.57 4.62
N GLU C 365 30.32 -9.57 3.82
CA GLU C 365 31.37 -9.44 2.80
C GLU C 365 31.11 -8.36 1.76
N VAL C 366 29.84 -8.24 1.36
CA VAL C 366 29.43 -7.21 0.39
C VAL C 366 29.60 -5.84 1.06
N MET C 367 28.92 -5.66 2.19
CA MET C 367 28.88 -4.36 2.88
C MET C 367 30.31 -3.89 3.20
N ALA C 368 31.14 -4.82 3.65
CA ALA C 368 32.55 -4.55 3.97
C ALA C 368 33.37 -4.09 2.79
N HIS C 369 33.18 -4.76 1.66
CA HIS C 369 33.88 -4.39 0.46
C HIS C 369 33.48 -3.00 -0.05
N ARG C 370 32.18 -2.69 0.00
CA ARG C 370 31.67 -1.40 -0.49
C ARG C 370 32.17 -0.27 0.40
N MET C 371 32.22 -0.49 1.71
CA MET C 371 32.74 0.52 2.64
C MET C 371 34.23 0.73 2.46
N HIS C 372 34.96 -0.36 2.23
CA HIS C 372 36.38 -0.31 1.96
C HIS C 372 36.68 0.53 0.72
N ILE C 373 36.06 0.16 -0.40
CA ILE C 373 36.32 0.83 -1.68
C ILE C 373 36.03 2.33 -1.56
N ASP C 374 34.87 2.67 -1.02
CA ASP C 374 34.49 4.07 -0.85
C ASP C 374 35.52 4.84 -0.07
N ASN C 375 35.91 4.29 1.09
CA ASN C 375 36.93 4.91 1.96
C ASN C 375 38.23 5.13 1.25
N SER C 376 38.73 4.10 0.58
CA SER C 376 40.02 4.16 -0.10
C SER C 376 40.04 5.23 -1.17
N VAL C 377 39.05 5.20 -2.04
CA VAL C 377 38.94 6.18 -3.11
C VAL C 377 38.87 7.59 -2.53
N LYS C 378 38.03 7.78 -1.51
CA LYS C 378 37.91 9.09 -0.83
C LYS C 378 39.24 9.56 -0.21
N HIS C 379 39.93 8.63 0.43
CA HIS C 379 41.23 8.83 1.06
C HIS C 379 42.28 9.27 0.00
N ILE C 380 42.39 8.51 -1.10
CA ILE C 380 43.33 8.84 -2.20
C ILE C 380 43.05 10.25 -2.77
N GLY C 381 41.78 10.63 -2.79
CA GLY C 381 41.35 11.99 -3.15
C GLY C 381 41.85 13.09 -2.22
N LYS C 382 41.84 12.84 -0.92
CA LYS C 382 42.40 13.82 0.01
C LYS C 382 43.91 13.89 -0.03
N LEU C 383 44.54 12.78 -0.45
CA LEU C 383 46.00 12.69 -0.52
C LEU C 383 46.55 13.31 -1.80
N LEU C 384 45.77 13.22 -2.88
CA LEU C 384 46.18 13.80 -4.15
C LEU C 384 45.89 15.30 -4.27
N PHE C 385 44.78 15.78 -3.71
CA PHE C 385 44.38 17.18 -3.91
C PHE C 385 44.13 17.97 -2.65
N GLY C 386 43.41 17.40 -1.71
CA GLY C 386 43.15 18.05 -0.42
C GLY C 386 41.99 17.33 0.22
N ILE C 387 41.61 17.74 1.43
CA ILE C 387 40.43 17.18 2.10
C ILE C 387 39.14 17.89 1.72
N GLU C 388 39.25 19.17 1.39
CA GLU C 388 38.06 19.98 1.13
C GLU C 388 37.91 20.34 -0.34
N LYS C 389 38.98 20.20 -1.10
CA LYS C 389 38.92 20.40 -2.52
C LYS C 389 39.15 19.10 -3.29
N GLY C 390 39.34 17.99 -2.59
CA GLY C 390 39.61 16.69 -3.22
C GLY C 390 38.35 15.89 -3.49
N HIS C 391 37.25 16.28 -2.85
CA HIS C 391 35.97 15.64 -3.07
C HIS C 391 35.33 16.04 -4.41
N LYS C 392 35.61 17.27 -4.83
CA LYS C 392 35.05 17.84 -6.06
C LYS C 392 35.70 17.27 -7.30
N MET C 393 37.01 17.04 -7.21
CA MET C 393 37.77 16.46 -8.31
C MET C 393 37.29 15.06 -8.64
N LEU C 394 37.02 14.27 -7.61
CA LEU C 394 36.56 12.88 -7.78
C LEU C 394 35.12 12.81 -8.26
N ASN C 395 34.26 13.67 -7.71
CA ASN C 395 32.83 13.68 -8.08
C ASN C 395 32.51 14.87 -8.98
N ASN C 396 33.09 14.86 -10.16
CA ASN C 396 32.94 15.93 -11.13
C ASN C 396 32.16 15.39 -12.31
N VAL C 397 31.48 16.28 -13.02
CA VAL C 397 30.82 15.92 -14.26
C VAL C 397 31.36 16.86 -15.33
N ARG C 398 31.96 16.25 -16.33
CA ARG C 398 32.60 17.00 -17.39
C ARG C 398 31.52 17.58 -18.30
N PRO C 399 31.74 18.78 -18.86
CA PRO C 399 30.75 19.39 -19.77
C PRO C 399 30.32 18.44 -20.90
N ALA C 400 29.02 18.38 -21.17
CA ALA C 400 28.46 17.49 -22.19
C ALA C 400 29.05 17.82 -23.56
N GLY C 401 29.52 16.78 -24.26
CA GLY C 401 30.22 16.96 -25.53
C GLY C 401 31.67 16.57 -25.47
N LEU C 402 32.24 16.54 -24.27
CA LEU C 402 33.60 16.06 -24.05
C LEU C 402 33.58 14.58 -23.69
N PRO C 403 34.65 13.84 -24.02
CA PRO C 403 34.78 12.48 -23.54
C PRO C 403 35.06 12.42 -22.05
N VAL C 404 34.82 11.26 -21.47
CA VAL C 404 35.07 11.04 -20.05
C VAL C 404 36.52 11.31 -19.73
N VAL C 405 37.42 10.77 -20.57
CA VAL C 405 38.86 10.91 -20.40
C VAL C 405 39.49 11.22 -21.75
N ASP C 406 40.60 11.95 -21.73
CA ASP C 406 41.41 12.20 -22.92
C ASP C 406 42.47 11.12 -23.11
N ASP C 407 43.20 10.78 -22.05
CA ASP C 407 44.26 9.76 -22.07
C ASP C 407 43.75 8.40 -21.54
N TRP C 408 43.33 7.53 -22.44
CA TRP C 408 42.80 6.22 -22.06
C TRP C 408 43.85 5.24 -21.55
N ASP C 409 45.08 5.35 -22.05
CA ASP C 409 46.21 4.54 -21.57
C ASP C 409 46.46 4.79 -20.06
N CYS C 410 46.46 6.05 -19.67
CA CYS C 410 46.54 6.50 -18.27
C CYS C 410 45.36 5.96 -17.44
N PHE C 411 44.16 6.14 -17.99
CA PHE C 411 42.90 5.68 -17.36
C PHE C 411 43.04 4.27 -16.82
N LYS C 412 43.39 3.34 -17.70
CA LYS C 412 43.58 1.93 -17.33
C LYS C 412 44.69 1.72 -16.30
N THR C 413 45.82 2.43 -16.47
CA THR C 413 46.97 2.25 -15.56
C THR C 413 46.66 2.71 -14.13
N LEU C 414 45.83 3.74 -14.00
CA LEU C 414 45.44 4.28 -12.70
C LEU C 414 44.51 3.30 -11.98
N ILE C 415 43.54 2.77 -12.69
CA ILE C 415 42.65 1.73 -12.15
C ILE C 415 43.49 0.54 -11.70
N ARG C 416 44.42 0.11 -12.55
CA ARG C 416 45.26 -1.02 -12.20
C ARG C 416 46.13 -0.78 -10.96
N THR C 417 46.78 0.37 -10.86
CA THR C 417 47.64 0.65 -9.70
C THR C 417 46.84 0.81 -8.41
N PHE C 418 45.58 1.23 -8.54
CA PHE C 418 44.71 1.35 -7.40
C PHE C 418 44.32 -0.07 -6.93
N GLU C 419 44.10 -0.94 -7.90
CA GLU C 419 43.76 -2.32 -7.64
C GLU C 419 44.94 -3.13 -7.07
N THR C 420 46.17 -2.89 -7.57
CA THR C 420 47.38 -3.57 -7.02
C THR C 420 47.68 -3.18 -5.58
N HIS C 421 47.02 -2.17 -5.03
CA HIS C 421 47.16 -1.84 -3.61
C HIS C 421 45.89 -2.08 -2.79
N CYS C 422 44.75 -1.89 -3.43
CA CYS C 422 43.48 -1.89 -2.74
C CYS C 422 42.59 -3.09 -2.89
N GLY C 423 42.71 -3.74 -4.02
CA GLY C 423 41.90 -4.90 -4.31
C GLY C 423 41.22 -4.59 -5.62
N SER C 424 40.11 -5.27 -5.86
CA SER C 424 39.38 -5.12 -7.10
C SER C 424 38.14 -4.27 -6.86
N LEU C 425 37.70 -3.58 -7.91
CA LEU C 425 36.52 -2.74 -7.84
C LEU C 425 35.26 -3.56 -8.07
N SER C 426 35.41 -4.78 -8.59
CA SER C 426 34.28 -5.67 -8.89
C SER C 426 33.22 -4.95 -9.72
N GLU C 427 31.94 -5.13 -9.42
CA GLU C 427 30.89 -4.49 -10.16
C GLU C 427 30.36 -3.29 -9.40
N TYR C 428 30.84 -3.11 -8.15
CA TYR C 428 30.40 -2.02 -7.30
C TYR C 428 31.32 -0.83 -7.44
N GLY C 429 32.60 -1.08 -7.64
CA GLY C 429 33.58 -0.02 -7.76
C GLY C 429 33.61 0.62 -9.14
N MET C 430 32.67 0.25 -10.02
CA MET C 430 32.44 0.96 -11.27
C MET C 430 31.82 2.36 -11.04
N LYS C 431 31.32 2.58 -9.82
CA LYS C 431 30.82 3.87 -9.40
C LYS C 431 31.90 4.94 -9.34
N HIS C 432 33.14 4.53 -9.05
CA HIS C 432 34.28 5.44 -8.96
C HIS C 432 35.18 5.45 -10.18
N MET C 433 34.72 4.89 -11.29
CA MET C 433 35.54 4.89 -12.50
C MET C 433 35.69 6.31 -13.01
N ARG C 434 34.67 7.14 -12.80
CA ARG C 434 34.72 8.53 -13.16
C ARG C 434 35.75 9.29 -12.32
N SER C 435 35.85 8.95 -11.03
CA SER C 435 36.89 9.53 -10.17
C SER C 435 38.28 9.37 -10.80
N PHE C 436 38.65 8.13 -11.12
CA PHE C 436 39.93 7.81 -11.81
C PHE C 436 40.09 8.55 -13.14
N ALA C 437 38.98 8.68 -13.85
CA ALA C 437 38.90 9.45 -15.10
C ALA C 437 39.26 10.91 -14.86
N ASN C 438 38.67 11.49 -13.82
CA ASN C 438 38.99 12.87 -13.44
C ASN C 438 40.44 13.03 -13.02
N LEU C 439 40.99 12.00 -12.37
CA LEU C 439 42.41 12.03 -12.00
C LEU C 439 43.26 12.05 -13.25
N CYS C 440 43.02 11.15 -14.20
CA CYS C 440 43.78 11.18 -15.46
C CYS C 440 43.69 12.52 -16.18
N ASN C 441 42.56 13.21 -16.02
CA ASN C 441 42.37 14.51 -16.63
C ASN C 441 43.00 15.62 -15.83
N ALA C 442 43.10 15.44 -14.51
CA ALA C 442 43.84 16.36 -13.64
C ALA C 442 45.36 16.28 -13.78
N GLY C 443 45.87 15.32 -14.53
CA GLY C 443 47.31 15.18 -14.78
C GLY C 443 48.02 14.35 -13.74
N ILE C 444 47.33 13.33 -13.23
CA ILE C 444 47.92 12.39 -12.29
C ILE C 444 48.58 11.25 -13.07
N ARG C 445 49.79 10.86 -12.65
CA ARG C 445 50.54 9.76 -13.25
C ARG C 445 50.55 8.55 -12.32
N LYS C 446 50.86 7.38 -12.87
CA LYS C 446 51.11 6.16 -12.08
C LYS C 446 51.99 6.34 -10.86
N GLU C 447 53.09 7.08 -10.98
CA GLU C 447 54.04 7.22 -9.86
C GLU C 447 53.41 7.98 -8.67
N GLN C 448 52.55 8.93 -8.99
CA GLN C 448 51.84 9.72 -8.01
C GLN C 448 50.68 8.97 -7.36
N MET C 449 49.88 8.27 -8.19
CA MET C 449 48.78 7.39 -7.72
C MET C 449 49.30 6.25 -6.82
N ALA C 450 50.35 5.56 -7.27
CA ALA C 450 50.94 4.43 -6.54
C ALA C 450 51.34 4.78 -5.11
N GLU C 451 51.84 6.00 -4.91
CA GLU C 451 52.16 6.49 -3.59
C GLU C 451 50.91 6.74 -2.75
N ALA C 452 49.91 7.38 -3.36
CA ALA C 452 48.65 7.71 -2.68
C ALA C 452 47.82 6.46 -2.38
N SER C 453 47.78 5.52 -3.32
CA SER C 453 47.02 4.27 -3.15
C SER C 453 47.70 3.27 -2.20
N ALA C 454 48.98 3.50 -1.88
CA ALA C 454 49.72 2.68 -0.90
C ALA C 454 49.61 3.17 0.54
N GLN C 455 49.33 4.46 0.72
CA GLN C 455 49.28 5.10 2.05
C GLN C 455 47.92 4.99 2.70
N ALA C 456 46.86 5.17 1.92
CA ALA C 456 45.48 4.97 2.39
C ALA C 456 45.19 3.52 2.66
N CYS C 457 45.63 2.69 1.72
CA CYS C 457 45.04 1.43 1.52
C CYS C 457 46.21 0.44 1.41
N VAL C 458 46.85 0.22 2.57
CA VAL C 458 48.02 -0.66 2.76
C VAL C 458 47.70 -2.16 2.72
N SER C 459 46.53 -2.51 3.23
CA SER C 459 46.01 -3.87 3.22
C SER C 459 44.98 -4.05 2.09
N ILE C 460 45.00 -5.22 1.47
CA ILE C 460 43.87 -5.67 0.64
C ILE C 460 42.95 -6.50 1.53
N PRO C 461 41.69 -6.05 1.71
CA PRO C 461 40.86 -6.82 2.66
C PRO C 461 40.65 -8.25 2.16
N ASP C 462 40.74 -9.19 3.08
CA ASP C 462 40.39 -10.58 2.75
C ASP C 462 38.87 -10.68 2.49
N ASN C 463 38.44 -10.31 1.27
CA ASN C 463 37.03 -10.48 0.86
C ASN C 463 37.03 -11.23 -0.45
N PRO C 464 35.94 -11.94 -0.74
CA PRO C 464 35.90 -12.63 -2.02
C PRO C 464 35.87 -11.67 -3.22
N TRP C 465 35.40 -10.45 -3.02
CA TRP C 465 35.32 -9.46 -4.08
C TRP C 465 36.61 -8.64 -4.17
N SER C 466 37.49 -8.83 -3.20
CA SER C 466 38.76 -8.12 -3.17
C SER C 466 39.87 -8.97 -3.79
N SER C 467 39.52 -10.18 -4.22
CA SER C 467 40.49 -11.09 -4.82
C SER C 467 40.94 -10.59 -6.19
N LEU C 468 42.15 -10.98 -6.60
CA LEU C 468 42.70 -10.60 -7.88
C LEU C 468 42.78 -11.77 -8.84
N HIS C 469 42.15 -12.88 -8.47
CA HIS C 469 42.14 -14.07 -9.31
C HIS C 469 41.42 -13.73 -10.60
N ALA C 470 42.18 -13.67 -11.69
CA ALA C 470 41.69 -13.30 -13.03
C ALA C 470 40.92 -11.99 -12.91
N GLY C 471 41.65 -10.98 -12.43
CA GLY C 471 41.09 -9.70 -12.00
C GLY C 471 41.60 -8.56 -12.85
N PHE C 472 41.90 -7.44 -12.19
CA PHE C 472 42.34 -6.24 -12.89
C PHE C 472 41.27 -5.76 -13.86
N SER C 473 40.19 -5.26 -13.28
CA SER C 473 39.10 -4.69 -14.07
C SER C 473 39.60 -3.59 -15.00
N GLY D 36 -11.85 -40.96 -30.87
CA GLY D 36 -12.32 -39.67 -31.44
C GLY D 36 -11.64 -38.42 -30.90
N THR D 37 -11.98 -37.28 -31.53
CA THR D 37 -11.34 -35.95 -31.30
C THR D 37 -12.05 -35.10 -30.27
N ARG D 38 -11.29 -34.46 -29.38
CA ARG D 38 -11.88 -33.58 -28.37
C ARG D 38 -11.99 -32.13 -28.89
N TRP D 39 -13.15 -31.51 -28.67
CA TRP D 39 -13.39 -30.12 -29.09
C TRP D 39 -13.82 -29.27 -27.92
N ALA D 40 -13.69 -27.96 -28.12
CA ALA D 40 -14.15 -26.99 -27.14
C ALA D 40 -14.58 -25.69 -27.80
N VAL D 41 -15.63 -25.10 -27.25
CA VAL D 41 -16.14 -23.81 -27.67
C VAL D 41 -16.13 -22.92 -26.44
N LEU D 42 -15.39 -21.82 -26.51
CA LEU D 42 -15.25 -20.92 -25.36
C LEU D 42 -15.86 -19.54 -25.67
N VAL D 43 -16.73 -19.05 -24.79
CA VAL D 43 -17.51 -17.83 -25.08
C VAL D 43 -17.46 -16.85 -23.93
N ALA D 44 -16.97 -15.65 -24.20
CA ALA D 44 -17.06 -14.55 -23.28
C ALA D 44 -18.11 -13.61 -23.81
N GLY D 45 -19.31 -13.65 -23.22
CA GLY D 45 -20.46 -12.86 -23.71
C GLY D 45 -20.52 -11.36 -23.42
N SER D 46 -19.40 -10.80 -22.93
CA SER D 46 -19.34 -9.41 -22.49
C SER D 46 -18.17 -8.67 -23.09
N LYS D 47 -18.27 -7.34 -23.08
CA LYS D 47 -17.22 -6.44 -23.54
C LYS D 47 -17.03 -5.33 -22.53
N GLY D 48 -16.01 -4.50 -22.76
CA GLY D 48 -15.62 -3.41 -21.85
C GLY D 48 -14.61 -3.86 -20.82
N TYR D 49 -13.82 -2.91 -20.29
CA TYR D 49 -12.81 -3.19 -19.26
C TYR D 49 -13.42 -3.68 -17.92
N VAL D 50 -14.62 -3.20 -17.61
CA VAL D 50 -15.39 -3.61 -16.41
C VAL D 50 -15.47 -5.12 -16.32
N ASN D 51 -15.77 -5.74 -17.46
CA ASN D 51 -16.00 -7.19 -17.56
C ASN D 51 -14.74 -8.00 -17.95
N TYR D 52 -13.57 -7.50 -17.53
CA TYR D 52 -12.26 -8.15 -17.60
C TYR D 52 -12.37 -9.61 -17.21
N ARG D 53 -13.06 -9.84 -16.10
CA ARG D 53 -13.21 -11.16 -15.52
C ARG D 53 -13.68 -12.24 -16.46
N HIS D 54 -14.60 -11.89 -17.37
CA HIS D 54 -15.23 -12.89 -18.26
C HIS D 54 -14.20 -13.37 -19.29
N GLN D 55 -13.45 -12.44 -19.87
CA GLN D 55 -12.40 -12.81 -20.82
C GLN D 55 -11.23 -13.53 -20.14
N ALA D 56 -10.83 -13.02 -18.98
CA ALA D 56 -9.83 -13.68 -18.14
C ALA D 56 -10.16 -15.13 -17.79
N ASP D 57 -11.45 -15.43 -17.60
CA ASP D 57 -11.90 -16.82 -17.40
C ASP D 57 -11.69 -17.68 -18.66
N VAL D 58 -12.12 -17.15 -19.81
CA VAL D 58 -11.96 -17.84 -21.10
C VAL D 58 -10.51 -18.07 -21.46
N CYS D 59 -9.65 -17.08 -21.17
CA CYS D 59 -8.22 -17.26 -21.39
C CYS D 59 -7.64 -18.41 -20.57
N HIS D 60 -7.99 -18.40 -19.28
CA HIS D 60 -7.58 -19.45 -18.34
C HIS D 60 -8.04 -20.83 -18.82
N ALA D 61 -9.30 -20.91 -19.26
CA ALA D 61 -9.88 -22.14 -19.82
C ALA D 61 -9.09 -22.68 -21.01
N TYR D 62 -8.67 -21.78 -21.89
CA TYR D 62 -7.85 -22.18 -23.02
C TYR D 62 -6.52 -22.77 -22.58
N GLN D 63 -5.89 -22.16 -21.57
CA GLN D 63 -4.60 -22.65 -21.07
C GLN D 63 -4.70 -24.07 -20.52
N ILE D 64 -5.74 -24.31 -19.74
CA ILE D 64 -6.03 -25.65 -19.22
C ILE D 64 -6.18 -26.69 -20.31
N LEU D 65 -6.93 -26.35 -21.35
CA LEU D 65 -7.20 -27.28 -22.45
C LEU D 65 -5.94 -27.52 -23.28
N LYS D 66 -5.18 -26.46 -23.52
CA LYS D 66 -3.92 -26.57 -24.26
C LYS D 66 -2.93 -27.49 -23.55
N LYS D 67 -2.73 -27.26 -22.24
CA LYS D 67 -1.87 -28.10 -21.37
C LYS D 67 -2.40 -29.52 -21.33
N GLY D 68 -3.72 -29.57 -21.26
CA GLY D 68 -4.47 -30.78 -21.10
C GLY D 68 -4.54 -31.79 -22.20
N GLY D 69 -4.09 -31.36 -23.41
CA GLY D 69 -3.84 -32.14 -24.67
C GLY D 69 -4.42 -31.62 -25.99
N LEU D 70 -5.40 -30.71 -25.90
CA LEU D 70 -6.28 -30.38 -27.05
C LEU D 70 -5.58 -29.53 -28.09
N LYS D 71 -5.91 -29.77 -29.37
CA LYS D 71 -5.33 -29.03 -30.49
C LYS D 71 -6.08 -27.70 -30.68
N ASP D 72 -5.33 -26.63 -30.97
CA ASP D 72 -5.90 -25.31 -31.30
C ASP D 72 -7.01 -25.40 -32.36
N GLU D 73 -6.77 -26.20 -33.40
CA GLU D 73 -7.77 -26.45 -34.45
C GLU D 73 -9.16 -26.91 -33.95
N ASN D 74 -9.21 -27.58 -32.80
CA ASN D 74 -10.49 -27.96 -32.17
C ASN D 74 -10.94 -27.10 -31.00
N ILE D 75 -10.37 -25.91 -30.85
CA ILE D 75 -10.76 -25.00 -29.77
C ILE D 75 -11.15 -23.66 -30.39
N ILE D 76 -12.44 -23.38 -30.34
CA ILE D 76 -13.01 -22.17 -30.92
C ILE D 76 -13.23 -21.18 -29.80
N VAL D 77 -12.59 -20.02 -29.90
CA VAL D 77 -12.63 -19.02 -28.85
C VAL D 77 -13.40 -17.83 -29.37
N PHE D 78 -14.46 -17.49 -28.64
CA PHE D 78 -15.23 -16.26 -28.82
C PHE D 78 -14.81 -15.31 -27.69
N MET D 79 -14.06 -14.28 -28.02
CA MET D 79 -13.68 -13.26 -27.02
C MET D 79 -13.53 -11.89 -27.64
N TYR D 80 -14.16 -10.89 -27.03
CA TYR D 80 -14.10 -9.52 -27.53
C TYR D 80 -12.72 -9.00 -27.19
N ASP D 81 -11.82 -8.92 -28.16
CA ASP D 81 -10.43 -8.62 -27.86
C ASP D 81 -10.25 -7.14 -27.47
N ASP D 82 -10.58 -6.80 -26.22
CA ASP D 82 -10.57 -5.39 -25.77
C ASP D 82 -10.06 -5.18 -24.35
N ILE D 83 -9.42 -6.20 -23.80
CA ILE D 83 -8.95 -6.24 -22.42
C ILE D 83 -7.42 -6.22 -22.38
N ALA D 84 -6.79 -7.05 -23.22
CA ALA D 84 -5.33 -7.14 -23.31
C ALA D 84 -4.68 -5.77 -23.55
N TYR D 85 -5.17 -5.01 -24.52
CA TYR D 85 -4.55 -3.72 -24.89
C TYR D 85 -5.48 -2.55 -24.63
N ASN D 86 -6.17 -2.59 -23.49
CA ASN D 86 -7.10 -1.53 -23.10
C ASN D 86 -6.30 -0.41 -22.47
N GLU D 87 -6.75 0.82 -22.65
CA GLU D 87 -6.08 1.94 -22.01
C GLU D 87 -6.08 1.85 -20.47
N SER D 88 -7.11 1.26 -19.89
CA SER D 88 -7.22 1.07 -18.44
C SER D 88 -6.32 -0.06 -17.86
N ASN D 89 -5.96 -1.04 -18.68
CA ASN D 89 -5.12 -2.16 -18.24
C ASN D 89 -3.74 -1.63 -17.81
N PRO D 90 -3.34 -1.90 -16.54
CA PRO D 90 -1.99 -1.52 -16.08
C PRO D 90 -0.84 -2.29 -16.73
N HIS D 91 -1.09 -3.52 -17.15
CA HIS D 91 -0.06 -4.38 -17.79
C HIS D 91 -0.47 -4.82 -19.20
N PRO D 92 -0.27 -3.93 -20.21
CA PRO D 92 -0.60 -4.22 -21.60
C PRO D 92 -0.09 -5.56 -22.07
N GLY D 93 -0.96 -6.33 -22.72
CA GLY D 93 -0.60 -7.65 -23.22
C GLY D 93 -0.70 -8.80 -22.23
N VAL D 94 -1.08 -8.53 -20.98
CA VAL D 94 -1.28 -9.61 -20.01
C VAL D 94 -2.66 -9.49 -19.37
N ILE D 95 -3.28 -10.65 -19.20
CA ILE D 95 -4.52 -10.82 -18.49
C ILE D 95 -4.24 -11.87 -17.43
N ILE D 96 -4.79 -11.66 -16.23
CA ILE D 96 -4.66 -12.60 -15.11
C ILE D 96 -6.04 -13.09 -14.65
N ASN D 97 -6.09 -14.30 -14.09
CA ASN D 97 -7.34 -14.84 -13.51
C ASN D 97 -7.16 -15.29 -12.07
N HIS D 98 -6.26 -14.62 -11.37
CA HIS D 98 -5.91 -14.96 -9.99
C HIS D 98 -5.07 -13.82 -9.41
N PRO D 99 -5.26 -13.50 -8.10
CA PRO D 99 -4.47 -12.43 -7.45
C PRO D 99 -2.96 -12.64 -7.57
N TYR D 100 -2.54 -13.88 -7.28
CA TYR D 100 -1.14 -14.30 -7.44
C TYR D 100 -0.96 -15.16 -8.71
N GLY D 101 -1.65 -14.77 -9.77
CA GLY D 101 -1.50 -15.42 -11.06
C GLY D 101 -0.56 -14.68 -11.97
N SER D 102 -0.14 -15.39 -13.00
CA SER D 102 0.61 -14.84 -14.11
C SER D 102 -0.29 -14.79 -15.34
N ASP D 103 0.26 -14.37 -16.46
CA ASP D 103 -0.50 -14.17 -17.68
C ASP D 103 -1.27 -15.42 -18.10
N VAL D 104 -2.45 -15.22 -18.68
CA VAL D 104 -3.22 -16.27 -19.38
C VAL D 104 -3.61 -15.91 -20.83
N TYR D 105 -3.24 -14.70 -21.27
CA TYR D 105 -3.64 -14.17 -22.59
C TYR D 105 -2.83 -14.67 -23.76
N LYS D 106 -1.54 -14.86 -23.54
CA LYS D 106 -0.63 -15.27 -24.60
C LYS D 106 -0.97 -16.66 -25.15
N GLY D 107 -1.09 -16.75 -26.47
CA GLY D 107 -1.32 -18.03 -27.16
C GLY D 107 -2.77 -18.46 -27.33
N VAL D 108 -3.69 -17.66 -26.80
CA VAL D 108 -5.12 -17.94 -26.95
C VAL D 108 -5.52 -17.53 -28.37
N PRO D 109 -6.19 -18.42 -29.12
CA PRO D 109 -6.63 -18.07 -30.46
C PRO D 109 -7.76 -17.06 -30.46
N LYS D 110 -7.92 -16.41 -31.61
CA LYS D 110 -8.91 -15.37 -31.80
C LYS D 110 -9.74 -15.72 -33.03
N ASP D 111 -10.68 -16.64 -32.83
CA ASP D 111 -11.54 -17.10 -33.92
C ASP D 111 -12.64 -16.08 -34.25
N TYR D 112 -13.35 -15.62 -33.23
CA TYR D 112 -14.38 -14.60 -33.38
C TYR D 112 -14.13 -13.54 -32.32
N VAL D 113 -13.85 -12.32 -32.77
CA VAL D 113 -13.59 -11.20 -31.88
C VAL D 113 -14.44 -10.03 -32.34
N GLY D 114 -14.43 -8.97 -31.54
CA GLY D 114 -15.14 -7.73 -31.87
C GLY D 114 -16.63 -7.97 -32.01
N GLU D 115 -17.24 -7.30 -32.97
CA GLU D 115 -18.69 -7.41 -33.19
C GLU D 115 -19.18 -8.72 -33.83
N ASP D 116 -18.25 -9.59 -34.24
CA ASP D 116 -18.57 -10.92 -34.77
C ASP D 116 -19.02 -11.96 -33.73
N ILE D 117 -19.06 -11.57 -32.45
CA ILE D 117 -19.60 -12.42 -31.41
C ILE D 117 -21.08 -12.06 -31.28
N ASN D 118 -21.87 -12.68 -32.15
CA ASN D 118 -23.33 -12.60 -32.13
C ASN D 118 -23.93 -14.01 -32.15
N PRO D 119 -25.19 -14.17 -31.66
CA PRO D 119 -25.81 -15.51 -31.61
C PRO D 119 -25.81 -16.29 -32.95
N PRO D 120 -26.14 -15.62 -34.08
CA PRO D 120 -26.03 -16.29 -35.38
C PRO D 120 -24.69 -16.99 -35.64
N ASN D 121 -23.59 -16.28 -35.41
CA ASN D 121 -22.25 -16.86 -35.57
C ASN D 121 -21.99 -17.99 -34.59
N PHE D 122 -22.38 -17.79 -33.33
CA PHE D 122 -22.30 -18.84 -32.31
C PHE D 122 -23.11 -20.09 -32.71
N TYR D 123 -24.33 -19.87 -33.21
CA TYR D 123 -25.18 -20.96 -33.68
C TYR D 123 -24.64 -21.65 -34.96
N ALA D 124 -24.12 -20.87 -35.91
CA ALA D 124 -23.50 -21.42 -37.11
C ALA D 124 -22.22 -22.21 -36.79
N VAL D 125 -21.43 -21.68 -35.86
CA VAL D 125 -20.24 -22.37 -35.35
C VAL D 125 -20.63 -23.69 -34.67
N LEU D 126 -21.73 -23.71 -33.92
CA LEU D 126 -22.18 -24.93 -33.24
C LEU D 126 -22.73 -25.98 -34.23
N LEU D 127 -23.41 -25.52 -35.28
CA LEU D 127 -23.93 -26.41 -36.33
C LEU D 127 -22.96 -26.66 -37.49
N ALA D 128 -21.69 -26.32 -37.32
CA ALA D 128 -20.64 -26.55 -38.33
C ALA D 128 -20.93 -25.88 -39.69
N ASN D 129 -21.73 -24.83 -39.68
CA ASN D 129 -22.20 -24.20 -40.90
C ASN D 129 -21.34 -22.96 -41.16
N LYS D 130 -20.25 -23.17 -41.91
CA LYS D 130 -19.35 -22.08 -42.32
C LYS D 130 -19.93 -21.16 -43.40
N SER D 131 -20.92 -21.63 -44.17
CA SER D 131 -21.56 -20.79 -45.19
C SER D 131 -22.46 -19.66 -44.62
N ALA D 132 -22.73 -19.70 -43.32
CA ALA D 132 -23.59 -18.74 -42.63
C ALA D 132 -22.83 -18.00 -41.54
N LEU D 133 -21.70 -17.42 -41.90
CA LEU D 133 -20.93 -16.61 -40.95
C LEU D 133 -20.70 -15.21 -41.53
N THR D 134 -20.90 -14.22 -40.68
CA THR D 134 -20.80 -12.83 -41.07
C THR D 134 -19.71 -12.19 -40.24
N GLY D 135 -18.72 -11.59 -40.92
CA GLY D 135 -17.63 -10.82 -40.29
C GLY D 135 -16.24 -11.26 -40.68
N THR D 136 -15.24 -10.74 -39.98
CA THR D 136 -13.84 -11.10 -40.19
C THR D 136 -13.43 -12.30 -39.30
N GLY D 137 -14.26 -13.35 -39.28
CA GLY D 137 -14.01 -14.55 -38.46
C GLY D 137 -12.92 -15.45 -39.02
N SER D 138 -12.52 -16.44 -38.23
CA SER D 138 -11.50 -17.40 -38.66
C SER D 138 -12.08 -18.48 -39.55
N GLY D 139 -13.37 -18.76 -39.40
CA GLY D 139 -14.05 -19.82 -40.14
C GLY D 139 -14.06 -21.14 -39.40
N LYS D 140 -13.47 -21.17 -38.21
CA LYS D 140 -13.36 -22.41 -37.41
C LYS D 140 -14.72 -22.74 -36.82
N VAL D 141 -15.18 -23.97 -37.03
CA VAL D 141 -16.51 -24.38 -36.63
C VAL D 141 -16.42 -25.73 -35.94
N LEU D 142 -17.54 -26.14 -35.34
CA LEU D 142 -17.64 -27.41 -34.64
C LEU D 142 -17.91 -28.57 -35.62
N ASP D 143 -16.96 -28.79 -36.52
CA ASP D 143 -17.08 -29.80 -37.58
C ASP D 143 -16.75 -31.18 -36.99
N SER D 144 -17.56 -31.59 -36.02
CA SER D 144 -17.34 -32.84 -35.31
C SER D 144 -18.20 -33.96 -35.85
N GLY D 145 -17.86 -35.19 -35.47
CA GLY D 145 -18.56 -36.41 -35.86
C GLY D 145 -19.17 -37.09 -34.64
N PRO D 146 -19.77 -38.29 -34.83
CA PRO D 146 -20.44 -39.01 -33.74
C PRO D 146 -19.52 -39.66 -32.70
N ASN D 147 -18.22 -39.73 -32.91
CA ASN D 147 -17.30 -40.23 -31.89
C ASN D 147 -16.71 -39.14 -30.99
N ASP D 148 -16.83 -37.89 -31.42
CA ASP D 148 -16.18 -36.76 -30.74
C ASP D 148 -16.94 -36.31 -29.49
N HIS D 149 -16.21 -35.65 -28.59
CA HIS D 149 -16.74 -35.07 -27.36
C HIS D 149 -16.46 -33.57 -27.36
N VAL D 150 -17.43 -32.77 -26.92
CA VAL D 150 -17.28 -31.30 -26.94
C VAL D 150 -17.46 -30.71 -25.55
N PHE D 151 -16.63 -29.72 -25.22
CA PHE D 151 -16.73 -28.98 -23.97
C PHE D 151 -17.01 -27.51 -24.26
N ILE D 152 -18.24 -27.09 -24.00
CA ILE D 152 -18.65 -25.71 -24.26
C ILE D 152 -18.66 -24.94 -22.94
N TYR D 153 -17.94 -23.83 -22.90
CA TYR D 153 -17.85 -23.00 -21.70
C TYR D 153 -18.16 -21.55 -22.02
N TYR D 154 -19.24 -21.03 -21.44
CA TYR D 154 -19.65 -19.65 -21.65
C TYR D 154 -19.85 -18.92 -20.34
N THR D 155 -19.23 -17.74 -20.21
CA THR D 155 -19.35 -16.94 -19.00
C THR D 155 -19.41 -15.46 -19.33
N1 SNN D 156 -22.63 -12.31 -18.58
C SNN D 156 -21.55 -12.80 -18.02
CA SNN D 156 -20.72 -13.38 -19.07
N SNN D 156 -20.50 -14.80 -18.83
C4 SNN D 156 -21.52 -13.16 -20.34
C5 SNN D 156 -22.72 -12.47 -19.87
O SNN D 156 -21.24 -12.77 -16.85
O5 SNN D 156 -23.66 -12.13 -20.57
CA HIS D 157 -23.57 -11.86 -17.55
C HIS D 157 -24.62 -12.83 -18.14
N GLY D 158 -25.80 -12.65 -17.65
CA GLY D 158 -26.95 -13.48 -18.03
C GLY D 158 -28.23 -13.10 -17.30
N GLY D 159 -29.35 -13.55 -17.82
CA GLY D 159 -30.65 -13.28 -17.23
C GLY D 159 -31.56 -14.49 -17.25
N ALA D 160 -32.86 -14.23 -17.11
CA ALA D 160 -33.86 -15.31 -17.11
C ALA D 160 -33.98 -15.95 -18.49
N GLY D 161 -33.31 -17.08 -18.67
CA GLY D 161 -33.34 -17.82 -19.91
C GLY D 161 -32.79 -16.98 -21.06
N VAL D 162 -31.70 -16.27 -20.82
CA VAL D 162 -31.08 -15.44 -21.83
C VAL D 162 -29.62 -15.12 -21.48
N LEU D 163 -28.71 -15.49 -22.36
CA LEU D 163 -27.28 -15.25 -22.14
C LEU D 163 -26.85 -13.94 -22.80
N GLY D 164 -26.08 -13.15 -22.06
CA GLY D 164 -25.61 -11.86 -22.57
C GLY D 164 -24.63 -12.08 -23.69
N MET D 165 -24.57 -11.10 -24.57
CA MET D 165 -23.70 -11.13 -25.73
C MET D 165 -23.00 -9.79 -25.78
N PRO D 166 -21.83 -9.75 -26.40
CA PRO D 166 -21.21 -8.44 -26.44
C PRO D 166 -21.87 -7.48 -27.42
N SER D 167 -22.73 -7.99 -28.29
CA SER D 167 -23.46 -7.10 -29.19
C SER D 167 -24.86 -7.65 -29.41
N LYS D 168 -25.86 -6.95 -28.93
CA LYS D 168 -27.22 -7.44 -29.07
C LYS D 168 -27.63 -7.64 -30.53
N PRO D 169 -28.58 -8.54 -30.78
CA PRO D 169 -29.38 -9.21 -29.76
C PRO D 169 -28.68 -10.34 -29.00
N TYR D 170 -29.22 -10.68 -27.86
CA TYR D 170 -28.64 -11.70 -27.01
C TYR D 170 -29.09 -13.08 -27.39
N ILE D 171 -28.60 -14.05 -26.63
CA ILE D 171 -28.95 -15.47 -26.75
C ILE D 171 -30.19 -15.80 -25.93
N ALA D 172 -31.32 -16.04 -26.61
CA ALA D 172 -32.51 -16.57 -25.96
C ALA D 172 -32.37 -18.08 -25.76
N ALA D 173 -33.08 -18.61 -24.78
CA ALA D 173 -32.99 -20.02 -24.40
C ALA D 173 -33.69 -20.92 -25.43
N SER D 174 -34.81 -20.44 -25.98
CA SER D 174 -35.56 -21.17 -26.99
C SER D 174 -34.70 -21.40 -28.22
N ASP D 175 -34.09 -20.34 -28.72
CA ASP D 175 -33.21 -20.41 -29.88
C ASP D 175 -31.99 -21.27 -29.62
N LEU D 176 -31.45 -21.17 -28.40
CA LEU D 176 -30.28 -21.96 -28.01
C LEU D 176 -30.60 -23.44 -28.02
N ASN D 177 -31.64 -23.83 -27.28
CA ASN D 177 -32.02 -25.24 -27.21
C ASN D 177 -32.51 -25.83 -28.53
N ASP D 178 -33.15 -25.02 -29.38
CA ASP D 178 -33.50 -25.44 -30.76
C ASP D 178 -32.26 -25.86 -31.54
N VAL D 179 -31.17 -25.11 -31.38
CA VAL D 179 -29.87 -25.43 -32.02
C VAL D 179 -29.27 -26.74 -31.48
N LEU D 180 -29.38 -26.95 -30.17
CA LEU D 180 -28.91 -28.19 -29.54
C LEU D 180 -29.78 -29.40 -29.92
N LYS D 181 -31.07 -29.19 -30.12
CA LYS D 181 -31.95 -30.22 -30.67
C LYS D 181 -31.58 -30.56 -32.11
N LYS D 182 -31.18 -29.55 -32.89
CA LYS D 182 -30.78 -29.74 -34.29
C LYS D 182 -29.45 -30.47 -34.40
N LYS D 183 -28.51 -30.10 -33.53
CA LYS D 183 -27.21 -30.76 -33.45
C LYS D 183 -27.37 -32.24 -33.14
N HIS D 184 -28.13 -32.54 -32.10
CA HIS D 184 -28.44 -33.92 -31.71
C HIS D 184 -29.07 -34.77 -32.84
N ALA D 185 -29.99 -34.16 -33.59
CA ALA D 185 -30.63 -34.82 -34.73
C ALA D 185 -29.61 -35.19 -35.82
N SER D 186 -28.67 -34.29 -36.11
CA SER D 186 -27.63 -34.52 -37.11
C SER D 186 -26.69 -35.65 -36.71
N GLY D 187 -26.56 -35.86 -35.40
CA GLY D 187 -25.76 -36.96 -34.85
C GLY D 187 -24.28 -36.74 -35.12
N THR D 188 -23.79 -35.56 -34.74
CA THR D 188 -22.41 -35.16 -34.98
C THR D 188 -21.71 -34.89 -33.65
N TYR D 189 -22.15 -35.59 -32.61
CA TYR D 189 -21.44 -35.58 -31.33
C TYR D 189 -21.87 -36.78 -30.49
N LYS D 190 -20.94 -37.28 -29.69
CA LYS D 190 -21.19 -38.39 -28.76
C LYS D 190 -21.70 -37.79 -27.46
N SER D 191 -20.92 -36.85 -26.92
CA SER D 191 -21.19 -36.22 -25.61
C SER D 191 -20.79 -34.74 -25.60
N ILE D 192 -21.63 -33.91 -24.98
CA ILE D 192 -21.42 -32.47 -24.88
C ILE D 192 -21.52 -32.05 -23.41
N VAL D 193 -20.41 -31.59 -22.85
CA VAL D 193 -20.44 -30.87 -21.56
C VAL D 193 -20.55 -29.37 -21.80
N PHE D 194 -21.50 -28.72 -21.15
CA PHE D 194 -21.76 -27.29 -21.33
C PHE D 194 -21.72 -26.58 -19.99
N TYR D 195 -20.64 -25.82 -19.77
CA TYR D 195 -20.43 -25.07 -18.53
C TYR D 195 -20.90 -23.64 -18.74
N VAL D 196 -21.65 -23.12 -17.77
CA VAL D 196 -22.28 -21.79 -17.90
C VAL D 196 -22.11 -20.95 -16.66
N GLU D 197 -21.50 -19.78 -16.82
CA GLU D 197 -21.40 -18.77 -15.78
C GLU D 197 -22.24 -17.55 -16.14
N SER D 198 -23.48 -17.55 -15.66
CA SER D 198 -24.33 -16.37 -15.78
C SER D 198 -25.43 -16.36 -14.74
N CYS D 199 -26.02 -15.17 -14.58
CA CYS D 199 -27.09 -14.98 -13.61
C CYS D 199 -28.33 -15.74 -14.16
N GLU D 200 -28.98 -16.50 -13.28
CA GLU D 200 -30.15 -17.32 -13.64
C GLU D 200 -29.81 -18.33 -14.76
N SER D 201 -28.62 -18.92 -14.71
CA SER D 201 -28.15 -19.79 -15.80
C SER D 201 -28.94 -21.10 -15.94
N GLY D 202 -29.51 -21.59 -14.84
CA GLY D 202 -30.42 -22.74 -14.90
C GLY D 202 -31.63 -22.54 -15.81
N SER D 203 -32.15 -21.32 -15.80
CA SER D 203 -33.30 -20.90 -16.60
C SER D 203 -33.11 -21.04 -18.12
N MET D 204 -31.87 -21.27 -18.55
CA MET D 204 -31.54 -21.52 -19.95
C MET D 204 -31.88 -22.94 -20.42
N PHE D 205 -31.81 -23.91 -19.52
CA PHE D 205 -32.09 -25.33 -19.83
C PHE D 205 -33.31 -25.94 -19.15
N ASP D 206 -33.66 -25.42 -17.96
CA ASP D 206 -34.79 -25.91 -17.18
C ASP D 206 -36.09 -25.91 -17.99
N GLY D 207 -36.66 -27.09 -18.20
CA GLY D 207 -37.88 -27.27 -19.00
C GLY D 207 -37.73 -27.14 -20.50
N LEU D 208 -36.48 -27.23 -20.99
CA LEU D 208 -36.16 -27.04 -22.41
C LEU D 208 -35.17 -28.06 -22.95
N LEU D 209 -34.07 -28.23 -22.23
CA LEU D 209 -33.07 -29.22 -22.60
C LEU D 209 -33.54 -30.65 -22.30
N PRO D 210 -33.64 -31.49 -23.32
CA PRO D 210 -33.98 -32.88 -23.07
C PRO D 210 -32.89 -33.58 -22.30
N GLU D 211 -33.29 -34.49 -21.41
CA GLU D 211 -32.33 -35.26 -20.61
C GLU D 211 -31.98 -36.59 -21.33
N ASP D 212 -31.97 -36.54 -22.64
CA ASP D 212 -31.73 -37.77 -23.40
C ASP D 212 -31.05 -37.44 -24.72
N HIS D 213 -30.21 -36.42 -24.68
CA HIS D 213 -29.50 -35.99 -25.88
C HIS D 213 -28.00 -35.94 -25.65
N ASN D 214 -27.54 -36.60 -24.59
CA ASN D 214 -26.13 -36.65 -24.25
C ASN D 214 -25.56 -35.23 -24.11
N ILE D 215 -26.29 -34.38 -23.39
CA ILE D 215 -25.81 -33.03 -23.10
C ILE D 215 -25.93 -32.81 -21.59
N TYR D 216 -24.78 -32.66 -20.94
CA TYR D 216 -24.68 -32.44 -19.49
C TYR D 216 -24.33 -30.98 -19.25
N VAL D 217 -25.17 -30.26 -18.52
CA VAL D 217 -24.91 -28.85 -18.20
C VAL D 217 -24.45 -28.71 -16.77
N MET D 218 -23.56 -27.75 -16.52
CA MET D 218 -23.18 -27.36 -15.17
C MET D 218 -23.23 -25.85 -14.98
N GLY D 219 -24.37 -25.37 -14.49
CA GLY D 219 -24.59 -23.94 -14.27
C GLY D 219 -24.09 -23.45 -12.92
N ALA D 220 -23.73 -22.16 -12.89
CA ALA D 220 -23.33 -21.45 -11.67
C ALA D 220 -24.50 -21.06 -10.78
N SER D 221 -25.71 -20.94 -11.36
CA SER D 221 -26.91 -20.53 -10.62
C SER D 221 -28.16 -21.18 -11.20
N ASP D 222 -29.19 -21.34 -10.37
CA ASP D 222 -30.45 -21.93 -10.79
C ASP D 222 -31.36 -20.82 -11.37
N THR D 223 -32.59 -21.20 -11.76
CA THR D 223 -33.60 -20.27 -12.28
C THR D 223 -34.12 -19.36 -11.17
N GLY D 224 -33.46 -18.23 -10.97
CA GLY D 224 -33.84 -17.23 -9.97
C GLY D 224 -32.75 -16.71 -9.04
N GLU D 225 -31.51 -17.17 -9.22
CA GLU D 225 -30.39 -16.83 -8.35
C GLU D 225 -29.30 -16.15 -9.18
N SER D 226 -28.43 -15.39 -8.51
CA SER D 226 -27.33 -14.66 -9.14
C SER D 226 -26.03 -15.43 -9.09
N SER D 227 -25.14 -15.20 -10.07
CA SER D 227 -23.77 -15.72 -10.00
C SER D 227 -22.88 -14.70 -9.28
N TRP D 228 -21.71 -15.17 -8.83
CA TRP D 228 -20.83 -14.38 -7.96
C TRP D 228 -19.45 -14.21 -8.55
N VAL D 229 -18.77 -13.18 -8.06
CA VAL D 229 -17.48 -12.78 -8.58
C VAL D 229 -16.52 -12.70 -7.41
N THR D 230 -15.30 -13.22 -7.63
CA THR D 230 -14.25 -13.21 -6.63
C THR D 230 -13.08 -12.36 -7.11
N TYR D 231 -12.08 -12.18 -6.26
CA TYR D 231 -10.83 -11.50 -6.62
C TYR D 231 -11.08 -10.07 -7.08
N CYS D 232 -11.82 -9.34 -6.26
CA CYS D 232 -12.17 -7.93 -6.48
C CYS D 232 -11.22 -7.03 -5.69
N PRO D 233 -11.21 -5.71 -5.95
CA PRO D 233 -10.35 -4.76 -5.27
C PRO D 233 -10.24 -4.90 -3.77
N LEU D 234 -11.37 -5.09 -3.08
CA LEU D 234 -11.41 -5.13 -1.61
C LEU D 234 -11.95 -6.49 -1.11
N GLN D 235 -11.08 -7.47 -0.98
CA GLN D 235 -11.50 -8.86 -0.65
C GLN D 235 -10.45 -9.65 0.14
N HIS D 236 -10.85 -10.85 0.61
CA HIS D 236 -9.93 -11.84 1.23
C HIS D 236 -8.74 -12.06 0.28
N PRO D 237 -8.98 -12.53 -0.97
CA PRO D 237 -7.87 -12.67 -1.88
C PRO D 237 -7.83 -11.49 -2.87
N SER D 238 -7.58 -10.28 -2.39
CA SER D 238 -7.60 -9.10 -3.29
C SER D 238 -6.47 -9.17 -4.35
N PRO D 239 -6.74 -8.77 -5.62
CA PRO D 239 -5.73 -8.73 -6.67
C PRO D 239 -4.76 -7.56 -6.51
N PRO D 240 -3.68 -7.54 -7.31
CA PRO D 240 -2.67 -6.49 -7.19
C PRO D 240 -3.28 -5.07 -7.18
N PRO D 241 -2.80 -4.20 -6.28
CA PRO D 241 -3.36 -2.85 -6.10
C PRO D 241 -3.49 -1.98 -7.36
N GLU D 242 -2.65 -2.23 -8.37
CA GLU D 242 -2.80 -1.58 -9.70
C GLU D 242 -4.16 -1.83 -10.35
N TYR D 243 -4.78 -2.95 -9.97
CA TYR D 243 -6.05 -3.34 -10.54
C TYR D 243 -7.25 -2.62 -9.96
N ASP D 244 -8.16 -2.34 -10.87
CA ASP D 244 -9.28 -1.47 -10.69
C ASP D 244 -10.59 -2.25 -10.68
N VAL D 245 -10.48 -3.57 -10.88
CA VAL D 245 -11.57 -4.43 -11.33
C VAL D 245 -11.42 -5.84 -10.79
N CYS D 246 -12.54 -6.52 -10.67
CA CYS D 246 -12.53 -7.92 -10.30
C CYS D 246 -12.00 -8.68 -11.48
N VAL D 247 -11.11 -9.64 -11.20
CA VAL D 247 -10.41 -10.39 -12.25
C VAL D 247 -10.94 -11.80 -12.50
N GLY D 248 -11.85 -12.30 -11.68
CA GLY D 248 -12.40 -13.64 -11.93
C GLY D 248 -13.77 -13.82 -11.32
N ASP D 249 -14.57 -14.71 -11.93
CA ASP D 249 -15.88 -15.05 -11.42
C ASP D 249 -15.77 -16.28 -10.56
N LEU D 250 -16.65 -16.42 -9.56
CA LEU D 250 -16.47 -17.45 -8.51
C LEU D 250 -16.62 -18.88 -9.01
N PHE D 251 -17.77 -19.20 -9.61
CA PHE D 251 -18.02 -20.53 -10.18
C PHE D 251 -16.91 -20.91 -11.17
N SER D 252 -16.66 -20.04 -12.14
CA SER D 252 -15.64 -20.24 -13.19
C SER D 252 -14.29 -20.56 -12.57
N VAL D 253 -13.79 -19.62 -11.77
CA VAL D 253 -12.54 -19.77 -11.03
C VAL D 253 -12.45 -21.10 -10.28
N ALA D 254 -13.53 -21.49 -9.62
CA ALA D 254 -13.58 -22.74 -8.86
C ALA D 254 -13.16 -23.96 -9.70
N TRP D 255 -13.78 -24.13 -10.86
CA TRP D 255 -13.49 -25.29 -11.73
C TRP D 255 -12.21 -25.10 -12.53
N LEU D 256 -11.83 -23.84 -12.80
CA LEU D 256 -10.57 -23.54 -13.52
C LEU D 256 -9.37 -23.85 -12.67
N GLU D 257 -9.49 -23.63 -11.37
CA GLU D 257 -8.41 -23.97 -10.45
C GLU D 257 -8.35 -25.46 -10.17
N ASP D 258 -9.48 -26.14 -10.19
CA ASP D 258 -9.56 -27.58 -10.01
C ASP D 258 -8.94 -28.33 -11.21
N CYS D 259 -9.22 -27.84 -12.42
CA CYS D 259 -8.58 -28.34 -13.65
C CYS D 259 -7.14 -27.81 -13.87
N ASP D 260 -6.59 -27.05 -12.92
CA ASP D 260 -5.25 -26.49 -13.10
C ASP D 260 -4.17 -27.46 -12.57
N VAL D 261 -4.50 -28.18 -11.51
CA VAL D 261 -3.52 -28.89 -10.67
C VAL D 261 -4.04 -30.26 -10.20
N HIS D 262 -4.63 -31.00 -11.12
CA HIS D 262 -5.13 -32.34 -10.82
C HIS D 262 -5.14 -33.23 -12.05
N ASN D 263 -4.70 -34.47 -11.87
CA ASN D 263 -4.82 -35.44 -12.94
C ASN D 263 -6.28 -35.53 -13.34
N LEU D 264 -6.60 -35.32 -14.62
CA LEU D 264 -8.02 -35.35 -14.99
C LEU D 264 -8.46 -36.78 -15.32
N GLN D 265 -7.50 -37.69 -15.53
CA GLN D 265 -7.78 -39.13 -15.58
C GLN D 265 -8.23 -39.73 -14.23
N THR D 266 -7.99 -39.01 -13.13
CA THR D 266 -8.39 -39.48 -11.80
C THR D 266 -9.56 -38.69 -11.19
N GLU D 267 -10.14 -37.78 -11.98
CA GLU D 267 -11.24 -36.95 -11.50
C GLU D 267 -12.42 -36.98 -12.48
N THR D 268 -13.61 -37.25 -11.94
CA THR D 268 -14.86 -37.23 -12.72
C THR D 268 -15.59 -35.86 -12.65
N PHE D 269 -16.58 -35.67 -13.53
CA PHE D 269 -17.39 -34.42 -13.57
C PHE D 269 -18.29 -34.23 -12.35
N GLN D 270 -18.75 -35.34 -11.77
CA GLN D 270 -19.57 -35.33 -10.55
C GLN D 270 -18.72 -34.87 -9.36
N GLN D 271 -17.48 -35.33 -9.32
CA GLN D 271 -16.52 -34.92 -8.30
C GLN D 271 -16.25 -33.42 -8.44
N GLN D 272 -15.95 -32.97 -9.65
CA GLN D 272 -15.73 -31.54 -9.89
C GLN D 272 -16.94 -30.69 -9.45
N TYR D 273 -18.14 -31.18 -9.74
CA TYR D 273 -19.36 -30.54 -9.27
C TYR D 273 -19.42 -30.38 -7.76
N GLU D 274 -19.02 -31.41 -7.02
CA GLU D 274 -18.95 -31.39 -5.54
C GLU D 274 -17.89 -30.41 -5.05
N VAL D 275 -16.77 -30.39 -5.77
CA VAL D 275 -15.64 -29.47 -5.53
C VAL D 275 -16.08 -28.01 -5.71
N VAL D 276 -16.80 -27.71 -6.80
CA VAL D 276 -17.31 -26.36 -7.08
C VAL D 276 -18.42 -25.97 -6.10
N LYS D 277 -19.20 -26.96 -5.68
CA LYS D 277 -20.26 -26.76 -4.71
C LYS D 277 -19.73 -26.29 -3.36
N ASN D 278 -18.64 -26.91 -2.90
CA ASN D 278 -17.94 -26.46 -1.68
C ASN D 278 -17.25 -25.09 -1.79
N LYS D 279 -16.85 -24.68 -2.99
CA LYS D 279 -16.20 -23.38 -3.16
C LYS D 279 -17.20 -22.26 -3.18
N HIS D 290 -26.94 -21.88 -6.04
CA HIS D 290 -26.81 -23.34 -6.07
C HIS D 290 -26.19 -23.80 -7.38
N VAL D 291 -25.10 -24.54 -7.30
CA VAL D 291 -24.47 -25.13 -8.48
C VAL D 291 -25.46 -26.18 -9.01
N VAL D 292 -25.95 -25.96 -10.23
CA VAL D 292 -26.95 -26.84 -10.84
C VAL D 292 -26.31 -27.74 -11.88
N GLN D 293 -27.01 -28.83 -12.21
CA GLN D 293 -26.70 -29.64 -13.40
C GLN D 293 -27.99 -30.05 -14.14
N TYR D 294 -27.96 -29.95 -15.46
CA TYR D 294 -29.14 -30.27 -16.31
C TYR D 294 -28.77 -31.15 -17.49
N GLY D 295 -29.80 -31.82 -18.03
CA GLY D 295 -29.65 -32.68 -19.21
C GLY D 295 -29.25 -34.09 -18.84
N ASP D 296 -28.46 -34.74 -19.70
CA ASP D 296 -28.05 -36.13 -19.47
C ASP D 296 -26.94 -36.06 -18.36
N VAL D 297 -27.37 -36.22 -17.10
CA VAL D 297 -26.47 -36.22 -15.94
C VAL D 297 -25.68 -37.57 -15.86
N GLY D 298 -26.14 -38.59 -16.59
CA GLY D 298 -25.35 -39.82 -16.81
C GLY D 298 -23.90 -39.59 -17.22
N LEU D 299 -23.65 -38.58 -18.05
CA LEU D 299 -22.29 -38.22 -18.49
C LEU D 299 -21.39 -37.73 -17.34
N SER D 300 -21.99 -37.25 -16.25
CA SER D 300 -21.24 -36.84 -15.04
C SER D 300 -20.41 -37.96 -14.36
N LYS D 301 -20.51 -39.20 -14.85
CA LYS D 301 -19.62 -40.29 -14.41
C LYS D 301 -18.34 -40.43 -15.26
N GLN D 302 -18.21 -39.62 -16.32
CA GLN D 302 -17.00 -39.58 -17.14
C GLN D 302 -15.89 -38.76 -16.48
N THR D 303 -14.65 -39.08 -16.84
CA THR D 303 -13.50 -38.31 -16.42
C THR D 303 -13.44 -37.01 -17.21
N LEU D 304 -12.68 -36.06 -16.65
CA LEU D 304 -12.49 -34.77 -17.29
C LEU D 304 -11.38 -34.81 -18.36
N PHE D 305 -10.71 -35.95 -18.51
CA PHE D 305 -9.68 -36.13 -19.54
C PHE D 305 -10.31 -36.42 -20.91
N VAL D 306 -11.57 -36.88 -20.95
CA VAL D 306 -12.34 -37.14 -22.17
C VAL D 306 -12.73 -35.83 -22.88
N TYR D 307 -12.51 -34.72 -22.19
CA TYR D 307 -12.81 -33.40 -22.74
C TYR D 307 -11.63 -32.45 -22.57
N MET D 308 -11.08 -32.41 -21.36
CA MET D 308 -9.94 -31.54 -21.07
C MET D 308 -8.68 -32.36 -20.78
N GLY D 309 -7.71 -31.75 -20.13
CA GLY D 309 -6.51 -32.46 -19.76
C GLY D 309 -6.49 -33.05 -18.39
N VAL D 332 -19.22 -11.44 -4.22
CA VAL D 332 -20.15 -10.37 -4.58
C VAL D 332 -20.98 -10.74 -5.83
N SER D 333 -22.16 -10.15 -5.97
CA SER D 333 -23.03 -10.34 -7.14
C SER D 333 -22.40 -9.72 -8.39
N GLN D 334 -22.76 -10.26 -9.56
CA GLN D 334 -22.24 -9.77 -10.85
C GLN D 334 -22.67 -8.35 -11.20
N ARG D 335 -23.89 -7.97 -10.86
CA ARG D 335 -24.39 -6.61 -11.11
C ARG D 335 -23.82 -5.63 -10.10
N ASP D 336 -23.44 -6.16 -8.95
CA ASP D 336 -22.90 -5.42 -7.86
C ASP D 336 -21.38 -5.20 -8.00
N ALA D 337 -20.72 -6.12 -8.68
CA ALA D 337 -19.28 -6.05 -9.00
C ALA D 337 -18.92 -4.99 -10.03
N ASP D 338 -19.86 -4.64 -10.89
CA ASP D 338 -19.66 -3.54 -11.84
C ASP D 338 -19.60 -2.21 -11.12
N LEU D 339 -20.39 -2.05 -10.04
CA LEU D 339 -20.35 -0.84 -9.23
C LEU D 339 -19.01 -0.67 -8.48
N ILE D 340 -18.44 -1.76 -7.98
CA ILE D 340 -17.10 -1.69 -7.37
C ILE D 340 -16.14 -0.93 -8.32
N HIS D 341 -16.12 -1.33 -9.59
CA HIS D 341 -15.18 -0.75 -10.56
C HIS D 341 -15.42 0.74 -10.78
N TYR D 342 -16.66 1.15 -10.91
CA TYR D 342 -16.97 2.56 -11.17
C TYR D 342 -16.64 3.44 -9.98
N TRP D 343 -17.10 3.02 -8.82
CA TRP D 343 -16.78 3.68 -7.57
C TRP D 343 -15.26 3.80 -7.37
N GLU D 344 -14.52 2.68 -7.50
CA GLU D 344 -13.04 2.68 -7.42
C GLU D 344 -12.40 3.61 -8.44
N LYS D 345 -12.79 3.49 -9.70
CA LYS D 345 -12.33 4.39 -10.76
C LYS D 345 -12.54 5.85 -10.36
N TYR D 346 -13.65 6.14 -9.70
CA TYR D 346 -13.95 7.48 -9.19
C TYR D 346 -13.19 7.86 -7.91
N ARG D 347 -13.17 6.96 -6.93
CA ARG D 347 -12.53 7.21 -5.64
C ARG D 347 -11.00 7.28 -5.66
N ARG D 348 -10.38 6.68 -6.66
CA ARG D 348 -8.91 6.67 -6.77
C ARG D 348 -8.38 7.62 -7.84
N ALA D 349 -9.26 8.42 -8.45
CA ALA D 349 -8.88 9.41 -9.44
C ALA D 349 -8.44 10.68 -8.70
N PRO D 350 -7.36 11.33 -9.17
CA PRO D 350 -6.91 12.60 -8.62
C PRO D 350 -8.01 13.66 -8.59
N GLU D 351 -8.22 14.28 -7.43
CA GLU D 351 -9.27 15.27 -7.29
C GLU D 351 -8.99 16.44 -8.22
N GLY D 352 -10.04 16.90 -8.89
CA GLY D 352 -9.94 17.98 -9.88
C GLY D 352 -9.26 17.59 -11.18
N SER D 353 -9.30 16.30 -11.52
CA SER D 353 -8.68 15.82 -12.75
C SER D 353 -9.72 15.38 -13.77
N SER D 354 -9.29 15.22 -15.02
CA SER D 354 -10.17 14.78 -16.09
C SER D 354 -10.79 13.42 -15.78
N ARG D 355 -9.98 12.51 -15.28
CA ARG D 355 -10.44 11.18 -14.91
C ARG D 355 -11.57 11.26 -13.88
N LYS D 356 -11.37 12.09 -12.86
CA LYS D 356 -12.37 12.26 -11.82
C LYS D 356 -13.70 12.73 -12.40
N ALA D 357 -13.63 13.65 -13.34
CA ALA D 357 -14.84 14.18 -14.00
C ALA D 357 -15.55 13.12 -14.85
N GLU D 358 -14.78 12.41 -15.68
CA GLU D 358 -15.37 11.35 -16.51
C GLU D 358 -15.82 10.13 -15.69
N ALA D 359 -15.03 9.74 -14.70
CA ALA D 359 -15.37 8.62 -13.82
C ALA D 359 -16.65 8.89 -13.03
N LYS D 360 -16.79 10.13 -12.55
CA LYS D 360 -17.99 10.63 -11.86
C LYS D 360 -19.23 10.65 -12.77
N LYS D 361 -19.06 11.13 -13.99
CA LYS D 361 -20.13 11.14 -14.97
C LYS D 361 -20.58 9.71 -15.25
N GLN D 362 -19.62 8.84 -15.59
CA GLN D 362 -19.90 7.42 -15.86
C GLN D 362 -20.71 6.80 -14.73
N LEU D 363 -20.26 7.04 -13.50
CA LEU D 363 -20.95 6.56 -12.29
C LEU D 363 -22.37 7.11 -12.17
N ARG D 364 -22.54 8.42 -12.33
CA ARG D 364 -23.88 9.00 -12.33
C ARG D 364 -24.77 8.42 -13.42
N GLU D 365 -24.21 8.21 -14.61
CA GLU D 365 -24.95 7.60 -15.74
C GLU D 365 -25.40 6.17 -15.49
N VAL D 366 -24.57 5.39 -14.80
CA VAL D 366 -24.88 4.01 -14.43
C VAL D 366 -26.02 4.01 -13.41
N MET D 367 -25.82 4.67 -12.27
CA MET D 367 -26.80 4.72 -11.16
C MET D 367 -28.16 5.20 -11.67
N ALA D 368 -28.12 6.23 -12.50
CA ALA D 368 -29.32 6.83 -13.11
C ALA D 368 -30.10 5.85 -13.95
N HIS D 369 -29.37 5.05 -14.71
CA HIS D 369 -29.96 4.05 -15.57
C HIS D 369 -30.60 2.92 -14.79
N ARG D 370 -29.93 2.49 -13.73
CA ARG D 370 -30.40 1.38 -12.92
C ARG D 370 -31.65 1.75 -12.15
N MET D 371 -31.68 2.95 -11.61
CA MET D 371 -32.89 3.50 -10.98
C MET D 371 -34.03 3.65 -11.98
N HIS D 372 -33.72 4.09 -13.20
CA HIS D 372 -34.73 4.33 -14.23
C HIS D 372 -35.43 3.02 -14.53
N ILE D 373 -34.63 2.02 -14.87
CA ILE D 373 -35.12 0.72 -15.28
C ILE D 373 -35.97 0.09 -14.19
N ASP D 374 -35.46 0.10 -12.96
CA ASP D 374 -36.16 -0.52 -11.83
C ASP D 374 -37.52 0.15 -11.62
N ASN D 375 -37.54 1.49 -11.54
CA ASN D 375 -38.80 2.25 -11.41
C ASN D 375 -39.80 1.91 -12.51
N SER D 376 -39.33 1.96 -13.75
CA SER D 376 -40.19 1.71 -14.92
C SER D 376 -40.88 0.36 -14.85
N VAL D 377 -40.06 -0.67 -14.64
CA VAL D 377 -40.54 -2.05 -14.57
C VAL D 377 -41.52 -2.20 -13.40
N LYS D 378 -41.17 -1.66 -12.24
CA LYS D 378 -42.05 -1.67 -11.06
C LYS D 378 -43.38 -0.98 -11.36
N HIS D 379 -43.31 0.16 -12.04
CA HIS D 379 -44.48 0.95 -12.38
C HIS D 379 -45.38 0.18 -13.34
N ILE D 380 -44.78 -0.43 -14.37
CA ILE D 380 -45.51 -1.24 -15.37
C ILE D 380 -46.26 -2.39 -14.70
N GLY D 381 -45.64 -2.94 -13.66
CA GLY D 381 -46.27 -3.94 -12.81
C GLY D 381 -47.49 -3.46 -12.04
N LYS D 382 -47.44 -2.23 -11.54
CA LYS D 382 -48.59 -1.65 -10.83
C LYS D 382 -49.73 -1.28 -11.78
N LEU D 383 -49.35 -0.94 -13.01
CA LEU D 383 -50.29 -0.59 -14.05
C LEU D 383 -50.93 -1.84 -14.64
N LEU D 384 -50.20 -2.94 -14.78
CA LEU D 384 -50.78 -4.17 -15.33
C LEU D 384 -51.62 -4.99 -14.36
N PHE D 385 -51.27 -4.98 -13.08
CA PHE D 385 -51.91 -5.89 -12.08
C PHE D 385 -52.42 -5.23 -10.79
N GLY D 386 -51.77 -4.17 -10.36
CA GLY D 386 -52.18 -3.39 -9.19
C GLY D 386 -50.93 -2.91 -8.50
N ILE D 387 -51.09 -2.14 -7.43
CA ILE D 387 -49.93 -1.70 -6.64
C ILE D 387 -49.44 -2.76 -5.64
N GLU D 388 -50.36 -3.47 -5.02
CA GLU D 388 -50.01 -4.41 -3.95
C GLU D 388 -49.98 -5.86 -4.38
N LYS D 389 -50.53 -6.16 -5.56
CA LYS D 389 -50.49 -7.52 -6.10
C LYS D 389 -49.69 -7.59 -7.40
N GLY D 390 -49.10 -6.47 -7.81
CA GLY D 390 -48.28 -6.41 -9.02
C GLY D 390 -46.82 -6.70 -8.77
N HIS D 391 -46.37 -6.57 -7.53
CA HIS D 391 -44.99 -6.88 -7.15
C HIS D 391 -44.72 -8.38 -7.15
N LYS D 392 -45.74 -9.18 -6.89
CA LYS D 392 -45.59 -10.62 -6.80
C LYS D 392 -45.57 -11.25 -8.17
N MET D 393 -46.27 -10.65 -9.13
CA MET D 393 -46.32 -11.14 -10.50
C MET D 393 -44.99 -10.99 -11.20
N LEU D 394 -44.27 -9.92 -10.87
CA LEU D 394 -42.98 -9.61 -11.48
C LEU D 394 -41.89 -10.46 -10.86
N ASN D 395 -41.79 -10.43 -9.53
CA ASN D 395 -40.82 -11.24 -8.78
C ASN D 395 -41.38 -12.60 -8.38
N ASN D 396 -41.67 -13.43 -9.37
CA ASN D 396 -42.16 -14.79 -9.15
C ASN D 396 -41.13 -15.80 -9.62
N VAL D 397 -41.08 -16.93 -8.94
CA VAL D 397 -40.24 -18.03 -9.36
C VAL D 397 -41.17 -19.19 -9.69
N ARG D 398 -41.07 -19.63 -10.93
CA ARG D 398 -41.90 -20.69 -11.45
C ARG D 398 -41.45 -22.04 -10.89
N PRO D 399 -42.38 -22.95 -10.54
CA PRO D 399 -42.02 -24.28 -10.01
C PRO D 399 -40.95 -25.00 -10.85
N ALA D 400 -39.93 -25.54 -10.16
CA ALA D 400 -38.81 -26.22 -10.83
C ALA D 400 -39.29 -27.37 -11.70
N GLY D 401 -38.85 -27.38 -12.96
CA GLY D 401 -39.34 -28.34 -13.96
C GLY D 401 -40.11 -27.70 -15.10
N LEU D 402 -40.54 -26.46 -14.90
CA LEU D 402 -41.24 -25.67 -15.93
C LEU D 402 -40.22 -24.75 -16.61
N PRO D 403 -40.47 -24.41 -17.89
CA PRO D 403 -39.68 -23.37 -18.53
C PRO D 403 -40.00 -21.99 -17.98
N VAL D 404 -39.10 -21.06 -18.23
CA VAL D 404 -39.24 -19.68 -17.77
C VAL D 404 -40.49 -19.09 -18.41
N VAL D 405 -40.64 -19.31 -19.72
CA VAL D 405 -41.78 -18.84 -20.52
C VAL D 405 -42.30 -19.94 -21.43
N ASP D 406 -43.60 -19.91 -21.67
CA ASP D 406 -44.25 -20.82 -22.60
C ASP D 406 -44.22 -20.22 -24.01
N ASP D 407 -44.68 -18.98 -24.13
CA ASP D 407 -44.68 -18.26 -25.42
C ASP D 407 -43.45 -17.34 -25.57
N TRP D 408 -42.42 -17.88 -26.22
CA TRP D 408 -41.19 -17.13 -26.47
C TRP D 408 -41.36 -15.99 -27.49
N ASP D 409 -42.27 -16.14 -28.46
CA ASP D 409 -42.54 -15.08 -29.45
C ASP D 409 -43.07 -13.82 -28.73
N CYS D 410 -43.98 -14.05 -27.77
CA CYS D 410 -44.48 -13.02 -26.87
C CYS D 410 -43.34 -12.42 -26.04
N PHE D 411 -42.54 -13.30 -25.45
CA PHE D 411 -41.38 -12.91 -24.61
C PHE D 411 -40.56 -11.82 -25.26
N LYS D 412 -40.10 -12.08 -26.48
CA LYS D 412 -39.32 -11.08 -27.23
C LYS D 412 -40.07 -9.79 -27.55
N THR D 413 -41.33 -9.90 -27.98
CA THR D 413 -42.10 -8.70 -28.34
C THR D 413 -42.37 -7.81 -27.13
N LEU D 414 -42.52 -8.40 -25.94
CA LEU D 414 -42.73 -7.63 -24.70
C LEU D 414 -41.49 -6.84 -24.31
N ILE D 415 -40.33 -7.49 -24.40
CA ILE D 415 -39.03 -6.85 -24.11
C ILE D 415 -38.82 -5.70 -25.08
N ARG D 416 -39.03 -5.96 -26.37
CA ARG D 416 -38.93 -4.92 -27.38
C ARG D 416 -39.89 -3.74 -27.18
N THR D 417 -41.17 -4.00 -26.94
CA THR D 417 -42.10 -2.89 -26.70
C THR D 417 -41.73 -2.08 -25.44
N PHE D 418 -41.25 -2.77 -24.40
CA PHE D 418 -40.70 -2.09 -23.22
C PHE D 418 -39.62 -1.12 -23.63
N GLU D 419 -38.67 -1.61 -24.41
CA GLU D 419 -37.53 -0.83 -24.86
C GLU D 419 -37.90 0.29 -25.85
N THR D 420 -38.95 0.11 -26.64
CA THR D 420 -39.39 1.19 -27.57
C THR D 420 -39.93 2.41 -26.83
N HIS D 421 -40.31 2.26 -25.57
CA HIS D 421 -40.83 3.37 -24.76
C HIS D 421 -39.88 3.77 -23.66
N CYS D 422 -39.14 2.82 -23.13
CA CYS D 422 -38.23 3.05 -22.02
C CYS D 422 -36.81 3.11 -22.46
N GLY D 423 -36.33 2.16 -23.17
CA GLY D 423 -35.01 2.23 -23.75
C GLY D 423 -34.42 0.84 -23.84
N SER D 424 -33.14 0.77 -23.54
CA SER D 424 -32.48 -0.49 -23.59
C SER D 424 -32.35 -0.96 -22.16
N LEU D 425 -32.24 -2.27 -22.01
CA LEU D 425 -32.05 -2.92 -20.73
C LEU D 425 -30.56 -3.09 -20.42
N SER D 426 -29.73 -2.92 -21.43
CA SER D 426 -28.29 -3.17 -21.35
C SER D 426 -27.96 -4.54 -20.74
N GLU D 427 -27.04 -4.59 -19.79
CA GLU D 427 -26.69 -5.81 -19.10
C GLU D 427 -27.23 -5.79 -17.67
N TYR D 428 -27.73 -4.64 -17.21
CA TYR D 428 -28.28 -4.49 -15.86
C TYR D 428 -29.75 -4.81 -15.89
N GLY D 429 -30.40 -4.63 -17.05
CA GLY D 429 -31.83 -4.83 -17.16
C GLY D 429 -32.20 -6.26 -17.46
N MET D 430 -31.20 -7.15 -17.52
CA MET D 430 -31.45 -8.59 -17.57
C MET D 430 -32.02 -9.15 -16.24
N LYS D 431 -31.79 -8.44 -15.14
CA LYS D 431 -32.42 -8.75 -13.86
C LYS D 431 -33.96 -8.85 -13.95
N HIS D 432 -34.54 -8.06 -14.84
CA HIS D 432 -35.98 -8.00 -15.01
C HIS D 432 -36.51 -8.81 -16.20
N MET D 433 -35.74 -9.77 -16.72
CA MET D 433 -36.20 -10.56 -17.86
C MET D 433 -37.28 -11.50 -17.41
N ARG D 434 -37.09 -12.03 -16.20
CA ARG D 434 -38.08 -12.88 -15.58
C ARG D 434 -39.40 -12.17 -15.37
N SER D 435 -39.34 -10.91 -14.93
CA SER D 435 -40.56 -10.07 -14.86
C SER D 435 -41.36 -10.18 -16.19
N PHE D 436 -40.66 -9.92 -17.30
CA PHE D 436 -41.29 -9.96 -18.63
C PHE D 436 -41.75 -11.36 -18.95
N ALA D 437 -40.97 -12.33 -18.52
CA ALA D 437 -41.34 -13.74 -18.64
C ALA D 437 -42.68 -14.07 -17.95
N ASN D 438 -42.82 -13.59 -16.72
CA ASN D 438 -44.04 -13.78 -15.96
C ASN D 438 -45.24 -13.08 -16.58
N LEU D 439 -45.02 -11.94 -17.24
CA LEU D 439 -46.07 -11.22 -17.97
C LEU D 439 -46.59 -12.03 -19.15
N CYS D 440 -45.69 -12.57 -19.98
CA CYS D 440 -46.11 -13.47 -21.05
C CYS D 440 -46.92 -14.68 -20.55
N ASN D 441 -46.64 -15.13 -19.35
CA ASN D 441 -47.35 -16.27 -18.76
C ASN D 441 -48.66 -15.87 -18.11
N ALA D 442 -48.75 -14.64 -17.61
CA ALA D 442 -50.03 -14.06 -17.16
C ALA D 442 -51.01 -13.77 -18.31
N GLY D 443 -50.53 -13.82 -19.56
CA GLY D 443 -51.36 -13.57 -20.72
C GLY D 443 -51.41 -12.10 -21.09
N ILE D 444 -50.26 -11.44 -21.11
CA ILE D 444 -50.17 -10.02 -21.44
C ILE D 444 -49.73 -9.91 -22.88
N ARG D 445 -50.51 -9.22 -23.70
CA ARG D 445 -50.19 -9.04 -25.11
C ARG D 445 -49.63 -7.66 -25.44
N LYS D 446 -48.78 -7.60 -26.46
CA LYS D 446 -48.19 -6.32 -26.93
C LYS D 446 -49.03 -5.07 -26.72
N GLU D 447 -50.29 -5.12 -27.15
CA GLU D 447 -51.20 -3.95 -27.09
C GLU D 447 -51.34 -3.45 -25.65
N GLN D 448 -51.36 -4.41 -24.74
CA GLN D 448 -51.55 -4.16 -23.33
C GLN D 448 -50.29 -3.61 -22.65
N MET D 449 -49.14 -4.21 -22.97
CA MET D 449 -47.83 -3.73 -22.50
C MET D 449 -47.53 -2.33 -23.05
N ALA D 450 -47.75 -2.13 -24.33
CA ALA D 450 -47.49 -0.84 -24.99
C ALA D 450 -48.17 0.36 -24.32
N GLU D 451 -49.40 0.18 -23.83
CA GLU D 451 -50.13 1.22 -23.08
C GLU D 451 -49.53 1.47 -21.68
N ALA D 452 -49.10 0.39 -21.04
CA ALA D 452 -48.53 0.44 -19.70
C ALA D 452 -47.11 0.97 -19.73
N SER D 453 -46.33 0.53 -20.71
CA SER D 453 -44.96 1.00 -20.85
C SER D 453 -44.88 2.47 -21.29
N ALA D 454 -45.92 2.99 -21.94
CA ALA D 454 -45.94 4.39 -22.36
C ALA D 454 -46.44 5.37 -21.29
N GLN D 455 -47.02 4.85 -20.21
CA GLN D 455 -47.68 5.69 -19.18
C GLN D 455 -46.80 6.00 -17.99
N ALA D 456 -45.95 5.04 -17.61
CA ALA D 456 -45.02 5.22 -16.51
C ALA D 456 -43.63 5.65 -17.01
N CYS D 457 -43.27 5.18 -18.20
CA CYS D 457 -41.96 5.40 -18.78
C CYS D 457 -42.09 6.32 -19.98
N VAL D 458 -42.44 7.58 -19.74
CA VAL D 458 -42.57 8.55 -20.85
C VAL D 458 -41.35 9.49 -21.03
N SER D 459 -40.26 9.19 -20.32
CA SER D 459 -39.12 10.02 -20.20
C SER D 459 -37.92 9.10 -19.83
N ILE D 460 -37.14 8.87 -20.90
CA ILE D 460 -35.93 8.08 -20.77
C ILE D 460 -34.71 9.05 -20.80
N PRO D 461 -34.07 9.25 -19.63
CA PRO D 461 -32.92 10.07 -19.50
C PRO D 461 -31.86 9.78 -20.54
N ASP D 462 -31.44 10.81 -21.26
CA ASP D 462 -30.41 10.68 -22.27
C ASP D 462 -29.12 10.08 -21.69
N ASN D 463 -29.14 8.77 -21.50
CA ASN D 463 -27.98 8.03 -20.96
C ASN D 463 -27.36 7.26 -22.07
N PRO D 464 -26.06 6.95 -21.94
CA PRO D 464 -25.44 6.11 -22.95
C PRO D 464 -25.97 4.66 -22.95
N TRP D 465 -26.49 4.20 -21.83
CA TRP D 465 -27.02 2.83 -21.73
C TRP D 465 -28.45 2.76 -22.22
N SER D 466 -29.07 3.93 -22.42
CA SER D 466 -30.45 3.99 -22.91
C SER D 466 -30.50 4.19 -24.41
N SER D 467 -29.35 4.07 -25.07
CA SER D 467 -29.26 4.26 -26.51
C SER D 467 -29.75 3.01 -27.25
N LEU D 468 -30.52 3.22 -28.30
CA LEU D 468 -31.04 2.13 -29.11
C LEU D 468 -30.16 1.84 -30.30
N HIS D 469 -29.01 2.51 -30.37
CA HIS D 469 -28.06 2.29 -31.47
C HIS D 469 -27.67 0.81 -31.43
N ALA D 470 -28.11 0.07 -32.45
CA ALA D 470 -27.91 -1.38 -32.53
C ALA D 470 -28.30 -2.02 -31.20
N GLY D 471 -29.57 -1.86 -30.86
CA GLY D 471 -30.12 -2.21 -29.54
C GLY D 471 -31.17 -3.30 -29.58
N PHE D 472 -32.26 -3.12 -28.85
CA PHE D 472 -33.28 -4.16 -28.74
C PHE D 472 -32.64 -5.46 -28.27
N SER D 473 -32.37 -5.52 -26.98
CA SER D 473 -31.93 -6.76 -26.35
C SER D 473 -32.92 -7.91 -26.58
#